data_6CZF
#
_entry.id   6CZF
#
_cell.length_a   107.293
_cell.length_b   115.339
_cell.length_c   156.066
_cell.angle_alpha   90.000
_cell.angle_beta   90.000
_cell.angle_gamma   90.000
#
_symmetry.space_group_name_H-M   'P 21 21 21'
#
loop_
_entity.id
_entity.type
_entity.pdbx_description
1 polymer Amidophosphoribosyltransferase
2 non-polymer 'MAGNESIUM ION'
3 non-polymer "GUANOSINE-5',3'-TETRAPHOSPHATE"
4 water water
#
_entity_poly.entity_id   1
_entity_poly.type   'polypeptide(L)'
_entity_poly.pdbx_seq_one_letter_code
;CGIVGIAGVMPVNQSIYDALTVLQHRGQDAAGIITIDANNCFRLRKANGLVSDVFEARHMQRLQGNMGIGHVRYPTAGSS
SASEAQPFYVNSPYGITLAHNGNLTNAHELRKKLFEEKRRHINTTSDSEILLNIFASELDNFRHYPLEADNIFAAIAATN
RLIRGAYACVAMIIGHGMVAFRDPNGIRPLVLGKRDIDENRTEYMVASESVALDTLGFDFLRDVAPGEAIYITEEGQLFT
RQCADNPVSNPCLFEYVYFARPDSFIDKISVYSARVNMGTKLGEKIAREWEDLDIDVVIPIPETSCDIALEIARILGKPY
RQGFVKNRYVGRTFIMPGQQLRRKSVRRKLNANRAEFRDKNVLLVDDSIVRGTTSEQIIEMAREAGAKKVYLASAAPEIR
FPNVYGIDMPSATELIAHGREVDEIRQIIGADGLIFQDLNDLIDAVRAENPDIQQFECSVFNGVYVTKDVDQGYLDFLDT
LRNDDAKAVQRQNEVENL
;
_entity_poly.pdbx_strand_id   A,B,C,D
#
loop_
_chem_comp.id
_chem_comp.type
_chem_comp.name
_chem_comp.formula
G4P RNA linking GUANOSINE-5',3'-TETRAPHOSPHATE 'C10 H17 N5 O17 P4'
MG non-polymer 'MAGNESIUM ION' 'Mg 2'
#
# COMPACT_ATOMS: atom_id res chain seq x y z
N CYS A 1 23.49 -3.63 13.94
CA CYS A 1 22.38 -2.74 14.38
C CYS A 1 22.95 -1.41 14.87
N GLY A 2 22.10 -0.40 14.85
CA GLY A 2 22.44 0.89 15.41
C GLY A 2 21.30 1.37 16.29
N ILE A 3 21.68 2.16 17.29
CA ILE A 3 20.72 2.68 18.26
C ILE A 3 20.94 4.17 18.43
N VAL A 4 19.84 4.88 18.71
CA VAL A 4 19.83 6.30 19.03
C VAL A 4 18.94 6.51 20.23
N GLY A 5 19.34 7.39 21.14
CA GLY A 5 18.37 7.94 22.08
C GLY A 5 18.54 9.43 22.26
N ILE A 6 17.45 10.20 22.20
CA ILE A 6 17.49 11.64 22.39
C ILE A 6 16.58 12.01 23.56
N ALA A 7 17.14 12.72 24.54
CA ALA A 7 16.40 13.24 25.68
C ALA A 7 16.38 14.75 25.52
N GLY A 8 15.30 15.27 24.91
CA GLY A 8 15.26 16.64 24.48
C GLY A 8 14.18 17.48 25.17
N VAL A 9 14.03 18.72 24.71
CA VAL A 9 13.04 19.66 25.24
C VAL A 9 12.09 20.16 24.16
N MET A 10 12.15 19.59 22.97
CA MET A 10 11.19 19.83 21.90
C MET A 10 11.05 18.54 21.12
N PRO A 11 10.15 18.48 20.14
CA PRO A 11 9.84 17.19 19.51
C PRO A 11 11.06 16.51 18.89
N VAL A 12 11.19 15.20 19.17
CA VAL A 12 12.36 14.44 18.76
C VAL A 12 12.11 13.54 17.56
N ASN A 13 10.87 13.41 17.09
CA ASN A 13 10.59 12.42 16.06
C ASN A 13 11.50 12.61 14.84
N GLN A 14 11.53 13.81 14.26
CA GLN A 14 12.33 14.05 13.07
C GLN A 14 13.82 13.87 13.36
N SER A 15 14.28 14.32 14.54
CA SER A 15 15.69 14.17 14.87
C SER A 15 16.08 12.70 14.95
N ILE A 16 15.22 11.88 15.56
CA ILE A 16 15.52 10.46 15.68
C ILE A 16 15.58 9.80 14.30
N TYR A 17 14.62 10.14 13.44
CA TYR A 17 14.61 9.68 12.06
C TYR A 17 15.90 10.09 11.33
N ASP A 18 16.24 11.38 11.40
CA ASP A 18 17.46 11.85 10.75
C ASP A 18 18.67 11.07 11.24
N ALA A 19 18.72 10.80 12.54
CA ALA A 19 19.88 10.08 13.09
C ALA A 19 19.91 8.64 12.62
N LEU A 20 18.75 7.98 12.55
CA LEU A 20 18.74 6.62 12.04
C LEU A 20 19.18 6.58 10.59
N THR A 21 18.83 7.60 9.80
CA THR A 21 19.27 7.61 8.42
C THR A 21 20.80 7.66 8.34
N VAL A 22 21.46 8.40 9.23
CA VAL A 22 22.93 8.39 9.11
C VAL A 22 23.55 7.18 9.78
N LEU A 23 22.78 6.41 10.55
CA LEU A 23 23.22 5.10 11.03
C LEU A 23 22.68 3.95 10.17
N GLN A 24 22.02 4.26 9.06
CA GLN A 24 21.33 3.24 8.25
C GLN A 24 22.28 2.17 7.74
N HIS A 25 23.59 2.46 7.63
CA HIS A 25 24.56 1.46 7.23
C HIS A 25 24.72 0.37 8.29
N ARG A 26 24.28 0.61 9.52
CA ARG A 26 24.43 -0.39 10.57
C ARG A 26 23.32 -1.45 10.55
N GLY A 27 22.33 -1.30 9.69
CA GLY A 27 21.27 -2.29 9.55
C GLY A 27 20.12 -1.77 8.72
N GLN A 28 19.76 -2.46 7.63
CA GLN A 28 18.74 -1.99 6.71
C GLN A 28 17.49 -2.86 6.69
N ASP A 29 17.42 -3.87 7.55
CA ASP A 29 16.31 -4.82 7.49
C ASP A 29 15.03 -4.24 8.06
N ALA A 30 15.14 -3.52 9.18
CA ALA A 30 13.99 -3.01 9.90
C ALA A 30 14.41 -1.74 10.62
N ALA A 31 13.41 -1.02 11.10
CA ALA A 31 13.63 0.22 11.83
C ALA A 31 12.44 0.47 12.75
N GLY A 32 12.75 1.04 13.91
CA GLY A 32 11.73 1.39 14.88
C GLY A 32 12.08 2.68 15.60
N ILE A 33 11.06 3.48 15.88
CA ILE A 33 11.17 4.67 16.72
C ILE A 33 10.06 4.58 17.76
N ILE A 34 10.37 4.92 19.01
CA ILE A 34 9.34 5.01 20.04
C ILE A 34 9.60 6.22 20.92
N THR A 35 8.53 6.99 21.19
CA THR A 35 8.58 8.21 21.96
C THR A 35 7.62 8.13 23.16
N ILE A 36 7.94 8.89 24.20
CA ILE A 36 7.03 9.11 25.32
C ILE A 36 6.35 10.44 25.08
N ASP A 37 5.02 10.41 24.92
CA ASP A 37 4.27 11.60 24.60
C ASP A 37 3.91 12.35 25.89
N ALA A 38 3.09 13.38 25.73
CA ALA A 38 2.67 14.26 26.81
C ALA A 38 1.92 13.53 27.92
N ASN A 39 1.30 12.39 27.65
CA ASN A 39 0.56 11.65 28.67
C ASN A 39 1.35 10.47 29.20
N ASN A 40 2.67 10.50 29.09
CA ASN A 40 3.51 9.41 29.57
C ASN A 40 3.03 8.08 29.01
N CYS A 41 2.69 8.10 27.72
CA CYS A 41 2.36 6.91 26.96
C CYS A 41 3.42 6.67 25.89
N PHE A 42 3.82 5.41 25.74
CA PHE A 42 4.69 5.02 24.65
C PHE A 42 3.96 5.15 23.32
N ARG A 43 4.67 5.67 22.31
CA ARG A 43 4.13 5.85 20.97
C ARG A 43 5.14 5.29 19.99
N LEU A 44 4.69 4.39 19.13
CA LEU A 44 5.59 3.48 18.44
C LEU A 44 5.21 3.32 16.98
N ARG A 45 6.26 3.16 16.17
CA ARG A 45 6.15 2.85 14.75
C ARG A 45 7.39 2.05 14.42
N LYS A 46 7.21 0.77 14.08
CA LYS A 46 8.30 -0.11 13.65
C LYS A 46 7.81 -1.03 12.55
N ALA A 47 8.70 -1.33 11.59
CA ALA A 47 8.34 -2.18 10.46
C ALA A 47 9.62 -2.54 9.71
N ASN A 48 9.47 -3.50 8.78
CA ASN A 48 10.61 -3.91 7.96
C ASN A 48 10.93 -2.87 6.92
N GLY A 49 12.20 -2.81 6.57
CA GLY A 49 12.66 -1.95 5.51
C GLY A 49 13.51 -0.79 6.01
N LEU A 50 13.81 0.10 5.08
CA LEU A 50 14.65 1.26 5.34
C LEU A 50 13.88 2.32 6.10
N VAL A 51 14.62 3.14 6.85
CA VAL A 51 14.02 4.24 7.60
C VAL A 51 13.09 5.05 6.71
N SER A 52 13.54 5.37 5.49
CA SER A 52 12.73 6.22 4.64
C SER A 52 11.46 5.52 4.16
N ASP A 53 11.44 4.20 4.15
CA ASP A 53 10.21 3.46 3.82
C ASP A 53 9.31 3.30 5.04
N VAL A 54 9.93 3.07 6.21
CA VAL A 54 9.17 2.65 7.38
C VAL A 54 8.28 3.78 7.89
N PHE A 55 8.81 4.99 7.98
CA PHE A 55 8.15 6.09 8.65
C PHE A 55 7.50 7.01 7.62
N GLU A 56 6.18 6.94 7.52
CA GLU A 56 5.40 7.81 6.67
C GLU A 56 4.90 9.00 7.45
N ALA A 57 4.29 9.96 6.75
CA ALA A 57 3.75 11.12 7.42
C ALA A 57 2.80 10.72 8.55
N ARG A 58 1.98 9.69 8.32
CA ARG A 58 1.00 9.28 9.32
C ARG A 58 1.67 8.72 10.57
N HIS A 59 2.79 8.02 10.40
CA HIS A 59 3.46 7.46 11.57
C HIS A 59 4.16 8.53 12.39
N MET A 60 4.50 9.66 11.78
CA MET A 60 5.27 10.69 12.47
C MET A 60 4.40 11.68 13.24
N GLN A 61 3.16 11.94 12.79
CA GLN A 61 2.20 12.63 13.64
C GLN A 61 1.96 11.83 14.90
N ARG A 62 2.06 10.51 14.80
CA ARG A 62 1.83 9.64 15.94
C ARG A 62 2.97 9.72 16.96
N LEU A 63 4.20 9.96 16.51
CA LEU A 63 5.35 9.83 17.41
C LEU A 63 5.63 11.18 18.09
N GLN A 64 4.71 11.54 18.98
CA GLN A 64 4.80 12.79 19.72
C GLN A 64 5.69 12.63 20.94
N GLY A 65 6.30 13.73 21.35
CA GLY A 65 7.05 13.78 22.59
C GLY A 65 8.46 14.31 22.40
N ASN A 66 9.11 14.53 23.55
CA ASN A 66 10.42 15.17 23.62
C ASN A 66 11.52 14.20 24.04
N MET A 67 11.23 12.91 24.11
CA MET A 67 12.18 11.87 24.49
C MET A 67 11.86 10.65 23.65
N GLY A 68 12.90 9.95 23.18
CA GLY A 68 12.69 8.83 22.27
C GLY A 68 13.96 8.05 22.01
N ILE A 69 13.77 6.82 21.52
CA ILE A 69 14.88 5.98 21.10
C ILE A 69 14.56 5.37 19.74
N GLY A 70 15.59 4.86 19.09
CA GLY A 70 15.47 4.39 17.73
C GLY A 70 16.43 3.25 17.50
N HIS A 71 16.13 2.47 16.46
CA HIS A 71 16.88 1.27 16.18
C HIS A 71 16.80 0.96 14.71
N VAL A 72 17.90 0.46 14.15
CA VAL A 72 17.91 -0.11 12.82
C VAL A 72 18.58 -1.46 12.94
N ARG A 73 18.03 -2.44 12.23
CA ARG A 73 18.34 -3.83 12.49
C ARG A 73 19.16 -4.38 11.35
N TYR A 74 20.23 -4.94 11.68
CA TYR A 74 20.97 -5.79 10.78
C TYR A 74 20.47 -7.20 10.99
N PRO A 75 20.05 -7.91 9.94
CA PRO A 75 19.38 -9.21 10.14
C PRO A 75 20.35 -10.24 10.69
N THR A 76 20.00 -10.82 11.84
CA THR A 76 20.81 -11.84 12.49
C THR A 76 19.99 -13.08 12.79
N ALA A 77 20.56 -14.02 13.55
CA ALA A 77 19.81 -15.18 14.02
C ALA A 77 18.88 -14.77 15.16
N GLY A 78 17.61 -15.20 15.08
CA GLY A 78 16.62 -14.88 16.09
C GLY A 78 16.05 -13.48 15.98
N SER A 79 16.60 -12.63 15.12
CA SER A 79 16.09 -11.30 14.80
C SER A 79 16.05 -11.17 13.28
N SER A 80 15.28 -12.06 12.64
CA SER A 80 15.26 -12.15 11.19
C SER A 80 14.35 -11.08 10.60
N SER A 81 14.45 -10.93 9.28
CA SER A 81 13.62 -9.98 8.57
C SER A 81 12.15 -10.26 8.80
N ALA A 82 11.80 -11.56 8.85
CA ALA A 82 10.44 -12.00 9.10
C ALA A 82 10.06 -11.94 10.55
N SER A 83 10.92 -11.47 11.45
CA SER A 83 10.55 -11.29 12.84
C SER A 83 10.16 -9.85 13.16
N GLU A 84 9.42 -9.70 14.26
CA GLU A 84 9.17 -8.42 14.89
C GLU A 84 10.47 -7.68 15.17
N ALA A 85 10.48 -6.39 14.84
CA ALA A 85 11.68 -5.57 14.97
C ALA A 85 11.74 -4.89 16.34
N GLN A 86 12.89 -4.29 16.63
CA GLN A 86 13.02 -3.44 17.81
C GLN A 86 12.48 -2.05 17.52
N PRO A 87 12.16 -1.27 18.57
CA PRO A 87 12.30 -1.58 20.00
C PRO A 87 11.15 -2.40 20.54
N PHE A 88 11.41 -3.22 21.57
CA PHE A 88 10.34 -3.83 22.34
C PHE A 88 10.04 -2.97 23.56
N TYR A 89 8.87 -3.19 24.16
CA TYR A 89 8.59 -2.62 25.46
C TYR A 89 7.75 -3.57 26.29
N VAL A 90 7.73 -3.30 27.60
CA VAL A 90 6.84 -3.96 28.55
C VAL A 90 6.15 -2.87 29.35
N ASN A 91 4.99 -3.19 29.88
CA ASN A 91 4.21 -2.20 30.61
C ASN A 91 4.32 -2.38 32.13
N SER A 92 5.25 -3.19 32.60
CA SER A 92 5.44 -3.35 34.03
C SER A 92 6.86 -3.82 34.36
N PRO A 93 7.54 -3.18 35.33
CA PRO A 93 7.04 -2.03 36.08
C PRO A 93 7.13 -0.71 35.30
N TYR A 94 6.14 0.16 35.51
CA TYR A 94 6.12 1.56 35.07
C TYR A 94 5.98 1.75 33.57
N GLY A 95 6.56 0.87 32.76
CA GLY A 95 6.65 1.13 31.34
C GLY A 95 8.10 1.31 30.97
N ILE A 96 8.66 0.35 30.25
CA ILE A 96 10.06 0.34 29.88
C ILE A 96 10.15 -0.09 28.43
N THR A 97 11.02 0.57 27.67
CA THR A 97 11.35 0.18 26.31
C THR A 97 12.86 0.20 26.15
N LEU A 98 13.38 -0.63 25.26
CA LEU A 98 14.82 -0.77 25.13
C LEU A 98 15.22 -1.13 23.70
N ALA A 99 16.39 -0.65 23.29
CA ALA A 99 16.97 -0.94 21.99
C ALA A 99 18.44 -1.29 22.18
N HIS A 100 18.93 -2.23 21.37
CA HIS A 100 20.14 -2.95 21.69
C HIS A 100 20.89 -3.29 20.41
N ASN A 101 22.19 -3.02 20.45
CA ASN A 101 23.15 -3.50 19.46
C ASN A 101 24.10 -4.45 20.18
N GLY A 102 23.97 -5.74 19.90
CA GLY A 102 24.85 -6.72 20.50
C GLY A 102 24.23 -8.10 20.48
N ASN A 103 24.73 -8.96 21.38
CA ASN A 103 24.22 -10.34 21.46
C ASN A 103 24.55 -10.93 22.81
N LEU A 104 23.54 -11.54 23.44
CA LEU A 104 23.72 -12.22 24.73
C LEU A 104 24.06 -13.68 24.49
N THR A 105 25.24 -14.09 24.97
CA THR A 105 25.71 -15.44 24.82
C THR A 105 24.98 -16.44 25.72
N ASN A 106 24.33 -15.96 26.79
CA ASN A 106 23.58 -16.84 27.67
C ASN A 106 22.07 -16.57 27.58
N ALA A 107 21.61 -16.23 26.38
CA ALA A 107 20.19 -15.98 26.16
C ALA A 107 19.32 -17.15 26.59
N HIS A 108 19.77 -18.38 26.30
CA HIS A 108 18.91 -19.53 26.60
C HIS A 108 18.73 -19.70 28.11
N GLU A 109 19.84 -19.67 28.86
CA GLU A 109 19.78 -19.69 30.32
C GLU A 109 18.89 -18.57 30.84
N LEU A 110 19.00 -17.37 30.26
CA LEU A 110 18.26 -16.25 30.84
C LEU A 110 16.75 -16.36 30.59
N ARG A 111 16.35 -16.95 29.46
CA ARG A 111 14.93 -17.22 29.20
C ARG A 111 14.39 -18.24 30.19
N LYS A 112 15.15 -19.31 30.44
CA LYS A 112 14.75 -20.30 31.45
C LYS A 112 14.53 -19.63 32.80
N LYS A 113 15.49 -18.82 33.24
CA LYS A 113 15.42 -18.16 34.53
C LYS A 113 14.22 -17.21 34.60
N LEU A 114 14.01 -16.42 33.54
CA LEU A 114 12.88 -15.50 33.51
C LEU A 114 11.56 -16.24 33.65
N PHE A 115 11.45 -17.42 33.04
CA PHE A 115 10.19 -18.15 33.07
C PHE A 115 9.95 -18.77 34.45
N GLU A 116 10.95 -19.46 35.00
CA GLU A 116 10.74 -20.17 36.26
C GLU A 116 10.59 -19.21 37.43
N GLU A 117 11.50 -18.23 37.56
CA GLU A 117 11.49 -17.40 38.75
C GLU A 117 10.48 -16.25 38.67
N LYS A 118 10.24 -15.70 37.49
CA LYS A 118 9.42 -14.50 37.37
C LYS A 118 8.14 -14.73 36.58
N ARG A 119 7.97 -15.87 35.92
CA ARG A 119 6.81 -16.11 35.06
C ARG A 119 6.72 -15.00 34.01
N ARG A 120 7.87 -14.62 33.46
CA ARG A 120 7.95 -13.68 32.36
C ARG A 120 8.12 -14.45 31.05
N HIS A 121 7.15 -14.30 30.16
CA HIS A 121 7.13 -14.98 28.86
C HIS A 121 7.85 -14.13 27.83
N ILE A 122 8.73 -14.76 27.05
CA ILE A 122 9.47 -14.09 25.99
C ILE A 122 8.85 -14.50 24.66
N ASN A 123 8.22 -13.54 23.97
CA ASN A 123 7.37 -13.91 22.83
C ASN A 123 8.14 -14.07 21.54
N THR A 124 9.36 -13.54 21.44
CA THR A 124 10.15 -13.68 20.23
C THR A 124 11.48 -14.35 20.56
N THR A 125 12.31 -14.55 19.54
CA THR A 125 13.65 -15.08 19.73
C THR A 125 14.72 -13.99 19.77
N SER A 126 14.34 -12.73 19.92
CA SER A 126 15.32 -11.65 19.95
C SER A 126 15.93 -11.55 21.35
N ASP A 127 17.25 -11.69 21.44
CA ASP A 127 17.89 -11.49 22.75
C ASP A 127 17.62 -10.11 23.32
N SER A 128 17.22 -9.13 22.50
CA SER A 128 16.87 -7.81 23.02
C SER A 128 15.62 -7.85 23.90
N GLU A 129 14.66 -8.70 23.57
CA GLU A 129 13.49 -8.84 24.44
C GLU A 129 13.87 -9.47 25.77
N ILE A 130 14.85 -10.38 25.76
CA ILE A 130 15.32 -10.98 27.00
C ILE A 130 16.03 -9.94 27.85
N LEU A 131 16.89 -9.13 27.24
CA LEU A 131 17.60 -8.11 28.00
C LEU A 131 16.62 -7.13 28.62
N LEU A 132 15.63 -6.69 27.84
CA LEU A 132 14.60 -5.80 28.36
C LEU A 132 13.89 -6.41 29.57
N ASN A 133 13.64 -7.72 29.54
CA ASN A 133 12.85 -8.31 30.62
C ASN A 133 13.70 -8.50 31.88
N ILE A 134 14.97 -8.89 31.71
CA ILE A 134 15.88 -8.97 32.85
C ILE A 134 15.93 -7.64 33.57
N PHE A 135 16.17 -6.57 32.82
CA PHE A 135 16.21 -5.23 33.40
C PHE A 135 14.88 -4.86 34.05
N ALA A 136 13.78 -5.08 33.34
CA ALA A 136 12.48 -4.86 33.94
C ALA A 136 12.34 -5.67 35.24
N SER A 137 12.84 -6.90 35.22
CA SER A 137 12.77 -7.74 36.41
C SER A 137 13.52 -7.11 37.58
N GLU A 138 14.72 -6.59 37.34
CA GLU A 138 15.53 -5.99 38.40
C GLU A 138 14.91 -4.70 38.89
N LEU A 139 14.17 -4.00 38.03
CA LEU A 139 13.50 -2.76 38.40
C LEU A 139 12.22 -2.98 39.20
N ASP A 140 11.69 -4.20 39.24
CA ASP A 140 10.42 -4.45 39.90
C ASP A 140 10.59 -4.79 41.38
N ASN A 141 11.82 -5.08 41.80
CA ASN A 141 12.11 -5.29 43.22
C ASN A 141 11.87 -4.03 44.04
N PHE A 142 12.08 -2.86 43.44
CA PHE A 142 11.96 -1.59 44.15
C PHE A 142 10.48 -1.20 44.20
N ARG A 143 9.94 -1.08 45.42
CA ARG A 143 8.50 -0.93 45.63
C ARG A 143 8.05 0.51 45.76
N HIS A 144 8.82 1.34 46.47
CA HIS A 144 8.43 2.74 46.67
C HIS A 144 8.63 3.53 45.38
N TYR A 145 7.82 4.59 45.24
CA TYR A 145 7.76 5.37 44.01
C TYR A 145 7.96 6.85 44.32
N PRO A 146 8.82 7.56 43.56
CA PRO A 146 9.47 7.07 42.33
C PRO A 146 10.75 6.29 42.58
N LEU A 147 11.30 5.70 41.52
CA LEU A 147 12.62 5.11 41.61
C LEU A 147 13.64 6.23 41.75
N GLU A 148 14.72 5.96 42.46
CA GLU A 148 15.81 6.91 42.56
C GLU A 148 16.96 6.41 41.69
N ALA A 149 17.68 7.37 41.10
CA ALA A 149 18.83 7.11 40.25
C ALA A 149 19.58 5.87 40.72
N ASP A 150 19.82 5.80 42.02
CA ASP A 150 20.58 4.68 42.58
C ASP A 150 19.82 3.37 42.44
N ASN A 151 18.49 3.41 42.49
CA ASN A 151 17.69 2.21 42.20
C ASN A 151 17.98 1.70 40.80
N ILE A 152 17.90 2.62 39.82
CA ILE A 152 18.07 2.29 38.42
C ILE A 152 19.47 1.74 38.16
N PHE A 153 20.49 2.47 38.61
CA PHE A 153 21.86 1.95 38.45
C PHE A 153 22.02 0.61 39.16
N ALA A 154 21.38 0.44 40.32
CA ALA A 154 21.38 -0.86 40.97
C ALA A 154 20.77 -1.93 40.07
N ALA A 155 19.67 -1.59 39.39
CA ALA A 155 19.05 -2.54 38.46
C ALA A 155 20.01 -2.88 37.33
N ILE A 156 20.74 -1.89 36.81
CA ILE A 156 21.64 -2.14 35.70
C ILE A 156 22.80 -3.02 36.12
N ALA A 157 23.38 -2.76 37.31
CA ALA A 157 24.46 -3.60 37.81
C ALA A 157 23.99 -5.04 37.98
N ALA A 158 22.80 -5.23 38.56
CA ALA A 158 22.25 -6.58 38.67
C ALA A 158 22.09 -7.22 37.31
N THR A 159 21.67 -6.43 36.31
CA THR A 159 21.54 -6.97 34.96
C THR A 159 22.89 -7.37 34.39
N ASN A 160 23.92 -6.54 34.59
CA ASN A 160 25.24 -6.87 34.05
C ASN A 160 25.80 -8.14 34.67
N ARG A 161 25.43 -8.45 35.93
CA ARG A 161 25.93 -9.67 36.55
C ARG A 161 25.22 -10.91 36.00
N LEU A 162 23.95 -10.76 35.61
CA LEU A 162 23.19 -11.88 35.09
C LEU A 162 23.51 -12.15 33.62
N ILE A 163 23.64 -11.12 32.80
CA ILE A 163 23.77 -11.34 31.36
C ILE A 163 25.24 -11.42 30.98
N ARG A 164 25.51 -12.17 29.92
CA ARG A 164 26.85 -12.31 29.36
C ARG A 164 26.79 -11.99 27.88
N GLY A 165 27.84 -11.36 27.36
CA GLY A 165 27.94 -11.12 25.94
C GLY A 165 28.46 -9.74 25.60
N ALA A 166 27.84 -9.10 24.61
CA ALA A 166 28.22 -7.77 24.16
C ALA A 166 26.95 -6.96 23.95
N TYR A 167 26.95 -5.71 24.44
CA TYR A 167 25.77 -4.89 24.24
C TYR A 167 26.05 -3.41 24.40
N ALA A 168 25.36 -2.63 23.58
CA ALA A 168 25.14 -1.20 23.76
C ALA A 168 23.64 -1.02 23.82
N CYS A 169 23.12 -0.51 24.93
CA CYS A 169 21.69 -0.35 25.08
C CYS A 169 21.33 1.09 25.38
N VAL A 170 20.17 1.47 24.89
CA VAL A 170 19.48 2.68 25.31
C VAL A 170 18.05 2.25 25.64
N ALA A 171 17.50 2.84 26.69
CA ALA A 171 16.18 2.45 27.18
C ALA A 171 15.51 3.69 27.74
N MET A 172 14.19 3.62 27.86
CA MET A 172 13.41 4.65 28.54
C MET A 172 12.52 4.00 29.60
N ILE A 173 12.31 4.74 30.69
CA ILE A 173 11.46 4.33 31.80
C ILE A 173 10.43 5.45 31.99
N ILE A 174 9.15 5.13 31.80
CA ILE A 174 8.13 6.15 31.91
C ILE A 174 8.17 6.77 33.31
N GLY A 175 7.92 8.08 33.37
CA GLY A 175 7.97 8.82 34.61
C GLY A 175 9.36 9.13 35.14
N HIS A 176 10.40 8.58 34.53
CA HIS A 176 11.76 8.72 35.05
C HIS A 176 12.69 9.30 33.99
N GLY A 177 13.02 8.54 32.95
CA GLY A 177 13.84 9.10 31.88
C GLY A 177 14.55 7.99 31.10
N MET A 178 15.75 8.34 30.62
CA MET A 178 16.49 7.54 29.65
C MET A 178 17.77 7.03 30.29
N VAL A 179 18.08 5.77 30.05
CA VAL A 179 19.34 5.19 30.47
C VAL A 179 20.04 4.63 29.24
N ALA A 180 21.34 4.45 29.37
CA ALA A 180 22.18 3.89 28.33
C ALA A 180 23.31 3.19 29.06
N PHE A 181 23.69 2.01 28.60
CA PHE A 181 24.80 1.32 29.23
C PHE A 181 25.53 0.47 28.20
N ARG A 182 26.73 0.03 28.58
CA ARG A 182 27.69 -0.64 27.72
C ARG A 182 28.16 -1.90 28.44
N ASP A 183 28.32 -2.98 27.69
CA ASP A 183 28.83 -4.20 28.32
C ASP A 183 30.17 -3.92 29.00
N PRO A 184 30.54 -4.71 30.01
CA PRO A 184 31.76 -4.44 30.77
C PRO A 184 33.06 -4.57 29.98
N ASN A 185 33.04 -5.17 28.79
CA ASN A 185 34.24 -5.24 27.97
C ASN A 185 34.28 -4.13 26.92
N GLY A 186 33.32 -3.21 26.96
CA GLY A 186 33.21 -2.15 25.97
C GLY A 186 33.32 -2.64 24.54
N ILE A 187 32.56 -3.67 24.16
CA ILE A 187 32.71 -4.25 22.84
C ILE A 187 31.95 -3.47 21.80
N ARG A 188 30.69 -3.17 22.08
CA ARG A 188 29.81 -2.52 21.13
C ARG A 188 29.82 -1.01 21.36
N PRO A 189 29.84 -0.25 20.28
CA PRO A 189 30.09 1.19 20.39
C PRO A 189 28.90 1.96 20.92
N LEU A 190 29.22 3.06 21.62
CA LEU A 190 28.19 3.92 22.21
C LEU A 190 28.82 5.23 22.65
N VAL A 191 28.32 6.36 22.15
CA VAL A 191 28.87 7.66 22.53
C VAL A 191 27.73 8.53 23.06
N LEU A 192 28.13 9.61 23.71
CA LEU A 192 27.25 10.52 24.42
C LEU A 192 27.54 11.94 23.97
N GLY A 193 26.47 12.71 23.77
CA GLY A 193 26.61 14.07 23.32
C GLY A 193 25.52 14.94 23.90
N LYS A 194 25.67 16.25 23.68
CA LYS A 194 24.75 17.21 24.26
C LYS A 194 24.52 18.36 23.29
N ARG A 195 23.47 19.13 23.58
CA ARG A 195 23.13 20.29 22.77
C ARG A 195 22.49 21.33 23.68
N ASP A 196 23.23 22.41 23.94
CA ASP A 196 22.75 23.47 24.82
C ASP A 196 21.71 24.32 24.10
N ILE A 197 20.57 24.50 24.74
CA ILE A 197 19.47 25.29 24.19
C ILE A 197 19.33 26.64 24.90
N ASP A 198 19.80 26.76 26.14
CA ASP A 198 20.08 28.01 26.84
C ASP A 198 20.76 27.61 28.14
N GLU A 199 20.84 28.51 29.12
CA GLU A 199 21.58 28.23 30.35
C GLU A 199 20.81 27.37 31.34
N ASN A 200 19.61 26.93 30.99
CA ASN A 200 18.81 26.06 31.82
C ASN A 200 18.55 24.72 31.17
N ARG A 201 18.36 24.69 29.85
CA ARG A 201 17.87 23.50 29.14
C ARG A 201 18.94 22.95 28.21
N THR A 202 19.50 21.80 28.59
CA THR A 202 20.38 21.02 27.73
C THR A 202 19.67 19.74 27.30
N GLU A 203 19.79 19.41 26.02
CA GLU A 203 19.36 18.14 25.48
C GLU A 203 20.55 17.19 25.41
N TYR A 204 20.29 15.90 25.57
CA TYR A 204 21.32 14.88 25.50
C TYR A 204 20.92 13.84 24.46
N MET A 205 21.90 13.09 23.96
CA MET A 205 21.61 11.98 23.09
C MET A 205 22.76 10.98 23.15
N VAL A 206 22.43 9.71 22.89
CA VAL A 206 23.42 8.66 22.77
C VAL A 206 23.20 8.00 21.42
N ALA A 207 24.21 7.27 20.96
CA ALA A 207 24.10 6.68 19.63
C ALA A 207 25.24 5.71 19.43
N SER A 208 25.06 4.82 18.45
CA SER A 208 26.10 3.85 18.13
C SER A 208 27.36 4.55 17.64
N GLU A 209 27.23 5.67 16.95
CA GLU A 209 28.38 6.32 16.34
C GLU A 209 28.25 7.84 16.39
N SER A 210 29.42 8.50 16.45
CA SER A 210 29.46 9.96 16.59
C SER A 210 28.82 10.67 15.41
N VAL A 211 28.78 10.05 14.23
CA VAL A 211 28.20 10.74 13.08
C VAL A 211 26.76 11.15 13.36
N ALA A 212 26.05 10.39 14.18
CA ALA A 212 24.66 10.74 14.50
C ALA A 212 24.59 11.97 15.38
N LEU A 213 25.56 12.13 16.29
CA LEU A 213 25.70 13.39 17.01
C LEU A 213 25.99 14.52 16.04
N ASP A 214 26.99 14.34 15.18
CA ASP A 214 27.35 15.38 14.23
C ASP A 214 26.14 15.85 13.43
N THR A 215 25.40 14.90 12.84
CA THR A 215 24.39 15.30 11.88
C THR A 215 23.26 16.10 12.50
N LEU A 216 23.05 15.98 13.81
CA LEU A 216 22.00 16.74 14.48
C LEU A 216 22.53 17.97 15.19
N GLY A 217 23.85 18.19 15.15
CA GLY A 217 24.43 19.35 15.81
C GLY A 217 24.61 19.19 17.30
N PHE A 218 24.92 17.98 17.78
CA PHE A 218 25.20 17.72 19.19
C PHE A 218 26.70 17.68 19.41
N ASP A 219 27.18 18.45 20.39
CA ASP A 219 28.59 18.35 20.77
C ASP A 219 28.87 16.99 21.43
N PHE A 220 30.03 16.44 21.09
CA PHE A 220 30.49 15.14 21.58
C PHE A 220 31.07 15.28 22.98
N LEU A 221 30.57 14.49 23.93
CA LEU A 221 31.13 14.50 25.26
C LEU A 221 32.19 13.42 25.40
N ARG A 222 31.79 12.16 25.16
CA ARG A 222 32.71 11.05 25.30
C ARG A 222 31.99 9.75 24.93
N ASP A 223 32.78 8.72 24.67
CA ASP A 223 32.27 7.37 24.69
C ASP A 223 31.73 7.05 26.08
N VAL A 224 30.53 6.45 26.15
CA VAL A 224 30.11 5.81 27.39
C VAL A 224 31.14 4.74 27.73
N ALA A 225 31.49 4.63 29.02
CA ALA A 225 32.62 3.80 29.41
C ALA A 225 32.22 2.32 29.55
N PRO A 226 33.17 1.40 29.33
CA PRO A 226 32.87 -0.03 29.56
C PRO A 226 32.21 -0.26 30.90
N GLY A 227 31.03 -0.90 30.87
CA GLY A 227 30.29 -1.18 32.08
C GLY A 227 29.57 0.01 32.66
N GLU A 228 29.75 1.20 32.09
CA GLU A 228 29.14 2.39 32.64
C GLU A 228 27.67 2.47 32.28
N ALA A 229 26.90 3.08 33.16
CA ALA A 229 25.52 3.42 32.87
C ALA A 229 25.36 4.93 32.94
N ILE A 230 24.68 5.48 31.96
CA ILE A 230 24.22 6.86 31.92
C ILE A 230 22.74 6.87 32.27
N TYR A 231 22.29 7.92 32.97
CA TYR A 231 20.87 8.13 33.24
C TYR A 231 20.55 9.61 33.07
N ILE A 232 19.56 9.91 32.25
CA ILE A 232 19.16 11.29 31.94
C ILE A 232 17.69 11.43 32.32
N THR A 233 17.41 12.27 33.31
CA THR A 233 16.07 12.41 33.86
C THR A 233 15.16 13.19 32.92
N GLU A 234 13.86 13.12 33.20
CA GLU A 234 12.88 13.86 32.42
C GLU A 234 13.07 15.37 32.54
N GLU A 235 13.80 15.82 33.56
CA GLU A 235 14.03 17.25 33.75
C GLU A 235 15.20 17.75 32.92
N GLY A 236 16.22 16.92 32.71
CA GLY A 236 17.36 17.28 31.90
C GLY A 236 18.69 17.11 32.59
N GLN A 237 18.71 16.26 33.62
CA GLN A 237 19.90 16.07 34.45
C GLN A 237 20.60 14.77 34.10
N LEU A 238 21.93 14.80 34.10
CA LEU A 238 22.75 13.67 33.68
C LEU A 238 23.50 13.09 34.86
N PHE A 239 23.25 11.81 35.15
CA PHE A 239 23.95 11.07 36.18
C PHE A 239 24.65 9.89 35.52
N THR A 240 25.67 9.37 36.21
CA THR A 240 26.39 8.22 35.70
C THR A 240 26.80 7.34 36.87
N ARG A 241 27.28 6.14 36.56
CA ARG A 241 27.73 5.21 37.58
C ARG A 241 28.44 4.06 36.88
N GLN A 242 29.50 3.56 37.51
CA GLN A 242 30.09 2.32 37.07
C GLN A 242 29.24 1.17 37.60
N CYS A 243 28.77 0.31 36.69
CA CYS A 243 27.82 -0.74 37.03
C CYS A 243 28.36 -2.14 36.73
N ALA A 244 29.66 -2.26 36.53
CA ALA A 244 30.30 -3.57 36.49
C ALA A 244 31.59 -3.50 37.28
N ASP A 245 31.97 -4.64 37.84
CA ASP A 245 33.30 -4.83 38.40
C ASP A 245 34.20 -5.37 37.29
N ASN A 246 35.42 -4.85 37.24
CA ASN A 246 36.42 -5.23 36.25
C ASN A 246 36.02 -4.78 34.84
N PRO A 247 35.46 -3.58 34.67
CA PRO A 247 35.27 -3.06 33.31
C PRO A 247 36.62 -2.95 32.61
N VAL A 248 36.65 -3.32 31.33
CA VAL A 248 37.87 -3.23 30.53
C VAL A 248 37.47 -2.87 29.11
N SER A 249 38.38 -2.20 28.40
CA SER A 249 38.10 -1.68 27.06
C SER A 249 38.60 -2.70 26.04
N ASN A 250 37.68 -3.42 25.39
CA ASN A 250 38.02 -4.37 24.33
C ASN A 250 37.12 -4.11 23.12
N PRO A 251 37.27 -2.94 22.49
CA PRO A 251 36.34 -2.56 21.43
C PRO A 251 36.40 -3.50 20.23
N CYS A 252 35.27 -3.59 19.51
CA CYS A 252 35.18 -4.47 18.36
C CYS A 252 36.08 -3.97 17.23
N LEU A 253 37.04 -4.81 16.85
CA LEU A 253 37.90 -4.50 15.72
C LEU A 253 37.12 -4.39 14.41
N PHE A 254 36.02 -5.12 14.28
CA PHE A 254 35.29 -5.12 13.02
C PHE A 254 34.65 -3.76 12.72
N GLU A 255 34.25 -3.02 13.77
CA GLU A 255 33.78 -1.65 13.57
C GLU A 255 34.80 -0.86 12.77
N TYR A 256 36.08 -0.99 13.12
CA TYR A 256 37.12 -0.22 12.43
C TYR A 256 37.38 -0.75 11.03
N VAL A 257 37.36 -2.08 10.86
CA VAL A 257 37.74 -2.66 9.58
C VAL A 257 36.73 -2.27 8.50
N TYR A 258 35.44 -2.37 8.81
CA TYR A 258 34.45 -1.99 7.79
C TYR A 258 33.06 -1.63 8.29
N PHE A 259 32.68 -2.02 9.51
CA PHE A 259 31.27 -1.89 9.87
C PHE A 259 30.86 -0.45 10.16
N ALA A 260 31.75 0.36 10.72
CA ALA A 260 31.38 1.72 11.11
C ALA A 260 31.63 2.69 9.96
N ARG A 261 31.08 3.87 10.09
CA ARG A 261 31.33 4.88 9.09
C ARG A 261 32.70 5.53 9.33
N PRO A 262 33.44 5.83 8.26
CA PRO A 262 34.80 6.38 8.46
C PRO A 262 34.79 7.67 9.25
N ASP A 263 33.75 8.49 9.13
CA ASP A 263 33.80 9.77 9.82
C ASP A 263 33.44 9.68 11.30
N SER A 264 33.31 8.47 11.84
CA SER A 264 33.05 8.30 13.27
C SER A 264 34.34 8.16 14.06
N PHE A 265 34.27 8.53 15.34
CA PHE A 265 35.36 8.37 16.31
C PHE A 265 34.86 7.40 17.38
N ILE A 266 35.43 6.20 17.40
CA ILE A 266 35.01 5.15 18.33
C ILE A 266 36.11 4.95 19.37
N ASP A 267 35.81 5.25 20.62
CA ASP A 267 36.79 5.23 21.71
C ASP A 267 38.04 6.03 21.31
N LYS A 268 37.81 7.25 20.82
CA LYS A 268 38.87 8.21 20.54
C LYS A 268 39.70 7.85 19.31
N ILE A 269 39.20 6.94 18.48
CA ILE A 269 39.93 6.45 17.30
C ILE A 269 39.13 6.81 16.05
N SER A 270 39.75 7.57 15.14
CA SER A 270 39.13 7.86 13.86
C SER A 270 39.12 6.61 12.98
N VAL A 271 37.92 6.16 12.60
CA VAL A 271 37.81 4.98 11.77
C VAL A 271 38.56 5.19 10.45
N TYR A 272 38.39 6.38 9.87
CA TYR A 272 39.14 6.75 8.67
C TYR A 272 40.64 6.55 8.86
N SER A 273 41.21 7.13 9.91
CA SER A 273 42.66 7.04 10.08
C SER A 273 43.08 5.59 10.32
N ALA A 274 42.33 4.87 11.15
CA ALA A 274 42.62 3.45 11.35
C ALA A 274 42.68 2.71 10.03
N ARG A 275 41.76 2.99 9.10
CA ARG A 275 41.75 2.29 7.82
C ARG A 275 42.92 2.73 6.95
N VAL A 276 43.33 4.00 7.01
CA VAL A 276 44.55 4.39 6.33
C VAL A 276 45.73 3.64 6.91
N ASN A 277 45.82 3.57 8.25
CA ASN A 277 46.91 2.83 8.87
C ASN A 277 46.87 1.36 8.48
N MET A 278 45.68 0.79 8.32
CA MET A 278 45.61 -0.62 7.90
C MET A 278 46.24 -0.81 6.54
N GLY A 279 46.00 0.13 5.62
CA GLY A 279 46.63 0.05 4.32
C GLY A 279 48.13 0.25 4.37
N THR A 280 48.61 1.03 5.35
CA THR A 280 50.05 1.23 5.48
C THR A 280 50.73 -0.07 5.89
N LYS A 281 50.21 -0.71 6.94
CA LYS A 281 50.75 -1.99 7.38
C LYS A 281 50.66 -3.04 6.28
N LEU A 282 49.54 -3.05 5.54
CA LEU A 282 49.37 -4.09 4.53
C LEU A 282 50.27 -3.84 3.32
N GLY A 283 50.38 -2.58 2.89
CA GLY A 283 51.33 -2.27 1.84
C GLY A 283 52.76 -2.59 2.23
N GLU A 284 53.09 -2.38 3.51
CA GLU A 284 54.43 -2.72 4.00
C GLU A 284 54.64 -4.23 3.97
N LYS A 285 53.66 -4.99 4.46
CA LYS A 285 53.78 -6.43 4.45
C LYS A 285 53.93 -6.96 3.03
N ILE A 286 53.21 -6.36 2.08
CA ILE A 286 53.31 -6.76 0.68
C ILE A 286 54.69 -6.42 0.11
N ALA A 287 55.15 -5.18 0.34
CA ALA A 287 56.46 -4.77 -0.14
C ALA A 287 57.54 -5.74 0.32
N ARG A 288 57.34 -6.37 1.47
CA ARG A 288 58.33 -7.25 2.07
C ARG A 288 58.24 -8.69 1.56
N GLU A 289 57.04 -9.24 1.45
CA GLU A 289 56.86 -10.65 1.14
C GLU A 289 56.63 -10.91 -0.34
N TRP A 290 56.20 -9.88 -1.08
CA TRP A 290 55.96 -9.96 -2.51
C TRP A 290 56.92 -9.06 -3.28
N GLU A 291 58.10 -8.80 -2.70
CA GLU A 291 59.17 -8.06 -3.35
C GLU A 291 59.30 -8.45 -4.81
N ASP A 292 59.18 -9.74 -5.10
CA ASP A 292 59.50 -10.27 -6.42
C ASP A 292 58.33 -10.23 -7.39
N LEU A 293 57.12 -9.93 -6.94
CA LEU A 293 55.97 -9.97 -7.81
C LEU A 293 55.82 -8.68 -8.60
N ASP A 294 55.23 -8.80 -9.80
CA ASP A 294 55.10 -7.70 -10.74
C ASP A 294 53.65 -7.22 -10.72
N ILE A 295 53.42 -6.13 -9.99
CA ILE A 295 52.09 -5.57 -9.76
C ILE A 295 51.96 -4.32 -10.64
N ASP A 296 50.98 -4.33 -11.54
CA ASP A 296 50.74 -3.21 -12.45
C ASP A 296 49.99 -2.07 -11.79
N VAL A 297 48.99 -2.40 -10.97
CA VAL A 297 48.03 -1.41 -10.50
C VAL A 297 47.37 -1.97 -9.24
N VAL A 298 46.99 -1.08 -8.34
CA VAL A 298 46.19 -1.45 -7.18
C VAL A 298 44.75 -0.99 -7.42
N ILE A 299 43.79 -1.89 -7.19
CA ILE A 299 42.40 -1.68 -7.55
C ILE A 299 41.56 -2.06 -6.32
N PRO A 300 40.84 -1.14 -5.70
CA PRO A 300 40.00 -1.54 -4.57
C PRO A 300 38.69 -2.17 -5.00
N ILE A 301 38.20 -3.08 -4.16
CA ILE A 301 36.81 -3.54 -4.17
C ILE A 301 36.04 -2.50 -3.37
N PRO A 302 35.26 -1.62 -4.01
CA PRO A 302 34.62 -0.53 -3.25
C PRO A 302 33.52 -1.08 -2.37
N GLU A 303 33.11 -0.32 -1.36
CA GLU A 303 33.54 1.05 -1.10
C GLU A 303 34.56 1.14 0.03
N THR A 304 34.43 0.24 1.00
CA THR A 304 35.18 0.34 2.25
C THR A 304 36.68 0.41 2.02
N SER A 305 37.17 -0.24 0.97
CA SER A 305 38.61 -0.41 0.78
C SER A 305 39.29 0.66 -0.08
N CYS A 306 38.56 1.66 -0.57
CA CYS A 306 39.19 2.59 -1.50
C CYS A 306 40.35 3.33 -0.83
N ASP A 307 40.17 3.76 0.42
CA ASP A 307 41.24 4.48 1.12
C ASP A 307 42.36 3.53 1.53
N ILE A 308 42.01 2.29 1.89
CA ILE A 308 43.03 1.28 2.22
C ILE A 308 43.89 1.01 1.00
N ALA A 309 43.25 0.82 -0.16
CA ALA A 309 43.99 0.55 -1.38
C ALA A 309 44.84 1.74 -1.80
N LEU A 310 44.34 2.97 -1.59
CA LEU A 310 45.12 4.14 -1.95
C LEU A 310 46.45 4.15 -1.19
N GLU A 311 46.41 3.81 0.10
CA GLU A 311 47.62 3.84 0.91
C GLU A 311 48.56 2.71 0.50
N ILE A 312 48.01 1.51 0.26
CA ILE A 312 48.83 0.41 -0.27
C ILE A 312 49.52 0.83 -1.56
N ALA A 313 48.74 1.38 -2.50
CA ALA A 313 49.33 1.83 -3.76
C ALA A 313 50.44 2.83 -3.48
N ARG A 314 50.26 3.69 -2.48
CA ARG A 314 51.31 4.63 -2.11
C ARG A 314 52.55 3.90 -1.61
N ILE A 315 52.37 3.02 -0.63
CA ILE A 315 53.51 2.28 -0.08
C ILE A 315 54.28 1.59 -1.21
N LEU A 316 53.57 1.04 -2.19
CA LEU A 316 54.23 0.29 -3.25
C LEU A 316 54.72 1.16 -4.40
N GLY A 317 54.47 2.46 -4.37
CA GLY A 317 54.81 3.30 -5.52
C GLY A 317 54.17 2.81 -6.80
N LYS A 318 52.93 2.36 -6.73
CA LYS A 318 52.20 1.85 -7.88
C LYS A 318 50.89 2.60 -8.08
N PRO A 319 50.37 2.62 -9.30
CA PRO A 319 49.16 3.38 -9.58
C PRO A 319 47.92 2.77 -8.94
N TYR A 320 47.10 3.65 -8.39
CA TYR A 320 45.77 3.34 -7.88
C TYR A 320 44.77 3.66 -8.98
N ARG A 321 43.87 2.72 -9.29
CA ARG A 321 42.84 2.97 -10.29
C ARG A 321 41.52 2.33 -9.91
N GLN A 322 40.42 3.04 -10.22
CA GLN A 322 39.05 2.63 -9.94
C GLN A 322 38.62 1.63 -11.01
N GLY A 323 39.08 0.40 -10.86
CA GLY A 323 38.73 -0.63 -11.83
C GLY A 323 37.38 -1.27 -11.59
N PHE A 324 36.89 -1.26 -10.35
CA PHE A 324 35.56 -1.76 -10.02
C PHE A 324 34.69 -0.60 -9.55
N VAL A 325 33.42 -0.59 -9.97
CA VAL A 325 32.44 0.36 -9.48
C VAL A 325 31.34 -0.43 -8.79
N LYS A 326 30.99 -0.04 -7.57
CA LYS A 326 29.88 -0.67 -6.88
C LYS A 326 28.57 -0.12 -7.43
N ASN A 327 27.63 -1.02 -7.74
CA ASN A 327 26.30 -0.59 -8.15
C ASN A 327 25.57 -0.01 -6.93
N ARG A 328 25.31 1.30 -6.95
CA ARG A 328 24.64 1.95 -5.83
C ARG A 328 23.26 1.35 -5.58
N TYR A 329 22.59 0.92 -6.63
CA TYR A 329 21.22 0.42 -6.56
C TYR A 329 21.20 -1.02 -7.05
N VAL A 330 20.61 -1.91 -6.26
CA VAL A 330 20.74 -3.34 -6.48
C VAL A 330 19.42 -3.96 -6.94
N GLY A 331 18.31 -3.61 -6.32
CA GLY A 331 17.03 -4.14 -6.77
C GLY A 331 16.86 -5.62 -6.49
N ARG A 332 15.64 -6.13 -6.59
CA ARG A 332 15.40 -7.51 -6.20
C ARG A 332 15.40 -8.41 -7.44
N THR A 333 15.66 -9.69 -7.21
CA THR A 333 15.39 -10.71 -8.21
C THR A 333 14.04 -11.30 -7.87
N PHE A 334 13.19 -11.43 -8.87
CA PHE A 334 11.87 -12.01 -8.68
C PHE A 334 11.95 -13.50 -8.94
N ILE A 335 11.26 -14.25 -8.09
CA ILE A 335 11.08 -15.70 -8.28
C ILE A 335 10.28 -15.87 -9.56
N MET A 336 10.93 -16.33 -10.62
CA MET A 336 10.32 -16.19 -11.94
C MET A 336 9.94 -17.54 -12.55
N PRO A 337 8.65 -17.81 -12.73
CA PRO A 337 8.24 -19.09 -13.33
C PRO A 337 8.84 -19.28 -14.71
N GLY A 338 9.65 -20.34 -14.84
CA GLY A 338 10.19 -20.73 -16.12
C GLY A 338 10.97 -19.62 -16.79
N GLN A 339 11.95 -19.07 -16.08
CA GLN A 339 12.74 -17.96 -16.59
C GLN A 339 14.20 -18.15 -16.21
N GLN A 340 15.08 -17.68 -17.09
CA GLN A 340 16.51 -17.82 -16.93
C GLN A 340 17.14 -16.46 -16.64
N LEU A 341 17.96 -16.40 -15.59
CA LEU A 341 18.67 -15.16 -15.30
C LEU A 341 19.79 -14.95 -16.30
N ARG A 342 19.90 -13.72 -16.77
CA ARG A 342 21.04 -13.31 -17.58
C ARG A 342 22.13 -12.68 -16.73
N ARG A 343 21.86 -12.48 -15.44
CA ARG A 343 22.70 -11.63 -14.60
C ARG A 343 23.39 -12.46 -13.52
N LYS A 344 24.71 -12.52 -13.60
CA LYS A 344 25.49 -13.17 -12.56
C LYS A 344 25.35 -12.42 -11.25
N SER A 345 25.27 -13.19 -10.17
CA SER A 345 25.21 -12.62 -8.83
C SER A 345 26.22 -11.50 -8.63
N VAL A 346 27.47 -11.72 -9.07
CA VAL A 346 28.51 -10.75 -8.78
C VAL A 346 28.28 -9.44 -9.56
N ARG A 347 27.53 -9.49 -10.66
CA ARG A 347 27.29 -8.27 -11.44
C ARG A 347 26.18 -7.41 -10.84
N ARG A 348 25.34 -7.99 -9.99
CA ARG A 348 24.35 -7.18 -9.29
C ARG A 348 25.03 -6.15 -8.40
N LYS A 349 26.17 -6.53 -7.82
CA LYS A 349 26.88 -5.72 -6.84
C LYS A 349 27.95 -4.84 -7.47
N LEU A 350 28.64 -5.35 -8.48
CA LEU A 350 29.85 -4.73 -8.99
C LEU A 350 29.82 -4.67 -10.51
N ASN A 351 30.59 -3.73 -11.05
CA ASN A 351 30.84 -3.66 -12.48
C ASN A 351 32.32 -3.37 -12.72
N ALA A 352 32.86 -3.93 -13.79
CA ALA A 352 34.27 -3.81 -14.11
C ALA A 352 34.48 -2.76 -15.19
N ASN A 353 35.38 -1.81 -14.93
CA ASN A 353 35.89 -0.94 -15.98
C ASN A 353 36.92 -1.74 -16.76
N ARG A 354 36.52 -2.23 -17.94
CA ARG A 354 37.34 -3.17 -18.69
C ARG A 354 38.73 -2.62 -18.96
N ALA A 355 38.83 -1.32 -19.24
CA ALA A 355 40.12 -0.73 -19.63
C ALA A 355 41.13 -0.73 -18.51
N GLU A 356 40.69 -0.92 -17.27
CA GLU A 356 41.61 -0.86 -16.13
C GLU A 356 42.24 -2.21 -15.80
N PHE A 357 41.77 -3.30 -16.40
CA PHE A 357 42.32 -4.63 -16.16
C PHE A 357 43.10 -5.19 -17.34
N ARG A 358 42.82 -4.73 -18.55
CA ARG A 358 43.19 -5.47 -19.75
C ARG A 358 44.70 -5.55 -19.89
N ASP A 359 45.21 -6.79 -19.90
CA ASP A 359 46.64 -7.10 -20.04
C ASP A 359 47.46 -6.50 -18.91
N LYS A 360 46.91 -6.49 -17.69
CA LYS A 360 47.63 -6.06 -16.51
C LYS A 360 47.66 -7.14 -15.44
N ASN A 361 48.75 -7.17 -14.69
CA ASN A 361 48.79 -7.86 -13.40
C ASN A 361 48.19 -6.93 -12.36
N VAL A 362 47.07 -7.31 -11.76
CA VAL A 362 46.35 -6.42 -10.87
C VAL A 362 46.40 -6.95 -9.45
N LEU A 363 46.50 -6.03 -8.49
CA LEU A 363 46.36 -6.33 -7.07
C LEU A 363 45.00 -5.82 -6.59
N LEU A 364 44.07 -6.72 -6.35
CA LEU A 364 42.78 -6.33 -5.78
C LEU A 364 42.88 -6.23 -4.26
N VAL A 365 42.20 -5.24 -3.70
CA VAL A 365 42.16 -5.03 -2.25
C VAL A 365 40.71 -5.08 -1.79
N ASP A 366 40.43 -5.92 -0.79
CA ASP A 366 39.10 -6.05 -0.22
C ASP A 366 39.21 -5.89 1.29
N ASP A 367 38.07 -5.63 1.94
CA ASP A 367 38.13 -5.41 3.37
C ASP A 367 38.23 -6.72 4.15
N SER A 368 37.73 -7.82 3.58
CA SER A 368 37.75 -9.11 4.26
C SER A 368 37.41 -10.21 3.28
N ILE A 369 37.58 -11.45 3.74
CA ILE A 369 37.20 -12.67 3.03
C ILE A 369 36.44 -13.52 4.03
N VAL A 370 35.18 -13.80 3.75
CA VAL A 370 34.35 -14.57 4.67
C VAL A 370 34.10 -15.94 4.07
N ARG A 371 33.10 -16.05 3.20
CA ARG A 371 32.82 -17.31 2.54
C ARG A 371 33.78 -17.59 1.38
N GLY A 372 34.23 -16.54 0.70
CA GLY A 372 35.15 -16.69 -0.40
C GLY A 372 34.52 -16.97 -1.73
N THR A 373 33.28 -17.46 -1.76
CA THR A 373 32.57 -17.56 -3.04
C THR A 373 32.50 -16.20 -3.71
N THR A 374 32.18 -15.16 -2.93
CA THR A 374 32.23 -13.79 -3.45
C THR A 374 33.60 -13.47 -4.04
N SER A 375 34.66 -13.67 -3.23
CA SER A 375 36.01 -13.31 -3.68
C SER A 375 36.39 -14.06 -4.94
N GLU A 376 36.07 -15.35 -5.00
CA GLU A 376 36.31 -16.12 -6.21
C GLU A 376 35.66 -15.46 -7.42
N GLN A 377 34.40 -15.02 -7.28
CA GLN A 377 33.69 -14.44 -8.42
C GLN A 377 34.26 -13.08 -8.81
N ILE A 378 34.73 -12.29 -7.84
CA ILE A 378 35.36 -11.02 -8.17
C ILE A 378 36.64 -11.26 -8.95
N ILE A 379 37.46 -12.23 -8.52
CA ILE A 379 38.67 -12.57 -9.25
C ILE A 379 38.34 -13.00 -10.69
N GLU A 380 37.33 -13.86 -10.83
CA GLU A 380 36.85 -14.25 -12.17
C GLU A 380 36.47 -13.02 -12.99
N MET A 381 35.77 -12.06 -12.38
CA MET A 381 35.43 -10.83 -13.08
C MET A 381 36.66 -10.16 -13.65
N ALA A 382 37.66 -9.93 -12.80
CA ALA A 382 38.91 -9.30 -13.24
C ALA A 382 39.49 -10.02 -14.44
N ARG A 383 39.49 -11.36 -14.40
CA ARG A 383 40.04 -12.13 -15.52
C ARG A 383 39.23 -11.91 -16.80
N GLU A 384 37.90 -11.93 -16.69
CA GLU A 384 37.07 -11.72 -17.87
C GLU A 384 37.17 -10.29 -18.38
N ALA A 385 37.49 -9.35 -17.51
CA ALA A 385 37.78 -7.98 -17.93
C ALA A 385 39.13 -7.87 -18.61
N GLY A 386 39.93 -8.93 -18.61
CA GLY A 386 41.18 -8.96 -19.33
C GLY A 386 42.46 -8.95 -18.50
N ALA A 387 42.38 -9.19 -17.20
CA ALA A 387 43.59 -9.19 -16.39
C ALA A 387 44.43 -10.44 -16.65
N LYS A 388 45.74 -10.28 -16.56
CA LYS A 388 46.66 -11.42 -16.59
C LYS A 388 46.70 -12.06 -15.21
N LYS A 389 47.64 -11.64 -14.36
CA LYS A 389 47.69 -12.13 -12.99
C LYS A 389 46.74 -11.30 -12.12
N VAL A 390 46.04 -11.99 -11.25
CA VAL A 390 45.11 -11.37 -10.31
C VAL A 390 45.57 -11.75 -8.91
N TYR A 391 46.01 -10.77 -8.15
CA TYR A 391 46.42 -10.93 -6.76
C TYR A 391 45.34 -10.33 -5.86
N LEU A 392 45.20 -10.89 -4.65
CA LEU A 392 44.18 -10.43 -3.74
C LEU A 392 44.76 -10.18 -2.35
N ALA A 393 44.46 -9.01 -1.79
CA ALA A 393 44.91 -8.65 -0.46
C ALA A 393 43.72 -8.27 0.40
N SER A 394 43.69 -8.80 1.62
CA SER A 394 42.58 -8.60 2.55
C SER A 394 43.02 -7.71 3.72
N ALA A 395 42.29 -6.62 3.93
CA ALA A 395 42.62 -5.70 5.02
C ALA A 395 42.49 -6.35 6.39
N ALA A 396 41.73 -7.42 6.49
CA ALA A 396 41.53 -8.10 7.75
C ALA A 396 42.30 -9.41 7.76
N PRO A 397 42.75 -9.87 8.93
CA PRO A 397 43.29 -11.22 9.01
C PRO A 397 42.33 -12.28 8.49
N GLU A 398 42.80 -13.51 8.36
CA GLU A 398 41.93 -14.65 8.12
C GLU A 398 40.76 -14.62 9.09
N ILE A 399 39.56 -14.79 8.57
CA ILE A 399 38.35 -14.88 9.39
C ILE A 399 38.07 -16.36 9.60
N ARG A 400 38.25 -16.83 10.84
CA ARG A 400 38.23 -18.25 11.17
C ARG A 400 37.16 -18.66 12.16
N PHE A 401 36.60 -17.74 12.93
CA PHE A 401 35.62 -18.09 13.95
C PHE A 401 34.39 -17.20 13.87
N PRO A 402 33.22 -17.70 14.26
CA PRO A 402 32.01 -16.88 14.18
C PRO A 402 32.01 -15.78 15.22
N ASN A 403 31.40 -14.65 14.85
CA ASN A 403 31.23 -13.55 15.77
C ASN A 403 29.94 -13.76 16.55
N VAL A 404 30.05 -13.80 17.87
CA VAL A 404 28.89 -13.97 18.73
C VAL A 404 28.60 -12.70 19.52
N TYR A 405 29.07 -11.54 19.05
CA TYR A 405 28.95 -10.30 19.82
C TYR A 405 28.16 -9.21 19.08
N GLY A 406 27.43 -9.56 18.03
CA GLY A 406 26.52 -8.60 17.41
C GLY A 406 26.79 -8.33 15.95
N ILE A 407 27.87 -8.84 15.38
CA ILE A 407 28.14 -8.75 13.96
C ILE A 407 27.66 -10.05 13.32
N ASP A 408 26.65 -9.98 12.45
CA ASP A 408 26.15 -11.19 11.81
C ASP A 408 27.25 -11.85 10.99
N MET A 409 27.41 -13.15 11.14
CA MET A 409 28.42 -13.90 10.41
C MET A 409 27.99 -15.35 10.32
N PRO A 410 28.50 -16.09 9.34
CA PRO A 410 28.20 -17.52 9.26
C PRO A 410 29.03 -18.35 10.24
N SER A 411 28.63 -19.61 10.35
CA SER A 411 29.29 -20.56 11.24
C SER A 411 30.67 -20.91 10.71
N ALA A 412 31.49 -21.51 11.58
CA ALA A 412 32.89 -21.71 11.23
C ALA A 412 33.04 -22.62 10.02
N THR A 413 32.18 -23.62 9.88
CA THR A 413 32.29 -24.52 8.74
C THR A 413 31.98 -23.82 7.43
N GLU A 414 31.35 -22.64 7.49
CA GLU A 414 31.07 -21.86 6.30
C GLU A 414 32.20 -20.90 5.95
N LEU A 415 33.19 -20.74 6.83
CA LEU A 415 34.27 -19.78 6.63
C LEU A 415 35.40 -20.44 5.87
N ILE A 416 35.77 -19.87 4.72
CA ILE A 416 36.74 -20.54 3.85
C ILE A 416 38.10 -20.67 4.57
N ALA A 417 38.46 -19.69 5.40
CA ALA A 417 39.76 -19.74 6.08
C ALA A 417 39.81 -20.77 7.21
N HIS A 418 38.67 -21.29 7.64
CA HIS A 418 38.64 -22.20 8.77
C HIS A 418 39.34 -23.51 8.41
N GLY A 419 40.32 -23.90 9.22
CA GLY A 419 41.05 -25.13 9.00
C GLY A 419 41.93 -25.14 7.77
N ARG A 420 42.26 -23.97 7.22
CA ARG A 420 43.02 -23.89 5.99
C ARG A 420 44.14 -22.88 6.14
N GLU A 421 45.21 -23.10 5.37
CA GLU A 421 46.29 -22.14 5.27
C GLU A 421 46.06 -21.22 4.07
N VAL A 422 46.84 -20.13 4.03
CA VAL A 422 46.67 -19.14 2.97
C VAL A 422 46.76 -19.79 1.60
N ASP A 423 47.74 -20.67 1.38
CA ASP A 423 47.89 -21.17 0.01
C ASP A 423 46.69 -22.02 -0.41
N GLU A 424 46.03 -22.72 0.53
CA GLU A 424 44.86 -23.50 0.17
C GLU A 424 43.67 -22.60 -0.18
N ILE A 425 43.46 -21.54 0.59
CA ILE A 425 42.46 -20.54 0.25
C ILE A 425 42.74 -20.02 -1.16
N ARG A 426 43.98 -19.59 -1.41
CA ARG A 426 44.37 -19.06 -2.71
C ARG A 426 43.92 -19.98 -3.85
N GLN A 427 44.26 -21.28 -3.75
CA GLN A 427 43.94 -22.23 -4.80
C GLN A 427 42.44 -22.39 -4.98
N ILE A 428 41.69 -22.41 -3.88
CA ILE A 428 40.24 -22.58 -3.99
C ILE A 428 39.62 -21.37 -4.68
N ILE A 429 39.98 -20.15 -4.23
CA ILE A 429 39.35 -18.96 -4.80
C ILE A 429 39.91 -18.60 -6.16
N GLY A 430 41.03 -19.18 -6.55
CA GLY A 430 41.54 -19.00 -7.88
C GLY A 430 42.41 -17.79 -8.08
N ALA A 431 43.05 -17.31 -7.01
CA ALA A 431 43.95 -16.19 -7.10
C ALA A 431 45.34 -16.66 -7.52
N ASP A 432 46.05 -15.78 -8.22
CA ASP A 432 47.47 -16.04 -8.47
C ASP A 432 48.27 -15.88 -7.19
N GLY A 433 47.79 -15.04 -6.29
CA GLY A 433 48.42 -14.86 -4.99
C GLY A 433 47.42 -14.24 -4.05
N LEU A 434 47.66 -14.48 -2.76
CA LEU A 434 46.71 -14.11 -1.71
C LEU A 434 47.47 -13.72 -0.47
N ILE A 435 47.08 -12.61 0.15
CA ILE A 435 47.78 -12.17 1.34
C ILE A 435 46.80 -11.49 2.27
N PHE A 436 46.95 -11.76 3.56
CA PHE A 436 46.12 -11.22 4.61
C PHE A 436 46.91 -10.27 5.49
N GLN A 437 46.22 -9.25 5.98
CA GLN A 437 46.73 -8.48 7.12
C GLN A 437 47.09 -9.41 8.26
N ASP A 438 48.24 -9.17 8.87
CA ASP A 438 48.57 -9.82 10.13
C ASP A 438 47.79 -9.18 11.28
N LEU A 439 47.31 -10.02 12.21
CA LEU A 439 46.47 -9.51 13.30
C LEU A 439 47.20 -8.48 14.14
N ASN A 440 48.49 -8.70 14.41
CA ASN A 440 49.24 -7.73 15.21
C ASN A 440 49.38 -6.41 14.48
N ASP A 441 49.48 -6.44 13.15
CA ASP A 441 49.50 -5.20 12.39
C ASP A 441 48.14 -4.50 12.46
N LEU A 442 47.04 -5.25 12.38
CA LEU A 442 45.72 -4.63 12.54
C LEU A 442 45.61 -3.94 13.89
N ILE A 443 46.04 -4.63 14.96
CA ILE A 443 45.95 -4.06 16.29
C ILE A 443 46.79 -2.79 16.38
N ASP A 444 48.03 -2.86 15.89
CA ASP A 444 48.90 -1.67 15.86
C ASP A 444 48.22 -0.52 15.12
N ALA A 445 47.71 -0.79 13.92
CA ALA A 445 47.11 0.25 13.08
C ALA A 445 46.01 0.99 13.82
N VAL A 446 45.15 0.25 14.53
CA VAL A 446 44.05 0.89 15.25
C VAL A 446 44.56 1.51 16.54
N ARG A 447 45.49 0.83 17.21
CA ARG A 447 46.05 1.33 18.45
C ARG A 447 46.74 2.68 18.25
N ALA A 448 47.48 2.83 17.16
CA ALA A 448 48.23 4.06 16.93
C ALA A 448 47.35 5.31 17.02
N GLU A 449 46.04 5.17 16.86
CA GLU A 449 45.15 6.32 17.04
C GLU A 449 44.73 6.53 18.50
N ASN A 450 45.05 5.58 19.39
CA ASN A 450 44.80 5.71 20.83
C ASN A 450 45.52 4.59 21.57
N PRO A 451 46.76 4.80 22.03
CA PRO A 451 47.48 3.71 22.71
C PRO A 451 46.93 3.33 24.08
N ASP A 452 45.96 4.10 24.61
CA ASP A 452 45.31 3.72 25.85
C ASP A 452 44.50 2.42 25.71
N ILE A 453 44.10 2.06 24.51
CA ILE A 453 43.46 0.75 24.31
C ILE A 453 44.56 -0.30 24.24
N GLN A 454 44.52 -1.25 25.17
CA GLN A 454 45.50 -2.33 25.22
C GLN A 454 45.10 -3.52 24.36
N GLN A 455 43.83 -3.92 24.41
CA GLN A 455 43.38 -5.15 23.74
C GLN A 455 42.02 -4.92 23.11
N PHE A 456 41.78 -5.64 22.02
CA PHE A 456 40.56 -5.53 21.23
C PHE A 456 39.81 -6.86 21.26
N GLU A 457 38.53 -6.80 20.92
CA GLU A 457 37.74 -8.00 20.66
C GLU A 457 38.19 -8.56 19.32
N CYS A 458 38.90 -9.70 19.34
CA CYS A 458 39.48 -10.26 18.13
C CYS A 458 38.92 -11.64 17.77
N SER A 459 37.82 -12.06 18.40
CA SER A 459 37.47 -13.48 18.38
C SER A 459 37.42 -14.04 16.97
N VAL A 460 36.85 -13.29 16.02
CA VAL A 460 36.66 -13.89 14.68
C VAL A 460 37.99 -14.28 14.06
N PHE A 461 39.08 -13.61 14.44
CA PHE A 461 40.40 -13.91 13.88
C PHE A 461 41.14 -14.99 14.66
N ASN A 462 41.07 -14.98 16.00
CA ASN A 462 41.91 -15.88 16.79
C ASN A 462 41.17 -16.81 17.73
N GLY A 463 39.85 -16.74 17.80
CA GLY A 463 39.10 -17.65 18.64
C GLY A 463 39.03 -17.27 20.09
N VAL A 464 39.80 -16.28 20.52
CA VAL A 464 39.74 -15.80 21.90
C VAL A 464 38.42 -15.06 22.09
N TYR A 465 37.50 -15.66 22.85
CA TYR A 465 36.23 -15.02 23.20
C TYR A 465 36.35 -14.46 24.61
N VAL A 466 36.19 -13.13 24.71
CA VAL A 466 36.49 -12.44 25.97
C VAL A 466 35.48 -12.75 27.07
N THR A 467 34.25 -13.17 26.73
CA THR A 467 33.25 -13.45 27.75
C THR A 467 33.27 -14.89 28.26
N LYS A 468 33.97 -15.80 27.56
CA LYS A 468 34.30 -17.13 28.08
C LYS A 468 33.06 -17.96 28.39
N ASP A 469 32.12 -18.01 27.43
CA ASP A 469 30.97 -18.91 27.52
C ASP A 469 30.47 -19.33 26.15
N VAL A 470 31.35 -19.29 25.13
CA VAL A 470 30.96 -19.60 23.76
C VAL A 470 31.26 -21.07 23.49
N ASP A 471 30.37 -21.95 23.93
CA ASP A 471 30.56 -23.38 23.77
C ASP A 471 29.75 -23.90 22.58
N GLN A 472 29.84 -25.20 22.33
CA GLN A 472 29.07 -25.82 21.26
C GLN A 472 27.58 -25.83 21.57
N GLY A 473 27.20 -25.75 22.85
CA GLY A 473 25.80 -25.66 23.18
C GLY A 473 25.19 -24.35 22.73
N TYR A 474 25.97 -23.27 22.78
CA TYR A 474 25.47 -21.99 22.29
C TYR A 474 25.52 -21.92 20.77
N LEU A 475 26.60 -22.39 20.16
CA LEU A 475 26.66 -22.40 18.70
C LEU A 475 25.55 -23.26 18.11
N ASP A 476 25.16 -24.36 18.78
CA ASP A 476 24.01 -25.12 18.31
C ASP A 476 22.70 -24.38 18.56
N PHE A 477 22.60 -23.65 19.69
CA PHE A 477 21.43 -22.82 19.93
C PHE A 477 21.25 -21.78 18.83
N LEU A 478 22.36 -21.21 18.34
CA LEU A 478 22.28 -20.20 17.29
C LEU A 478 21.84 -20.82 15.97
N ASP A 479 22.42 -21.96 15.59
CA ASP A 479 22.02 -22.61 14.34
C ASP A 479 20.56 -23.07 14.40
N THR A 480 19.99 -23.30 15.59
CA THR A 480 18.55 -23.57 15.69
C THR A 480 17.73 -22.34 15.38
N LEU A 481 18.14 -21.17 15.89
CA LEU A 481 17.46 -19.93 15.54
C LEU A 481 17.47 -19.71 14.03
N ARG A 482 18.65 -19.85 13.41
CA ARG A 482 18.77 -19.63 11.97
C ARG A 482 17.84 -20.55 11.19
N ASN A 483 17.73 -21.81 11.62
CA ASN A 483 16.83 -22.74 10.95
C ASN A 483 15.38 -22.26 11.02
N ASP A 484 14.92 -21.84 12.20
CA ASP A 484 13.56 -21.36 12.34
C ASP A 484 13.37 -20.02 11.63
N ASP A 485 14.41 -19.16 11.65
CA ASP A 485 14.35 -17.90 10.92
C ASP A 485 14.16 -18.13 9.42
N ALA A 486 14.86 -19.13 8.88
CA ALA A 486 14.71 -19.47 7.46
C ALA A 486 13.29 -19.95 7.18
N LYS A 487 12.76 -20.83 8.03
CA LYS A 487 11.42 -21.35 7.81
C LYS A 487 10.38 -20.23 7.82
N ALA A 488 10.58 -19.22 8.67
CA ALA A 488 9.64 -18.11 8.73
C ALA A 488 9.76 -17.22 7.50
N VAL A 489 10.98 -16.95 7.03
CA VAL A 489 11.14 -16.15 5.83
C VAL A 489 10.58 -16.89 4.61
N GLN A 490 10.81 -18.21 4.52
CA GLN A 490 10.29 -18.99 3.42
C GLN A 490 8.76 -18.97 3.37
N ARG A 491 8.12 -18.99 4.55
CA ARG A 491 6.66 -18.99 4.58
C ARG A 491 6.09 -17.67 4.05
N GLN A 492 6.76 -16.55 4.36
CA GLN A 492 6.33 -15.26 3.83
C GLN A 492 6.37 -15.26 2.30
N ASN A 493 7.46 -15.76 1.70
CA ASN A 493 7.59 -15.77 0.24
C ASN A 493 6.57 -16.71 -0.42
N GLU A 494 6.31 -17.86 0.19
CA GLU A 494 5.32 -18.76 -0.39
C GLU A 494 3.95 -18.12 -0.40
N VAL A 495 3.60 -17.41 0.68
CA VAL A 495 2.27 -16.80 0.79
C VAL A 495 2.11 -15.67 -0.22
N GLU A 496 3.17 -14.88 -0.44
CA GLU A 496 3.11 -13.83 -1.45
C GLU A 496 2.94 -14.41 -2.86
N ASN A 497 3.75 -15.43 -3.20
CA ASN A 497 3.59 -16.05 -4.50
C ASN A 497 2.19 -16.62 -4.66
N LEU A 498 1.71 -17.35 -3.66
CA LEU A 498 0.39 -17.95 -3.73
C LEU A 498 -0.71 -16.89 -3.90
N CYS B 1 17.78 11.56 -17.84
CA CYS B 1 16.94 10.35 -18.00
C CYS B 1 17.78 9.22 -18.58
N GLY B 2 17.32 8.00 -18.41
CA GLY B 2 17.97 6.84 -19.00
C GLY B 2 16.98 5.94 -19.71
N ILE B 3 17.46 5.32 -20.78
CA ILE B 3 16.65 4.44 -21.61
C ILE B 3 17.38 3.12 -21.85
N VAL B 4 16.59 2.08 -22.08
CA VAL B 4 17.11 0.77 -22.50
C VAL B 4 16.07 0.10 -23.37
N GLY B 5 16.54 -0.68 -24.33
CA GLY B 5 15.68 -1.54 -25.10
C GLY B 5 16.37 -2.87 -25.26
N ILE B 6 15.63 -3.98 -25.15
CA ILE B 6 16.18 -5.31 -25.35
C ILE B 6 15.30 -6.03 -26.36
N ALA B 7 15.90 -6.42 -27.49
CA ALA B 7 15.25 -7.30 -28.45
C ALA B 7 15.83 -8.70 -28.23
N GLY B 8 15.11 -9.53 -27.48
CA GLY B 8 15.62 -10.78 -26.99
C GLY B 8 14.99 -12.00 -27.67
N VAL B 9 15.45 -13.17 -27.23
CA VAL B 9 14.87 -14.44 -27.60
C VAL B 9 14.25 -15.18 -26.42
N MET B 10 14.24 -14.58 -25.24
CA MET B 10 13.57 -15.11 -24.06
C MET B 10 13.14 -13.92 -23.21
N PRO B 11 12.41 -14.14 -22.10
CA PRO B 11 11.80 -13.01 -21.39
C PRO B 11 12.80 -11.92 -21.01
N VAL B 12 12.36 -10.66 -21.18
CA VAL B 12 13.23 -9.51 -20.92
C VAL B 12 12.85 -8.72 -19.68
N ASN B 13 11.75 -9.05 -19.00
CA ASN B 13 11.29 -8.17 -17.93
C ASN B 13 12.36 -7.96 -16.88
N GLN B 14 12.95 -9.05 -16.37
CA GLN B 14 13.95 -8.91 -15.32
C GLN B 14 15.21 -8.22 -15.84
N SER B 15 15.59 -8.49 -17.08
CA SER B 15 16.79 -7.86 -17.61
C SER B 15 16.64 -6.36 -17.75
N ILE B 16 15.48 -5.91 -18.21
CA ILE B 16 15.27 -4.48 -18.36
C ILE B 16 15.31 -3.81 -16.99
N TYR B 17 14.62 -4.41 -16.03
CA TYR B 17 14.68 -3.96 -14.64
C TYR B 17 16.12 -3.87 -14.15
N ASP B 18 16.91 -4.91 -14.40
CA ASP B 18 18.31 -4.90 -13.97
C ASP B 18 19.09 -3.78 -14.64
N ALA B 19 18.90 -3.62 -15.97
CA ALA B 19 19.61 -2.56 -16.68
C ALA B 19 19.22 -1.18 -16.16
N LEU B 20 17.93 -0.99 -15.87
CA LEU B 20 17.50 0.28 -15.31
C LEU B 20 18.10 0.52 -13.93
N THR B 21 18.32 -0.53 -13.13
CA THR B 21 18.89 -0.24 -11.81
C THR B 21 20.32 0.26 -11.92
N VAL B 22 21.05 -0.16 -12.97
CA VAL B 22 22.40 0.38 -13.14
C VAL B 22 22.42 1.67 -13.97
N LEU B 23 21.29 2.10 -14.52
CA LEU B 23 21.15 3.45 -15.04
C LEU B 23 20.38 4.37 -14.08
N GLN B 24 20.10 3.90 -12.85
CA GLN B 24 19.23 4.63 -11.92
C GLN B 24 19.77 6.01 -11.60
N HIS B 25 21.09 6.20 -11.69
CA HIS B 25 21.67 7.51 -11.42
C HIS B 25 21.24 8.55 -12.46
N ARG B 26 20.72 8.11 -13.61
CA ARG B 26 20.27 9.03 -14.63
C ARG B 26 18.87 9.56 -14.36
N GLY B 27 18.24 9.14 -13.28
CA GLY B 27 16.93 9.67 -12.95
C GLY B 27 16.21 8.84 -11.92
N GLN B 28 15.90 9.43 -10.78
CA GLN B 28 15.26 8.70 -9.70
C GLN B 28 13.80 9.03 -9.50
N ASP B 29 13.25 9.92 -10.33
CA ASP B 29 11.90 10.39 -10.06
C ASP B 29 10.83 9.39 -10.47
N ALA B 30 11.03 8.67 -11.57
CA ALA B 30 10.03 7.73 -12.05
C ALA B 30 10.71 6.70 -12.93
N ALA B 31 10.01 5.59 -13.17
CA ALA B 31 10.49 4.50 -13.99
C ALA B 31 9.33 3.84 -14.70
N GLY B 32 9.60 3.34 -15.90
CA GLY B 32 8.60 2.61 -16.66
C GLY B 32 9.20 1.51 -17.52
N ILE B 33 8.49 0.40 -17.65
CA ILE B 33 8.86 -0.69 -18.54
C ILE B 33 7.63 -1.10 -19.34
N ILE B 34 7.81 -1.35 -20.62
CA ILE B 34 6.74 -1.84 -21.48
C ILE B 34 7.32 -2.94 -22.34
N THR B 35 6.60 -4.05 -22.42
CA THR B 35 6.98 -5.17 -23.26
C THR B 35 5.90 -5.39 -24.30
N ILE B 36 6.25 -6.18 -25.32
CA ILE B 36 5.29 -6.76 -26.24
C ILE B 36 5.19 -8.23 -25.92
N ASP B 37 3.98 -8.71 -25.68
CA ASP B 37 3.78 -10.07 -25.23
C ASP B 37 3.47 -10.98 -26.43
N ALA B 38 3.18 -12.25 -26.13
CA ALA B 38 2.97 -13.24 -27.19
C ALA B 38 1.72 -12.96 -28.00
N ASN B 39 0.80 -12.14 -27.48
CA ASN B 39 -0.41 -11.75 -28.19
C ASN B 39 -0.22 -10.48 -29.01
N ASN B 40 1.01 -10.00 -29.11
CA ASN B 40 1.30 -8.74 -29.80
C ASN B 40 0.54 -7.58 -29.17
N CYS B 41 0.52 -7.55 -27.85
CA CYS B 41 -0.04 -6.43 -27.11
C CYS B 41 0.99 -5.86 -26.14
N PHE B 42 0.89 -4.55 -25.91
CA PHE B 42 1.77 -3.86 -24.99
C PHE B 42 1.40 -4.19 -23.55
N ARG B 43 2.40 -4.48 -22.73
CA ARG B 43 2.23 -4.62 -21.29
C ARG B 43 3.08 -3.56 -20.62
N LEU B 44 2.47 -2.78 -19.73
CA LEU B 44 3.13 -1.59 -19.20
C LEU B 44 3.04 -1.56 -17.69
N ARG B 45 4.13 -1.10 -17.07
CA ARG B 45 4.10 -0.61 -15.70
C ARG B 45 4.99 0.61 -15.64
N LYS B 46 4.44 1.72 -15.15
CA LYS B 46 5.22 2.92 -14.84
C LYS B 46 4.60 3.60 -13.62
N ALA B 47 5.41 4.39 -12.94
CA ALA B 47 5.01 5.03 -11.70
C ALA B 47 6.17 5.87 -11.20
N ASN B 48 5.85 6.83 -10.33
CA ASN B 48 6.88 7.58 -9.63
C ASN B 48 7.69 6.67 -8.71
N GLY B 49 8.95 7.06 -8.51
CA GLY B 49 9.81 6.40 -7.55
C GLY B 49 11.03 5.78 -8.21
N LEU B 50 11.80 5.09 -7.37
CA LEU B 50 12.95 4.32 -7.82
C LEU B 50 12.49 3.01 -8.47
N VAL B 51 13.36 2.46 -9.31
CA VAL B 51 13.06 1.21 -10.00
C VAL B 51 12.66 0.12 -8.99
N SER B 52 13.42 0.01 -7.90
CA SER B 52 13.18 -1.07 -6.95
C SER B 52 11.86 -0.90 -6.20
N ASP B 53 11.29 0.30 -6.19
CA ASP B 53 9.96 0.51 -5.62
C ASP B 53 8.84 0.39 -6.65
N VAL B 54 9.11 0.77 -7.91
CA VAL B 54 8.05 0.86 -8.92
C VAL B 54 7.55 -0.52 -9.31
N PHE B 55 8.45 -1.48 -9.42
CA PHE B 55 8.14 -2.78 -10.00
C PHE B 55 8.10 -3.81 -8.89
N GLU B 56 6.92 -4.37 -8.67
CA GLU B 56 6.71 -5.44 -7.70
C GLU B 56 6.41 -6.73 -8.45
N ALA B 57 6.35 -7.83 -7.71
CA ALA B 57 6.24 -9.14 -8.34
C ALA B 57 5.05 -9.19 -9.30
N ARG B 58 3.91 -8.62 -8.89
CA ARG B 58 2.73 -8.64 -9.74
C ARG B 58 2.96 -7.89 -11.04
N HIS B 59 3.73 -6.81 -11.02
CA HIS B 59 3.95 -6.07 -12.25
C HIS B 59 4.88 -6.83 -13.18
N MET B 60 5.87 -7.52 -12.63
CA MET B 60 6.75 -8.33 -13.46
C MET B 60 5.98 -9.49 -14.10
N GLN B 61 5.04 -10.09 -13.37
CA GLN B 61 4.19 -11.14 -13.95
C GLN B 61 3.44 -10.61 -15.17
N ARG B 62 3.07 -9.32 -15.13
CA ARG B 62 2.35 -8.68 -16.22
C ARG B 62 3.24 -8.43 -17.43
N LEU B 63 4.53 -8.17 -17.21
CA LEU B 63 5.41 -7.69 -18.27
C LEU B 63 6.01 -8.87 -19.03
N GLN B 64 5.14 -9.57 -19.74
CA GLN B 64 5.52 -10.77 -20.48
C GLN B 64 6.06 -10.41 -21.85
N GLY B 65 6.93 -11.25 -22.38
CA GLY B 65 7.42 -11.11 -23.74
C GLY B 65 8.93 -11.03 -23.81
N ASN B 66 9.40 -11.07 -25.07
CA ASN B 66 10.82 -11.16 -25.39
C ASN B 66 11.39 -9.87 -25.95
N MET B 67 10.64 -8.77 -25.88
CA MET B 67 11.11 -7.48 -26.38
C MET B 67 10.47 -6.41 -25.52
N GLY B 68 11.26 -5.42 -25.11
CA GLY B 68 10.73 -4.37 -24.26
C GLY B 68 11.67 -3.20 -24.16
N ILE B 69 11.13 -2.10 -23.66
CA ILE B 69 11.93 -0.91 -23.40
C ILE B 69 11.68 -0.44 -21.96
N GLY B 70 12.63 0.35 -21.47
CA GLY B 70 12.53 0.90 -20.14
C GLY B 70 13.06 2.32 -20.10
N HIS B 71 12.67 3.03 -19.05
CA HIS B 71 12.97 4.45 -18.90
C HIS B 71 13.10 4.77 -17.41
N VAL B 72 14.10 5.57 -17.06
CA VAL B 72 14.14 6.22 -15.76
C VAL B 72 14.14 7.72 -15.97
N ARG B 73 13.35 8.43 -15.16
CA ARG B 73 13.10 9.85 -15.37
C ARG B 73 13.81 10.70 -14.33
N TYR B 74 14.53 11.68 -14.82
CA TYR B 74 15.00 12.81 -14.06
C TYR B 74 14.03 13.95 -14.34
N PRO B 75 13.38 14.57 -13.36
CA PRO B 75 12.39 15.60 -13.69
C PRO B 75 13.01 16.70 -14.51
N THR B 76 12.34 17.07 -15.61
CA THR B 76 12.75 18.18 -16.46
C THR B 76 11.53 19.05 -16.76
N ALA B 77 11.79 20.29 -17.21
CA ALA B 77 10.70 21.20 -17.54
C ALA B 77 9.74 20.56 -18.54
N GLY B 78 8.46 20.50 -18.17
CA GLY B 78 7.45 19.84 -18.95
C GLY B 78 7.16 18.43 -18.52
N SER B 79 8.14 17.75 -17.93
CA SER B 79 7.97 16.41 -17.37
C SER B 79 8.32 16.46 -15.89
N SER B 80 7.46 17.10 -15.11
CA SER B 80 7.65 17.23 -13.67
C SER B 80 7.35 15.92 -12.96
N SER B 81 7.79 15.84 -11.70
CA SER B 81 7.45 14.70 -10.87
C SER B 81 5.94 14.44 -10.83
N ALA B 82 5.15 15.52 -10.80
CA ALA B 82 3.71 15.35 -10.70
C ALA B 82 3.07 14.83 -11.99
N SER B 83 3.82 14.68 -13.06
CA SER B 83 3.22 14.33 -14.34
C SER B 83 3.42 12.85 -14.68
N GLU B 84 2.77 12.46 -15.78
CA GLU B 84 2.85 11.09 -16.27
C GLU B 84 4.28 10.76 -16.71
N ALA B 85 4.71 9.55 -16.34
CA ALA B 85 6.03 9.05 -16.65
C ALA B 85 6.06 8.44 -18.05
N GLN B 86 7.28 8.11 -18.49
CA GLN B 86 7.52 7.35 -19.71
C GLN B 86 7.64 5.87 -19.39
N PRO B 87 7.48 4.98 -20.38
CA PRO B 87 7.18 5.33 -21.78
C PRO B 87 5.71 5.64 -22.05
N PHE B 88 5.50 6.39 -23.10
CA PHE B 88 4.18 6.60 -23.68
C PHE B 88 3.97 5.63 -24.83
N TYR B 89 2.71 5.39 -25.16
CA TYR B 89 2.41 4.66 -26.39
C TYR B 89 1.15 5.20 -27.02
N VAL B 90 1.02 4.93 -28.32
CA VAL B 90 -0.19 5.23 -29.06
C VAL B 90 -0.62 3.96 -29.78
N ASN B 91 -1.92 3.81 -29.95
CA ASN B 91 -2.50 2.64 -30.59
C ASN B 91 -2.57 2.77 -32.11
N SER B 92 -2.11 3.88 -32.69
CA SER B 92 -2.22 3.95 -34.14
C SER B 92 -1.21 4.91 -34.73
N PRO B 93 -0.60 4.57 -35.88
CA PRO B 93 -0.80 3.27 -36.56
C PRO B 93 -0.05 2.12 -35.89
N TYR B 94 -0.60 0.90 -35.96
CA TYR B 94 0.04 -0.36 -35.61
C TYR B 94 0.22 -0.55 -34.09
N GLY B 95 0.49 0.52 -33.36
CA GLY B 95 0.85 0.39 -31.97
C GLY B 95 2.33 0.70 -31.78
N ILE B 96 2.63 1.84 -31.20
CA ILE B 96 3.99 2.36 -31.10
C ILE B 96 4.20 2.84 -29.67
N THR B 97 5.39 2.57 -29.13
CA THR B 97 5.79 3.13 -27.84
C THR B 97 7.22 3.61 -27.95
N LEU B 98 7.55 4.60 -27.13
CA LEU B 98 8.81 5.31 -27.26
C LEU B 98 9.24 5.79 -25.88
N ALA B 99 10.53 5.69 -25.61
CA ALA B 99 11.16 6.31 -24.44
C ALA B 99 12.33 7.17 -24.92
N HIS B 100 12.61 8.28 -24.21
CA HIS B 100 13.61 9.19 -24.74
C HIS B 100 14.24 9.99 -23.61
N ASN B 101 15.54 10.22 -23.84
CA ASN B 101 16.40 11.08 -23.06
C ASN B 101 16.80 12.28 -23.93
N GLY B 102 16.33 13.45 -23.53
CA GLY B 102 16.66 14.65 -24.26
C GLY B 102 15.58 15.71 -24.09
N ASN B 103 15.48 16.58 -25.09
CA ASN B 103 14.51 17.67 -25.06
C ASN B 103 14.38 18.26 -26.46
N LEU B 104 13.15 18.55 -26.86
CA LEU B 104 12.88 19.13 -28.17
C LEU B 104 12.74 20.64 -28.01
N THR B 105 13.53 21.39 -28.77
CA THR B 105 13.49 22.84 -28.63
C THR B 105 12.33 23.48 -29.38
N ASN B 106 11.64 22.74 -30.26
CA ASN B 106 10.46 23.27 -30.96
C ASN B 106 9.20 22.50 -30.58
N ALA B 107 9.16 21.98 -29.35
CA ALA B 107 7.98 21.29 -28.85
C ALA B 107 6.70 22.06 -29.14
N HIS B 108 6.69 23.35 -28.78
CA HIS B 108 5.47 24.16 -28.89
C HIS B 108 4.95 24.17 -30.31
N GLU B 109 5.81 24.50 -31.29
CA GLU B 109 5.47 24.44 -32.70
C GLU B 109 4.96 23.06 -33.12
N LEU B 110 5.62 22.00 -32.63
CA LEU B 110 5.22 20.66 -33.05
C LEU B 110 3.82 20.32 -32.53
N ARG B 111 3.54 20.68 -31.29
CA ARG B 111 2.21 20.46 -30.71
C ARG B 111 1.14 21.06 -31.60
N LYS B 112 1.33 22.32 -32.00
CA LYS B 112 0.36 23.00 -32.86
C LYS B 112 0.20 22.29 -34.19
N LYS B 113 1.30 21.88 -34.82
CA LYS B 113 1.18 21.23 -36.12
C LYS B 113 0.53 19.87 -35.99
N LEU B 114 0.84 19.12 -34.94
CA LEU B 114 0.14 17.86 -34.70
C LEU B 114 -1.36 18.08 -34.61
N PHE B 115 -1.78 19.12 -33.89
CA PHE B 115 -3.21 19.37 -33.74
C PHE B 115 -3.83 19.82 -35.06
N GLU B 116 -3.26 20.87 -35.67
CA GLU B 116 -3.88 21.47 -36.84
C GLU B 116 -3.91 20.51 -38.03
N GLU B 117 -2.82 19.77 -38.25
CA GLU B 117 -2.72 18.96 -39.46
C GLU B 117 -3.18 17.53 -39.28
N LYS B 118 -3.07 16.97 -38.09
CA LYS B 118 -3.38 15.57 -37.87
C LYS B 118 -4.47 15.36 -36.85
N ARG B 119 -4.92 16.41 -36.17
CA ARG B 119 -5.92 16.26 -35.12
C ARG B 119 -5.42 15.28 -34.07
N ARG B 120 -4.10 15.31 -33.82
CA ARG B 120 -3.47 14.49 -32.80
C ARG B 120 -3.34 15.30 -31.52
N HIS B 121 -4.09 14.89 -30.50
CA HIS B 121 -4.06 15.50 -29.19
C HIS B 121 -2.85 15.00 -28.40
N ILE B 122 -2.18 15.92 -27.74
CA ILE B 122 -1.10 15.61 -26.80
C ILE B 122 -1.65 15.86 -25.40
N ASN B 123 -1.65 14.83 -24.57
CA ASN B 123 -2.38 14.96 -23.30
C ASN B 123 -1.52 15.44 -22.14
N THR B 124 -0.21 15.47 -22.28
CA THR B 124 0.69 15.92 -21.23
C THR B 124 1.55 17.04 -21.79
N THR B 125 2.45 17.56 -20.97
CA THR B 125 3.41 18.54 -21.48
C THR B 125 4.77 17.91 -21.76
N SER B 126 4.84 16.58 -21.84
CA SER B 126 6.10 15.90 -22.09
C SER B 126 6.44 15.95 -23.57
N ASP B 127 7.62 16.45 -23.89
CA ASP B 127 8.08 16.42 -25.27
C ASP B 127 8.26 15.01 -25.79
N SER B 128 8.34 14.01 -24.90
CA SER B 128 8.44 12.63 -25.34
C SER B 128 7.17 12.19 -26.03
N GLU B 129 6.00 12.62 -25.52
CA GLU B 129 4.73 12.32 -26.16
C GLU B 129 4.63 12.99 -27.52
N ILE B 130 5.08 14.23 -27.63
CA ILE B 130 5.18 14.92 -28.91
C ILE B 130 6.03 14.10 -29.88
N LEU B 131 7.23 13.71 -29.44
CA LEU B 131 8.15 12.99 -30.32
C LEU B 131 7.52 11.71 -30.82
N LEU B 132 6.89 10.95 -29.91
CA LEU B 132 6.14 9.76 -30.29
C LEU B 132 5.09 10.07 -31.35
N ASN B 133 4.40 11.20 -31.22
CA ASN B 133 3.29 11.47 -32.12
C ASN B 133 3.76 11.94 -33.49
N ILE B 134 4.89 12.66 -33.55
CA ILE B 134 5.51 12.94 -34.85
C ILE B 134 5.89 11.65 -35.55
N PHE B 135 6.64 10.79 -34.85
CA PHE B 135 7.07 9.51 -35.40
C PHE B 135 5.86 8.70 -35.88
N ALA B 136 4.82 8.59 -35.05
CA ALA B 136 3.61 7.88 -35.45
C ALA B 136 2.97 8.53 -36.66
N SER B 137 2.98 9.86 -36.72
CA SER B 137 2.39 10.57 -37.85
C SER B 137 3.08 10.18 -39.14
N GLU B 138 4.41 10.16 -39.14
CA GLU B 138 5.17 9.78 -40.33
C GLU B 138 5.00 8.30 -40.66
N LEU B 139 4.79 7.45 -39.66
CA LEU B 139 4.58 6.04 -39.94
C LEU B 139 3.20 5.79 -40.53
N ASP B 140 2.25 6.69 -40.27
CA ASP B 140 0.88 6.55 -40.71
C ASP B 140 0.70 6.82 -42.19
N ASN B 141 1.74 7.32 -42.87
CA ASN B 141 1.68 7.59 -44.30
C ASN B 141 1.74 6.32 -45.15
N PHE B 142 2.03 5.17 -44.56
CA PHE B 142 2.19 3.95 -45.34
C PHE B 142 0.91 3.13 -45.31
N ARG B 143 0.55 2.59 -46.48
CA ARG B 143 -0.67 1.82 -46.63
C ARG B 143 -0.37 0.33 -46.54
N HIS B 144 0.55 -0.17 -47.36
CA HIS B 144 0.87 -1.59 -47.37
C HIS B 144 1.23 -2.13 -46.00
N TYR B 145 1.13 -3.46 -45.85
CA TYR B 145 1.51 -4.11 -44.62
C TYR B 145 2.17 -5.45 -44.87
N PRO B 146 3.31 -5.74 -44.20
CA PRO B 146 3.90 -4.94 -43.13
C PRO B 146 4.74 -3.79 -43.64
N LEU B 147 5.09 -2.89 -42.73
CA LEU B 147 6.14 -1.94 -43.01
C LEU B 147 7.44 -2.68 -43.26
N GLU B 148 8.23 -2.15 -44.19
CA GLU B 148 9.57 -2.64 -44.45
C GLU B 148 10.57 -1.72 -43.75
N ALA B 149 11.77 -2.24 -43.51
CA ALA B 149 12.79 -1.44 -42.85
C ALA B 149 12.93 -0.06 -43.49
N ASP B 150 12.77 0.02 -44.83
CA ASP B 150 12.94 1.32 -45.49
C ASP B 150 11.83 2.30 -45.11
N ASN B 151 10.61 1.79 -44.95
CA ASN B 151 9.51 2.64 -44.48
C ASN B 151 9.83 3.22 -43.11
N ILE B 152 10.33 2.39 -42.20
CA ILE B 152 10.58 2.84 -40.85
C ILE B 152 11.71 3.86 -40.82
N PHE B 153 12.80 3.59 -41.55
CA PHE B 153 13.88 4.56 -41.60
C PHE B 153 13.46 5.85 -42.30
N ALA B 154 12.55 5.77 -43.27
CA ALA B 154 12.08 6.99 -43.94
C ALA B 154 11.28 7.86 -42.98
N ALA B 155 10.50 7.25 -42.09
CA ALA B 155 9.73 8.03 -41.13
C ALA B 155 10.62 8.63 -40.07
N ILE B 156 11.66 7.90 -39.66
CA ILE B 156 12.66 8.48 -38.77
C ILE B 156 13.34 9.66 -39.44
N ALA B 157 13.75 9.50 -40.70
CA ALA B 157 14.34 10.63 -41.41
C ALA B 157 13.40 11.82 -41.44
N ALA B 158 12.13 11.58 -41.77
CA ALA B 158 11.13 12.64 -41.75
C ALA B 158 11.04 13.28 -40.36
N THR B 159 10.94 12.45 -39.32
CA THR B 159 10.91 12.96 -37.95
C THR B 159 12.09 13.89 -37.68
N ASN B 160 13.31 13.46 -38.05
CA ASN B 160 14.49 14.29 -37.77
C ASN B 160 14.41 15.64 -38.49
N ARG B 161 13.73 15.72 -39.64
CA ARG B 161 13.62 17.01 -40.31
C ARG B 161 12.63 17.93 -39.60
N LEU B 162 11.66 17.35 -38.90
CA LEU B 162 10.64 18.16 -38.25
C LEU B 162 11.02 18.57 -36.85
N ILE B 163 11.66 17.70 -36.08
CA ILE B 163 11.94 18.00 -34.69
C ILE B 163 13.34 18.57 -34.59
N ARG B 164 13.56 19.39 -33.58
CA ARG B 164 14.90 19.88 -33.27
C ARG B 164 15.15 19.75 -31.77
N GLY B 165 16.42 19.59 -31.43
CA GLY B 165 16.83 19.54 -30.04
C GLY B 165 17.87 18.46 -29.85
N ALA B 166 17.73 17.69 -28.78
CA ALA B 166 18.65 16.59 -28.50
C ALA B 166 17.85 15.38 -28.06
N TYR B 167 18.28 14.20 -28.49
CA TYR B 167 17.52 13.01 -28.16
C TYR B 167 18.23 11.70 -28.47
N ALA B 168 18.17 10.79 -27.51
CA ALA B 168 18.38 9.36 -27.71
C ALA B 168 17.05 8.68 -27.46
N CYS B 169 16.59 7.90 -28.42
CA CYS B 169 15.27 7.29 -28.37
C CYS B 169 15.35 5.80 -28.63
N VAL B 170 14.52 5.04 -27.93
CA VAL B 170 14.23 3.66 -28.25
C VAL B 170 12.72 3.55 -28.33
N ALA B 171 12.24 2.72 -29.25
CA ALA B 171 10.82 2.59 -29.54
C ALA B 171 10.57 1.18 -30.00
N MET B 172 9.30 0.77 -29.93
CA MET B 172 8.87 -0.50 -30.49
C MET B 172 7.61 -0.29 -31.29
N ILE B 173 7.48 -1.06 -32.37
CA ILE B 173 6.31 -1.03 -33.24
C ILE B 173 5.74 -2.44 -33.27
N ILE B 174 4.51 -2.59 -32.78
CA ILE B 174 3.89 -3.90 -32.77
C ILE B 174 3.94 -4.53 -34.16
N GLY B 175 4.19 -5.83 -34.18
CA GLY B 175 4.28 -6.57 -35.43
C GLY B 175 5.51 -6.29 -36.24
N HIS B 176 6.46 -5.52 -35.72
CA HIS B 176 7.63 -5.17 -36.51
C HIS B 176 8.92 -5.30 -35.72
N GLY B 177 9.07 -4.53 -34.64
CA GLY B 177 10.21 -4.67 -33.77
C GLY B 177 10.67 -3.35 -33.18
N MET B 178 11.93 -3.32 -32.81
CA MET B 178 12.52 -2.28 -31.99
C MET B 178 13.35 -1.34 -32.83
N VAL B 179 13.16 -0.04 -32.62
CA VAL B 179 14.01 0.95 -33.25
C VAL B 179 14.66 1.81 -32.17
N ALA B 180 15.84 2.32 -32.50
CA ALA B 180 16.55 3.29 -31.66
C ALA B 180 17.21 4.28 -32.61
N PHE B 181 17.34 5.52 -32.15
CA PHE B 181 17.97 6.54 -32.98
C PHE B 181 18.40 7.71 -32.11
N ARG B 182 19.29 8.51 -32.67
CA ARG B 182 20.05 9.55 -31.96
C ARG B 182 19.99 10.83 -32.78
N ASP B 183 19.97 11.98 -32.07
CA ASP B 183 19.85 13.26 -32.74
C ASP B 183 21.05 13.49 -33.67
N PRO B 184 20.87 14.36 -34.66
CA PRO B 184 21.92 14.56 -35.68
C PRO B 184 23.18 15.24 -35.15
N ASN B 185 23.17 15.74 -33.93
CA ASN B 185 24.38 16.29 -33.32
C ASN B 185 24.99 15.34 -32.30
N GLY B 186 24.48 14.12 -32.21
CA GLY B 186 25.01 13.18 -31.24
C GLY B 186 25.13 13.73 -29.85
N ILE B 187 24.12 14.49 -29.40
CA ILE B 187 24.25 15.16 -28.11
C ILE B 187 24.02 14.18 -26.97
N ARG B 188 22.93 13.41 -27.03
CA ARG B 188 22.57 12.48 -25.95
C ARG B 188 23.13 11.09 -26.22
N PRO B 189 23.58 10.39 -25.19
CA PRO B 189 24.30 9.14 -25.40
C PRO B 189 23.42 7.94 -25.65
N LEU B 190 23.95 7.03 -26.46
CA LEU B 190 23.25 5.80 -26.86
C LEU B 190 24.24 4.79 -27.42
N VAL B 191 24.24 3.57 -26.89
CA VAL B 191 25.14 2.51 -27.33
C VAL B 191 24.34 1.26 -27.67
N LEU B 192 24.97 0.41 -28.49
CA LEU B 192 24.39 -0.82 -29.02
C LEU B 192 25.26 -2.00 -28.63
N GLY B 193 24.62 -3.09 -28.18
CA GLY B 193 25.33 -4.29 -27.80
C GLY B 193 24.55 -5.52 -28.25
N LYS B 194 25.21 -6.68 -28.09
CA LYS B 194 24.66 -7.95 -28.56
C LYS B 194 25.03 -9.06 -27.60
N ARG B 195 24.23 -10.12 -27.59
CA ARG B 195 24.45 -11.30 -26.75
C ARG B 195 24.14 -12.51 -27.61
N ASP B 196 25.16 -13.27 -27.98
CA ASP B 196 24.98 -14.43 -28.82
C ASP B 196 24.42 -15.57 -27.98
N ILE B 197 23.31 -16.15 -28.43
CA ILE B 197 22.67 -17.26 -27.74
C ILE B 197 23.09 -18.60 -28.34
N ASP B 198 23.13 -18.67 -29.66
CA ASP B 198 23.56 -19.85 -30.40
C ASP B 198 23.77 -19.43 -31.86
N GLU B 199 24.06 -20.42 -32.70
CA GLU B 199 24.45 -20.15 -34.08
C GLU B 199 23.46 -19.24 -34.80
N ASN B 200 22.18 -19.33 -34.45
CA ASN B 200 21.15 -18.65 -35.22
C ASN B 200 20.48 -17.52 -34.43
N ARG B 201 20.65 -17.47 -33.11
CA ARG B 201 19.94 -16.50 -32.28
C ARG B 201 20.92 -15.55 -31.60
N THR B 202 20.78 -14.27 -31.91
CA THR B 202 21.47 -13.19 -31.22
C THR B 202 20.43 -12.23 -30.65
N GLU B 203 20.66 -11.82 -29.41
CA GLU B 203 19.88 -10.75 -28.81
C GLU B 203 20.62 -9.43 -29.01
N TYR B 204 19.85 -8.35 -29.08
CA TYR B 204 20.43 -7.02 -29.18
C TYR B 204 19.86 -6.12 -28.09
N MET B 205 20.63 -5.10 -27.71
CA MET B 205 20.13 -4.12 -26.77
C MET B 205 20.79 -2.78 -26.99
N VAL B 206 20.06 -1.73 -26.60
CA VAL B 206 20.54 -0.36 -26.62
C VAL B 206 20.30 0.23 -25.24
N ALA B 207 21.19 1.15 -24.86
CA ALA B 207 21.10 1.80 -23.56
C ALA B 207 21.80 3.14 -23.61
N SER B 208 21.42 4.01 -22.67
CA SER B 208 22.08 5.30 -22.55
C SER B 208 23.57 5.14 -22.28
N GLU B 209 23.94 4.14 -21.47
CA GLU B 209 25.32 3.97 -21.03
C GLU B 209 25.73 2.51 -21.11
N SER B 210 26.99 2.28 -21.49
CA SER B 210 27.50 0.94 -21.69
C SER B 210 27.46 0.06 -20.44
N VAL B 211 27.42 0.65 -19.24
CA VAL B 211 27.34 -0.18 -18.05
C VAL B 211 26.07 -1.03 -18.06
N ALA B 212 25.02 -0.57 -18.76
CA ALA B 212 23.82 -1.39 -18.86
C ALA B 212 24.08 -2.67 -19.64
N LEU B 213 24.92 -2.60 -20.69
CA LEU B 213 25.26 -3.82 -21.42
C LEU B 213 26.17 -4.70 -20.57
N ASP B 214 27.18 -4.11 -19.94
CA ASP B 214 28.09 -4.88 -19.09
C ASP B 214 27.35 -5.72 -18.06
N THR B 215 26.42 -5.09 -17.32
CA THR B 215 25.81 -5.78 -16.19
C THR B 215 24.95 -6.96 -16.65
N LEU B 216 24.52 -6.97 -17.90
CA LEU B 216 23.73 -8.07 -18.46
C LEU B 216 24.56 -9.04 -19.29
N GLY B 217 25.86 -8.81 -19.40
CA GLY B 217 26.69 -9.69 -20.20
C GLY B 217 26.50 -9.54 -21.69
N PHE B 218 26.05 -8.38 -22.15
CA PHE B 218 26.02 -8.08 -23.58
C PHE B 218 27.38 -7.59 -24.03
N ASP B 219 27.80 -7.99 -25.23
CA ASP B 219 29.03 -7.48 -25.80
C ASP B 219 28.79 -6.10 -26.39
N PHE B 220 29.62 -5.15 -26.01
CA PHE B 220 29.58 -3.82 -26.61
C PHE B 220 29.85 -3.90 -28.10
N LEU B 221 28.96 -3.32 -28.91
CA LEU B 221 29.23 -3.21 -30.33
C LEU B 221 29.76 -1.82 -30.68
N ARG B 222 28.94 -0.79 -30.51
CA ARG B 222 29.43 0.57 -30.73
C ARG B 222 28.40 1.58 -30.23
N ASP B 223 28.82 2.84 -30.18
CA ASP B 223 27.86 3.92 -30.06
C ASP B 223 26.98 3.95 -31.30
N VAL B 224 25.69 4.23 -31.11
CA VAL B 224 24.86 4.67 -32.22
C VAL B 224 25.40 6.00 -32.72
N ALA B 225 25.59 6.11 -34.04
CA ALA B 225 26.20 7.29 -34.60
C ALA B 225 25.21 8.46 -34.60
N PRO B 226 25.70 9.69 -34.58
CA PRO B 226 24.78 10.84 -34.73
C PRO B 226 23.90 10.64 -35.95
N GLY B 227 22.60 10.84 -35.76
CA GLY B 227 21.64 10.72 -36.84
C GLY B 227 21.28 9.31 -37.24
N GLU B 228 21.98 8.30 -36.74
CA GLU B 228 21.73 6.92 -37.14
C GLU B 228 20.48 6.36 -36.47
N ALA B 229 19.81 5.46 -37.18
CA ALA B 229 18.77 4.64 -36.60
C ALA B 229 19.14 3.16 -36.71
N ILE B 230 18.66 2.39 -35.73
CA ILE B 230 18.77 0.95 -35.66
C ILE B 230 17.37 0.37 -35.70
N TYR B 231 17.18 -0.74 -36.41
CA TYR B 231 15.90 -1.46 -36.39
C TYR B 231 16.18 -2.94 -36.24
N ILE B 232 15.65 -3.55 -35.18
CA ILE B 232 15.81 -4.98 -34.92
C ILE B 232 14.45 -5.63 -35.05
N THR B 233 14.33 -6.56 -35.99
CA THR B 233 13.06 -7.20 -36.21
C THR B 233 12.72 -8.16 -35.07
N GLU B 234 11.44 -8.53 -35.02
CA GLU B 234 11.01 -9.54 -34.06
C GLU B 234 11.73 -10.86 -34.26
N GLU B 235 12.17 -11.14 -35.49
CA GLU B 235 12.91 -12.34 -35.80
C GLU B 235 14.41 -12.19 -35.55
N GLY B 236 14.86 -11.01 -35.14
CA GLY B 236 16.24 -10.83 -34.75
C GLY B 236 17.19 -10.34 -35.84
N GLN B 237 16.69 -9.83 -36.95
CA GLN B 237 17.57 -9.22 -37.95
C GLN B 237 17.85 -7.76 -37.58
N LEU B 238 19.12 -7.37 -37.69
CA LEU B 238 19.55 -6.02 -37.41
C LEU B 238 19.69 -5.22 -38.71
N PHE B 239 19.03 -4.07 -38.77
CA PHE B 239 19.28 -3.10 -39.82
C PHE B 239 19.79 -1.80 -39.20
N THR B 240 20.62 -1.07 -39.95
CA THR B 240 21.04 0.26 -39.53
C THR B 240 20.92 1.21 -40.72
N ARG B 241 20.87 2.50 -40.42
CA ARG B 241 20.72 3.49 -41.49
C ARG B 241 20.91 4.88 -40.93
N GLN B 242 21.62 5.71 -41.69
CA GLN B 242 21.75 7.13 -41.39
C GLN B 242 20.46 7.82 -41.80
N CYS B 243 19.86 8.57 -40.87
CA CYS B 243 18.58 9.20 -41.15
C CYS B 243 18.62 10.70 -40.89
N ALA B 244 19.80 11.30 -40.87
CA ALA B 244 19.93 12.74 -40.76
C ALA B 244 20.84 13.27 -41.86
N ASP B 245 20.58 14.52 -42.23
CA ASP B 245 21.48 15.29 -43.07
C ASP B 245 22.64 15.84 -42.23
N ASN B 246 23.81 15.93 -42.85
CA ASN B 246 25.01 16.48 -42.24
C ASN B 246 25.15 16.07 -40.77
N PRO B 247 25.09 14.77 -40.46
CA PRO B 247 25.29 14.34 -39.07
C PRO B 247 26.66 14.80 -38.57
N VAL B 248 26.72 15.11 -37.28
CA VAL B 248 27.99 15.45 -36.65
C VAL B 248 27.95 15.03 -35.19
N SER B 249 29.13 14.77 -34.62
CA SER B 249 29.24 14.31 -33.25
C SER B 249 29.64 15.47 -32.35
N ASN B 250 28.68 15.91 -31.52
CA ASN B 250 28.87 16.97 -30.53
C ASN B 250 28.40 16.45 -29.17
N PRO B 251 29.13 15.51 -28.56
CA PRO B 251 28.63 14.92 -27.31
C PRO B 251 28.50 15.96 -26.20
N CYS B 252 27.51 15.74 -25.33
CA CYS B 252 27.29 16.61 -24.18
C CYS B 252 28.46 16.48 -23.20
N LEU B 253 29.04 17.62 -22.84
CA LEU B 253 30.17 17.65 -21.92
C LEU B 253 29.74 17.32 -20.50
N PHE B 254 28.49 17.61 -20.14
CA PHE B 254 28.03 17.35 -18.78
C PHE B 254 27.98 15.86 -18.46
N GLU B 255 27.75 15.00 -19.46
CA GLU B 255 27.84 13.56 -19.22
C GLU B 255 29.19 13.21 -18.59
N TYR B 256 30.28 13.80 -19.11
CA TYR B 256 31.61 13.46 -18.62
C TYR B 256 31.90 14.09 -17.27
N VAL B 257 31.47 15.35 -17.08
CA VAL B 257 31.78 16.05 -15.84
C VAL B 257 31.13 15.35 -14.66
N TYR B 258 29.89 14.90 -14.81
CA TYR B 258 29.07 14.57 -13.64
C TYR B 258 27.98 13.54 -13.89
N PHE B 259 27.33 13.58 -15.04
CA PHE B 259 26.03 12.90 -15.10
C PHE B 259 26.16 11.40 -15.27
N ALA B 260 27.14 10.94 -16.05
CA ALA B 260 27.28 9.53 -16.37
C ALA B 260 28.11 8.81 -15.32
N ARG B 261 28.03 7.47 -15.35
CA ARG B 261 28.82 6.67 -14.43
C ARG B 261 30.26 6.58 -14.91
N PRO B 262 31.22 6.52 -13.98
CA PRO B 262 32.63 6.55 -14.41
C PRO B 262 33.04 5.32 -15.20
N ASP B 263 32.39 4.16 -15.02
CA ASP B 263 32.77 2.98 -15.78
C ASP B 263 32.14 2.93 -17.18
N SER B 264 31.48 3.98 -17.64
CA SER B 264 30.92 3.98 -18.98
C SER B 264 31.92 4.51 -20.00
N PHE B 265 31.78 4.04 -21.24
CA PHE B 265 32.49 4.57 -22.41
C PHE B 265 31.46 5.22 -23.33
N ILE B 266 31.51 6.55 -23.42
CA ILE B 266 30.59 7.30 -24.27
C ILE B 266 31.37 7.89 -25.43
N ASP B 267 30.98 7.53 -26.65
CA ASP B 267 31.67 7.97 -27.87
C ASP B 267 33.18 7.73 -27.74
N LYS B 268 33.51 6.51 -27.33
CA LYS B 268 34.86 5.98 -27.20
C LYS B 268 35.66 6.62 -26.09
N ILE B 269 35.02 7.37 -25.20
CA ILE B 269 35.71 8.10 -24.14
C ILE B 269 35.37 7.48 -22.80
N SER B 270 36.38 7.04 -22.07
CA SER B 270 36.17 6.51 -20.72
C SER B 270 35.81 7.68 -19.80
N VAL B 271 34.65 7.61 -19.15
CA VAL B 271 34.23 8.72 -18.31
C VAL B 271 35.20 8.89 -17.15
N TYR B 272 35.64 7.78 -16.56
CA TYR B 272 36.64 7.80 -15.52
C TYR B 272 37.89 8.55 -15.95
N SER B 273 38.45 8.19 -17.11
CA SER B 273 39.72 8.77 -17.51
C SER B 273 39.56 10.25 -17.88
N ALA B 274 38.43 10.61 -18.50
CA ALA B 274 38.13 12.02 -18.72
C ALA B 274 38.16 12.80 -17.42
N ARG B 275 37.60 12.21 -16.35
CA ARG B 275 37.54 12.91 -15.07
C ARG B 275 38.93 13.02 -14.43
N VAL B 276 39.75 11.99 -14.58
CA VAL B 276 41.14 12.11 -14.12
C VAL B 276 41.84 13.22 -14.88
N ASN B 277 41.63 13.30 -16.20
CA ASN B 277 42.26 14.36 -16.98
C ASN B 277 41.76 15.74 -16.53
N MET B 278 40.49 15.85 -16.15
CA MET B 278 40.00 17.11 -15.60
C MET B 278 40.79 17.51 -14.37
N GLY B 279 41.08 16.53 -13.51
CA GLY B 279 41.91 16.82 -12.34
C GLY B 279 43.32 17.24 -12.71
N THR B 280 43.91 16.60 -13.72
CA THR B 280 45.22 17.01 -14.18
C THR B 280 45.20 18.47 -14.62
N LYS B 281 44.25 18.83 -15.47
CA LYS B 281 44.20 20.18 -16.02
C LYS B 281 43.96 21.20 -14.91
N LEU B 282 43.03 20.92 -14.01
CA LEU B 282 42.73 21.84 -12.93
C LEU B 282 43.89 21.93 -11.95
N GLY B 283 44.54 20.79 -11.68
CA GLY B 283 45.71 20.81 -10.82
C GLY B 283 46.81 21.69 -11.39
N GLU B 284 47.04 21.59 -12.71
CA GLU B 284 48.05 22.41 -13.36
C GLU B 284 47.66 23.89 -13.32
N LYS B 285 46.36 24.19 -13.48
CA LYS B 285 45.91 25.58 -13.39
C LYS B 285 46.10 26.12 -11.97
N ILE B 286 45.80 25.31 -10.96
CA ILE B 286 45.98 25.75 -9.58
C ILE B 286 47.46 25.99 -9.28
N ALA B 287 48.34 25.10 -9.74
CA ALA B 287 49.75 25.24 -9.44
C ALA B 287 50.32 26.54 -10.01
N ARG B 288 49.79 26.99 -11.15
CA ARG B 288 50.28 28.18 -11.83
C ARG B 288 49.68 29.46 -11.25
N GLU B 289 48.37 29.48 -11.00
CA GLU B 289 47.70 30.71 -10.61
C GLU B 289 47.64 30.90 -9.10
N TRP B 290 47.73 29.82 -8.32
CA TRP B 290 47.67 29.87 -6.86
C TRP B 290 48.99 29.42 -6.23
N GLU B 291 50.09 29.56 -6.95
CA GLU B 291 51.42 29.23 -6.44
C GLU B 291 51.66 29.83 -5.06
N ASP B 292 51.11 31.01 -4.78
CA ASP B 292 51.42 31.71 -3.53
C ASP B 292 50.55 31.28 -2.36
N LEU B 293 49.49 30.52 -2.60
CA LEU B 293 48.57 30.17 -1.53
C LEU B 293 49.14 29.06 -0.65
N ASP B 294 48.83 29.12 0.64
CA ASP B 294 49.18 28.07 1.58
C ASP B 294 48.02 27.07 1.64
N ILE B 295 48.21 25.89 1.05
CA ILE B 295 47.20 24.83 1.03
C ILE B 295 47.77 23.62 1.76
N ASP B 296 47.08 23.21 2.83
CA ASP B 296 47.47 22.07 3.65
C ASP B 296 46.93 20.75 3.10
N VAL B 297 45.71 20.75 2.57
CA VAL B 297 45.06 19.49 2.20
C VAL B 297 44.05 19.75 1.10
N VAL B 298 43.80 18.70 0.29
CA VAL B 298 42.83 18.71 -0.79
C VAL B 298 41.70 17.76 -0.43
N ILE B 299 40.46 18.26 -0.40
CA ILE B 299 39.32 17.49 0.08
C ILE B 299 38.21 17.48 -0.95
N PRO B 300 37.78 16.31 -1.44
CA PRO B 300 36.70 16.28 -2.43
C PRO B 300 35.32 16.40 -1.78
N ILE B 301 34.40 16.98 -2.54
CA ILE B 301 32.98 16.90 -2.23
C ILE B 301 32.53 15.62 -2.93
N PRO B 302 32.33 14.54 -2.20
CA PRO B 302 32.00 13.26 -2.85
C PRO B 302 30.62 13.34 -3.49
N GLU B 303 30.37 12.44 -4.45
CA GLU B 303 31.26 11.32 -4.79
C GLU B 303 32.00 11.56 -6.10
N THR B 304 31.39 12.34 -6.98
CA THR B 304 31.93 12.52 -8.33
C THR B 304 33.39 12.94 -8.29
N SER B 305 33.73 13.86 -7.40
CA SER B 305 35.00 14.57 -7.46
C SER B 305 36.15 13.86 -6.74
N CYS B 306 35.92 12.66 -6.21
CA CYS B 306 36.97 11.99 -5.44
C CYS B 306 38.20 11.73 -6.30
N ASP B 307 38.01 11.20 -7.51
CA ASP B 307 39.19 10.91 -8.34
C ASP B 307 39.73 12.16 -9.00
N ILE B 308 38.89 13.18 -9.23
CA ILE B 308 39.39 14.47 -9.72
C ILE B 308 40.30 15.11 -8.68
N ALA B 309 39.85 15.11 -7.43
CA ALA B 309 40.60 15.73 -6.35
C ALA B 309 41.86 14.95 -6.03
N LEU B 310 41.85 13.63 -6.24
CA LEU B 310 43.06 12.86 -6.04
C LEU B 310 44.13 13.29 -7.03
N GLU B 311 43.76 13.50 -8.29
CA GLU B 311 44.72 13.91 -9.30
C GLU B 311 45.24 15.32 -9.02
N ILE B 312 44.37 16.23 -8.57
CA ILE B 312 44.81 17.57 -8.19
C ILE B 312 45.85 17.49 -7.08
N ALA B 313 45.53 16.75 -6.00
CA ALA B 313 46.49 16.62 -4.91
C ALA B 313 47.83 16.11 -5.41
N ARG B 314 47.81 15.20 -6.38
CA ARG B 314 49.04 14.62 -6.90
C ARG B 314 49.84 15.66 -7.64
N ILE B 315 49.19 16.46 -8.50
CA ILE B 315 49.88 17.52 -9.22
C ILE B 315 50.45 18.55 -8.26
N LEU B 316 49.75 18.80 -7.15
CA LEU B 316 50.14 19.86 -6.23
C LEU B 316 51.13 19.41 -5.17
N GLY B 317 51.38 18.11 -5.05
CA GLY B 317 52.22 17.61 -3.96
C GLY B 317 51.61 17.77 -2.59
N LYS B 318 50.29 17.64 -2.48
CA LYS B 318 49.59 17.91 -1.24
C LYS B 318 48.81 16.67 -0.80
N PRO B 319 48.52 16.55 0.49
CA PRO B 319 47.76 15.39 0.95
C PRO B 319 46.30 15.45 0.48
N TYR B 320 45.80 14.29 0.08
CA TYR B 320 44.40 14.05 -0.19
C TYR B 320 43.77 13.39 1.02
N ARG B 321 42.66 13.95 1.51
CA ARG B 321 41.97 13.37 2.65
C ARG B 321 40.45 13.49 2.46
N GLN B 322 39.74 12.47 2.95
CA GLN B 322 38.27 12.40 2.90
C GLN B 322 37.68 13.17 4.06
N GLY B 323 37.74 14.50 3.95
CA GLY B 323 37.17 15.35 4.99
C GLY B 323 35.66 15.38 4.99
N PHE B 324 35.03 14.99 3.89
CA PHE B 324 33.58 14.94 3.80
C PHE B 324 33.14 13.52 3.48
N VAL B 325 31.99 13.13 4.04
CA VAL B 325 31.39 11.82 3.79
C VAL B 325 29.94 12.04 3.40
N LYS B 326 29.53 11.46 2.27
CA LYS B 326 28.16 11.61 1.80
C LYS B 326 27.30 10.51 2.38
N ASN B 327 26.17 10.91 2.97
CA ASN B 327 25.22 9.96 3.52
C ASN B 327 24.64 9.13 2.37
N ARG B 328 24.88 7.80 2.40
CA ARG B 328 24.33 6.96 1.34
C ARG B 328 22.81 7.07 1.28
N TYR B 329 22.19 7.35 2.41
CA TYR B 329 20.73 7.32 2.54
C TYR B 329 20.27 8.69 3.00
N VAL B 330 19.33 9.27 2.27
CA VAL B 330 18.75 10.54 2.69
C VAL B 330 17.25 10.30 2.88
N GLY B 331 16.68 11.02 3.84
CA GLY B 331 15.30 10.87 4.21
C GLY B 331 14.52 12.15 3.94
N ARG B 332 13.21 12.07 4.12
CA ARG B 332 12.38 13.25 3.96
C ARG B 332 12.35 14.04 5.27
N THR B 333 12.12 15.33 5.15
CA THR B 333 11.81 16.18 6.29
C THR B 333 10.30 16.34 6.30
N PHE B 334 9.64 15.81 7.33
CA PHE B 334 8.18 15.84 7.34
C PHE B 334 7.68 17.20 7.82
N ILE B 335 6.45 17.51 7.43
CA ILE B 335 5.72 18.69 7.89
C ILE B 335 4.73 18.22 8.95
N MET B 336 5.07 18.30 10.22
CA MET B 336 4.12 17.99 11.28
C MET B 336 3.24 19.22 11.53
N PRO B 337 2.09 19.06 12.18
CA PRO B 337 1.31 20.26 12.57
C PRO B 337 2.14 21.13 13.49
N GLY B 338 2.41 22.36 13.05
CA GLY B 338 3.33 23.19 13.82
C GLY B 338 4.75 22.61 13.84
N GLN B 339 5.38 22.74 15.02
CA GLN B 339 6.67 22.13 15.35
C GLN B 339 7.81 22.72 14.53
N GLN B 340 9.01 22.14 14.62
CA GLN B 340 10.17 22.74 13.96
C GLN B 340 10.00 22.68 12.44
N LEU B 341 10.34 23.79 11.79
CA LEU B 341 10.25 23.91 10.33
C LEU B 341 11.56 23.62 9.62
N ARG B 342 12.65 23.39 10.36
CA ARG B 342 13.98 23.23 9.80
C ARG B 342 13.94 22.43 8.51
N ARG B 343 14.51 23.01 7.46
CA ARG B 343 14.61 22.37 6.15
C ARG B 343 15.79 23.01 5.43
N LYS B 344 15.92 22.70 4.13
CA LYS B 344 16.98 23.22 3.27
C LYS B 344 18.32 23.30 4.00
N SER B 345 18.79 22.12 4.41
CA SER B 345 20.07 21.98 5.11
C SER B 345 20.94 20.96 4.38
N VAL B 346 22.24 21.27 4.27
CA VAL B 346 23.18 20.42 3.56
C VAL B 346 23.78 19.32 4.43
N ARG B 347 23.59 19.39 5.75
CA ARG B 347 24.02 18.29 6.61
C ARG B 347 23.19 17.03 6.39
N ARG B 348 22.02 17.13 5.76
CA ARG B 348 21.26 15.93 5.44
C ARG B 348 21.96 15.10 4.38
N LYS B 349 22.77 15.74 3.53
CA LYS B 349 23.51 15.04 2.48
C LYS B 349 24.97 14.80 2.83
N LEU B 350 25.60 15.65 3.65
CA LEU B 350 27.03 15.54 3.90
C LEU B 350 27.34 15.62 5.38
N ASN B 351 28.41 14.93 5.77
CA ASN B 351 28.99 15.12 7.09
C ASN B 351 30.47 15.38 6.94
N ALA B 352 30.99 16.27 7.79
CA ALA B 352 32.39 16.65 7.79
C ALA B 352 33.14 15.85 8.85
N ASN B 353 34.28 15.29 8.48
CA ASN B 353 35.16 14.67 9.47
C ASN B 353 35.99 15.77 10.12
N ARG B 354 35.63 16.13 11.35
CA ARG B 354 36.15 17.35 11.95
C ARG B 354 37.68 17.37 11.98
N ALA B 355 38.30 16.24 12.29
CA ALA B 355 39.76 16.20 12.39
C ALA B 355 40.45 16.53 11.08
N GLU B 356 39.77 16.36 9.95
CA GLU B 356 40.44 16.63 8.69
C GLU B 356 40.45 18.10 8.32
N PHE B 357 39.78 18.96 9.10
CA PHE B 357 39.74 20.39 8.82
C PHE B 357 40.45 21.26 9.86
N ARG B 358 40.70 20.73 11.05
CA ARG B 358 41.02 21.58 12.20
C ARG B 358 42.35 22.30 11.99
N ASP B 359 42.29 23.63 11.93
CA ASP B 359 43.48 24.47 11.79
C ASP B 359 44.21 24.19 10.47
N LYS B 360 43.46 23.99 9.40
CA LYS B 360 44.06 23.73 8.10
C LYS B 360 43.49 24.70 7.09
N ASN B 361 44.32 25.02 6.09
CA ASN B 361 43.88 25.70 4.89
C ASN B 361 43.48 24.62 3.90
N VAL B 362 42.18 24.52 3.62
CA VAL B 362 41.65 23.40 2.85
C VAL B 362 41.32 23.85 1.45
N LEU B 363 41.68 23.01 0.47
CA LEU B 363 41.22 23.17 -0.91
C LEU B 363 40.11 22.15 -1.14
N LEU B 364 38.88 22.64 -1.26
CA LEU B 364 37.75 21.78 -1.60
C LEU B 364 37.61 21.69 -3.11
N VAL B 365 37.15 20.53 -3.58
CA VAL B 365 36.97 20.25 -5.01
C VAL B 365 35.54 19.75 -5.21
N ASP B 366 34.77 20.46 -6.02
CA ASP B 366 33.45 20.00 -6.40
C ASP B 366 33.39 19.84 -7.91
N ASP B 367 32.36 19.14 -8.40
CA ASP B 367 32.28 18.92 -9.83
C ASP B 367 31.76 20.14 -10.57
N SER B 368 30.97 20.98 -9.90
CA SER B 368 30.32 22.11 -10.56
C SER B 368 29.72 23.02 -9.50
N ILE B 369 29.34 24.21 -9.94
CA ILE B 369 28.65 25.19 -9.11
C ILE B 369 27.44 25.64 -9.91
N VAL B 370 26.25 25.49 -9.36
CA VAL B 370 25.05 25.79 -10.13
C VAL B 370 24.38 27.00 -9.52
N ARG B 371 23.64 26.78 -8.43
CA ARG B 371 22.99 27.87 -7.71
C ARG B 371 23.91 28.52 -6.68
N GLY B 372 24.91 27.79 -6.19
CA GLY B 372 25.83 28.31 -5.21
C GLY B 372 25.34 28.27 -3.79
N THR B 373 24.03 28.09 -3.59
CA THR B 373 23.49 27.84 -2.26
C THR B 373 24.19 26.66 -1.61
N THR B 374 24.34 25.55 -2.33
CA THR B 374 24.92 24.37 -1.71
C THR B 374 26.40 24.58 -1.40
N SER B 375 27.15 25.22 -2.30
CA SER B 375 28.57 25.41 -2.04
C SER B 375 28.79 26.38 -0.88
N GLU B 376 27.97 27.43 -0.77
CA GLU B 376 28.04 28.29 0.41
C GLU B 376 27.90 27.47 1.68
N GLN B 377 26.89 26.59 1.72
CA GLN B 377 26.67 25.76 2.90
C GLN B 377 27.83 24.79 3.12
N ILE B 378 28.48 24.34 2.05
CA ILE B 378 29.60 23.41 2.24
C ILE B 378 30.79 24.14 2.84
N ILE B 379 31.09 25.34 2.34
CA ILE B 379 32.19 26.14 2.88
C ILE B 379 31.99 26.40 4.36
N GLU B 380 30.79 26.84 4.73
CA GLU B 380 30.46 27.04 6.13
C GLU B 380 30.65 25.76 6.94
N MET B 381 30.19 24.61 6.44
CA MET B 381 30.46 23.37 7.16
C MET B 381 31.95 23.19 7.39
N ALA B 382 32.78 23.57 6.43
CA ALA B 382 34.22 23.38 6.59
C ALA B 382 34.78 24.31 7.66
N ARG B 383 34.28 25.55 7.73
CA ARG B 383 34.72 26.48 8.76
C ARG B 383 34.26 26.03 10.14
N GLU B 384 33.00 25.60 10.27
CA GLU B 384 32.53 25.03 11.52
C GLU B 384 33.38 23.85 11.95
N ALA B 385 33.92 23.09 11.00
CA ALA B 385 34.79 21.97 11.34
C ALA B 385 36.19 22.42 11.74
N GLY B 386 36.50 23.70 11.63
CA GLY B 386 37.79 24.23 12.06
C GLY B 386 38.70 24.70 10.96
N ALA B 387 38.28 24.67 9.70
CA ALA B 387 39.12 25.15 8.62
C ALA B 387 39.54 26.59 8.88
N LYS B 388 40.77 26.92 8.51
CA LYS B 388 41.22 28.31 8.47
C LYS B 388 40.72 28.96 7.19
N LYS B 389 41.54 28.88 6.13
CA LYS B 389 41.10 29.29 4.81
C LYS B 389 40.32 28.16 4.14
N VAL B 390 39.31 28.55 3.35
CA VAL B 390 38.58 27.60 2.53
C VAL B 390 38.65 28.04 1.09
N TYR B 391 39.23 27.19 0.25
CA TYR B 391 39.32 27.41 -1.18
C TYR B 391 38.44 26.39 -1.88
N LEU B 392 37.78 26.81 -2.95
CA LEU B 392 36.91 25.95 -3.73
C LEU B 392 37.36 25.98 -5.18
N ALA B 393 37.53 24.79 -5.76
CA ALA B 393 37.84 24.64 -7.18
C ALA B 393 36.74 23.80 -7.83
N SER B 394 36.29 24.22 -9.01
CA SER B 394 35.21 23.58 -9.74
C SER B 394 35.77 22.84 -10.95
N ALA B 395 35.49 21.54 -11.04
CA ALA B 395 35.96 20.76 -12.18
C ALA B 395 35.34 21.27 -13.48
N ALA B 396 34.18 21.88 -13.40
CA ALA B 396 33.45 22.44 -14.53
C ALA B 396 33.69 23.94 -14.61
N PRO B 397 33.74 24.51 -15.81
CA PRO B 397 33.74 25.97 -15.94
C PRO B 397 32.45 26.54 -15.36
N GLU B 398 32.40 27.87 -15.31
CA GLU B 398 31.24 28.58 -14.78
C GLU B 398 30.00 28.20 -15.57
N ILE B 399 28.91 27.92 -14.86
CA ILE B 399 27.64 27.52 -15.48
C ILE B 399 26.76 28.77 -15.55
N ARG B 400 26.63 29.30 -16.77
CA ARG B 400 25.99 30.58 -17.02
C ARG B 400 24.71 30.51 -17.83
N PHE B 401 24.46 29.42 -18.55
CA PHE B 401 23.30 29.34 -19.42
C PHE B 401 22.52 28.07 -19.16
N PRO B 402 21.20 28.10 -19.37
CA PRO B 402 20.41 26.89 -19.15
C PRO B 402 20.68 25.83 -20.21
N ASN B 403 20.62 24.58 -19.79
CA ASN B 403 20.68 23.45 -20.70
C ASN B 403 19.28 23.15 -21.20
N VAL B 404 19.12 23.12 -22.52
CA VAL B 404 17.82 22.83 -23.09
C VAL B 404 17.88 21.54 -23.90
N TYR B 405 18.82 20.66 -23.56
CA TYR B 405 18.99 19.42 -24.30
C TYR B 405 18.79 18.18 -23.43
N GLY B 406 18.14 18.33 -22.29
CA GLY B 406 17.75 17.18 -21.47
C GLY B 406 18.40 17.13 -20.11
N ILE B 407 19.36 18.00 -19.83
CA ILE B 407 19.96 18.11 -18.51
C ILE B 407 19.21 19.19 -17.75
N ASP B 408 18.58 18.81 -16.64
CA ASP B 408 17.70 19.72 -15.91
C ASP B 408 18.50 20.77 -15.16
N MET B 409 18.18 22.03 -15.39
CA MET B 409 18.88 23.14 -14.78
C MET B 409 17.89 24.25 -14.44
N PRO B 410 18.24 25.11 -13.48
CA PRO B 410 17.41 26.31 -13.25
C PRO B 410 17.57 27.31 -14.38
N SER B 411 16.66 28.27 -14.42
CA SER B 411 16.76 29.33 -15.42
C SER B 411 17.98 30.20 -15.16
N ALA B 412 18.36 30.99 -16.16
CA ALA B 412 19.59 31.77 -16.07
C ALA B 412 19.65 32.61 -14.81
N THR B 413 18.52 33.14 -14.36
CA THR B 413 18.54 34.06 -13.23
C THR B 413 18.89 33.37 -11.92
N GLU B 414 18.69 32.06 -11.81
CA GLU B 414 19.05 31.31 -10.61
C GLU B 414 20.46 30.73 -10.69
N LEU B 415 21.19 30.97 -11.77
CA LEU B 415 22.59 30.57 -11.87
C LEU B 415 23.46 31.66 -11.27
N ILE B 416 24.23 31.32 -10.23
CA ILE B 416 25.00 32.34 -9.53
C ILE B 416 26.04 32.97 -10.47
N ALA B 417 26.58 32.18 -11.40
CA ALA B 417 27.58 32.71 -12.33
C ALA B 417 26.98 33.58 -13.42
N HIS B 418 25.67 33.60 -13.57
CA HIS B 418 25.02 34.47 -14.55
C HIS B 418 25.21 35.93 -14.14
N GLY B 419 25.82 36.71 -15.04
CA GLY B 419 26.02 38.12 -14.78
C GLY B 419 27.07 38.45 -13.75
N ARG B 420 27.94 37.50 -13.39
CA ARG B 420 28.89 37.74 -12.34
C ARG B 420 30.27 37.22 -12.73
N GLU B 421 31.27 37.81 -12.08
CA GLU B 421 32.67 37.44 -12.21
C GLU B 421 33.07 36.51 -11.07
N VAL B 422 34.19 35.82 -11.28
CA VAL B 422 34.66 34.86 -10.28
C VAL B 422 34.70 35.49 -8.90
N ASP B 423 35.34 36.66 -8.78
CA ASP B 423 35.53 37.17 -7.43
C ASP B 423 34.21 37.53 -6.76
N GLU B 424 33.23 37.99 -7.54
CA GLU B 424 31.90 38.23 -6.99
C GLU B 424 31.23 36.93 -6.56
N ILE B 425 31.32 35.89 -7.39
CA ILE B 425 30.81 34.59 -6.96
C ILE B 425 31.50 34.17 -5.68
N ARG B 426 32.83 34.33 -5.62
CA ARG B 426 33.58 33.95 -4.44
C ARG B 426 33.02 34.62 -3.18
N GLN B 427 32.70 35.91 -3.26
CA GLN B 427 32.26 36.62 -2.06
C GLN B 427 30.85 36.20 -1.64
N ILE B 428 29.97 35.93 -2.60
CA ILE B 428 28.63 35.45 -2.25
C ILE B 428 28.70 34.14 -1.49
N ILE B 429 29.49 33.18 -2.01
CA ILE B 429 29.53 31.86 -1.38
C ILE B 429 30.42 31.83 -0.15
N GLY B 430 31.21 32.87 0.09
CA GLY B 430 31.97 32.96 1.32
C GLY B 430 33.28 32.21 1.32
N ALA B 431 33.89 32.04 0.15
CA ALA B 431 35.17 31.36 0.02
C ALA B 431 36.32 32.37 0.06
N ASP B 432 37.44 31.94 0.65
CA ASP B 432 38.65 32.74 0.58
C ASP B 432 39.31 32.69 -0.79
N GLY B 433 38.90 31.75 -1.63
CA GLY B 433 39.36 31.68 -3.00
C GLY B 433 38.49 30.74 -3.81
N LEU B 434 38.41 31.01 -5.10
CA LEU B 434 37.55 30.24 -5.99
C LEU B 434 38.19 30.19 -7.37
N ILE B 435 38.22 29.01 -7.96
CA ILE B 435 38.83 28.82 -9.27
C ILE B 435 37.99 27.82 -10.05
N PHE B 436 37.79 28.09 -11.34
CA PHE B 436 37.04 27.22 -12.24
C PHE B 436 37.97 26.64 -13.28
N GLN B 437 37.72 25.37 -13.64
CA GLN B 437 38.28 24.84 -14.87
C GLN B 437 38.02 25.78 -16.03
N ASP B 438 39.03 25.98 -16.88
CA ASP B 438 38.82 26.71 -18.13
C ASP B 438 38.16 25.79 -19.13
N LEU B 439 37.25 26.34 -19.93
CA LEU B 439 36.52 25.49 -20.86
C LEU B 439 37.45 24.78 -21.82
N ASN B 440 38.46 25.48 -22.34
CA ASN B 440 39.36 24.82 -23.29
C ASN B 440 40.11 23.67 -22.64
N ASP B 441 40.40 23.76 -21.34
CA ASP B 441 41.03 22.65 -20.64
C ASP B 441 40.04 21.49 -20.46
N LEU B 442 38.80 21.79 -20.04
CA LEU B 442 37.80 20.72 -19.96
C LEU B 442 37.69 20.02 -21.31
N ILE B 443 37.60 20.79 -22.39
CA ILE B 443 37.50 20.20 -23.72
C ILE B 443 38.70 19.30 -24.00
N ASP B 444 39.90 19.80 -23.71
CA ASP B 444 41.11 19.04 -24.00
C ASP B 444 41.17 17.76 -23.17
N ALA B 445 40.75 17.84 -21.90
CA ALA B 445 40.79 16.67 -21.03
C ALA B 445 39.96 15.52 -21.57
N VAL B 446 38.86 15.84 -22.26
CA VAL B 446 37.97 14.81 -22.81
C VAL B 446 38.42 14.39 -24.21
N ARG B 447 38.80 15.35 -25.05
CA ARG B 447 39.34 14.99 -26.37
C ARG B 447 40.57 14.08 -26.24
N ALA B 448 41.35 14.23 -25.17
CA ALA B 448 42.52 13.38 -25.01
C ALA B 448 42.17 11.91 -25.20
N GLU B 449 40.96 11.52 -24.82
CA GLU B 449 40.53 10.12 -24.90
C GLU B 449 39.88 9.75 -26.23
N ASN B 450 39.51 10.73 -27.05
CA ASN B 450 39.07 10.50 -28.41
C ASN B 450 39.29 11.79 -29.19
N PRO B 451 40.45 11.95 -29.85
CA PRO B 451 40.70 13.21 -30.58
C PRO B 451 39.86 13.37 -31.84
N ASP B 452 39.04 12.39 -32.20
CA ASP B 452 38.15 12.52 -33.35
C ASP B 452 36.97 13.45 -33.06
N ILE B 453 36.63 13.68 -31.79
CA ILE B 453 35.57 14.62 -31.46
C ILE B 453 36.13 16.04 -31.63
N GLN B 454 35.61 16.78 -32.61
CA GLN B 454 36.12 18.12 -32.89
C GLN B 454 35.43 19.22 -32.08
N GLN B 455 34.11 19.14 -31.87
CA GLN B 455 33.41 20.09 -31.02
C GLN B 455 32.43 19.35 -30.11
N PHE B 456 32.30 19.82 -28.88
CA PHE B 456 31.32 19.27 -27.93
C PHE B 456 30.13 20.20 -27.77
N GLU B 457 29.10 19.69 -27.08
CA GLU B 457 27.96 20.51 -26.65
C GLU B 457 28.35 21.21 -25.35
N CYS B 458 28.50 22.53 -25.42
CA CYS B 458 29.06 23.35 -24.35
C CYS B 458 28.13 24.47 -23.89
N SER B 459 26.86 24.45 -24.30
CA SER B 459 26.04 25.64 -24.20
C SER B 459 25.92 26.14 -22.76
N VAL B 460 25.86 25.24 -21.78
CA VAL B 460 25.75 25.72 -20.40
C VAL B 460 26.93 26.61 -20.07
N PHE B 461 28.07 26.43 -20.76
CA PHE B 461 29.27 27.18 -20.46
C PHE B 461 29.41 28.45 -21.29
N ASN B 462 29.16 28.38 -22.59
CA ASN B 462 29.45 29.50 -23.47
C ASN B 462 28.24 30.03 -24.22
N GLY B 463 27.06 29.44 -24.03
CA GLY B 463 25.87 29.98 -24.64
C GLY B 463 25.72 29.72 -26.12
N VAL B 464 26.58 28.91 -26.71
CA VAL B 464 26.49 28.51 -28.10
C VAL B 464 25.64 27.24 -28.16
N TYR B 465 24.43 27.37 -28.72
CA TYR B 465 23.48 26.26 -28.82
C TYR B 465 23.53 25.70 -30.23
N VAL B 466 24.01 24.46 -30.36
CA VAL B 466 24.33 23.96 -31.69
C VAL B 466 23.10 23.79 -32.58
N THR B 467 21.89 23.73 -32.01
CA THR B 467 20.70 23.62 -32.84
C THR B 467 20.17 24.98 -33.33
N LYS B 468 20.80 26.08 -32.92
CA LYS B 468 20.60 27.41 -33.51
C LYS B 468 19.16 27.92 -33.39
N ASP B 469 18.36 27.41 -32.45
CA ASP B 469 16.98 27.86 -32.32
C ASP B 469 16.63 28.27 -30.90
N VAL B 470 17.61 28.61 -30.08
CA VAL B 470 17.37 29.05 -28.71
C VAL B 470 17.53 30.56 -28.65
N ASP B 471 16.44 31.25 -28.34
CA ASP B 471 16.46 32.69 -28.14
C ASP B 471 15.71 33.01 -26.84
N GLN B 472 15.94 34.23 -26.34
CA GLN B 472 15.31 34.64 -25.09
C GLN B 472 13.81 34.40 -25.12
N GLY B 473 13.19 34.59 -26.29
CA GLY B 473 11.80 34.21 -26.44
C GLY B 473 11.54 32.77 -26.03
N TYR B 474 12.32 31.84 -26.59
CA TYR B 474 12.14 30.43 -26.25
C TYR B 474 12.42 30.18 -24.77
N LEU B 475 13.38 30.88 -24.18
CA LEU B 475 13.67 30.68 -22.77
C LEU B 475 12.47 31.01 -21.89
N ASP B 476 11.57 31.86 -22.35
CA ASP B 476 10.41 32.25 -21.56
C ASP B 476 9.24 31.28 -21.74
N PHE B 477 9.12 30.61 -22.89
CA PHE B 477 8.20 29.48 -22.98
C PHE B 477 8.59 28.39 -22.01
N LEU B 478 9.89 28.26 -21.69
CA LEU B 478 10.29 27.23 -20.74
C LEU B 478 9.96 27.61 -19.31
N ASP B 479 10.02 28.90 -18.97
CA ASP B 479 9.66 29.32 -17.61
C ASP B 479 8.17 29.11 -17.35
N THR B 480 7.32 29.29 -18.37
CA THR B 480 5.90 28.98 -18.20
C THR B 480 5.64 27.48 -18.16
N LEU B 481 6.63 26.65 -18.53
CA LEU B 481 6.54 25.23 -18.24
C LEU B 481 6.96 24.95 -16.79
N ARG B 482 8.09 25.50 -16.36
CA ARG B 482 8.52 25.32 -14.97
C ARG B 482 7.50 25.91 -13.99
N ASN B 483 6.81 26.99 -14.39
CA ASN B 483 5.75 27.54 -13.55
C ASN B 483 4.63 26.53 -13.35
N ASP B 484 4.16 25.92 -14.44
CA ASP B 484 3.06 24.96 -14.33
C ASP B 484 3.51 23.68 -13.63
N ASP B 485 4.74 23.22 -13.89
CA ASP B 485 5.28 22.07 -13.16
C ASP B 485 5.11 22.26 -11.66
N ALA B 486 5.60 23.38 -11.13
CA ALA B 486 5.66 23.59 -9.68
C ALA B 486 4.28 23.66 -9.06
N LYS B 487 3.27 24.09 -9.83
CA LYS B 487 1.90 24.07 -9.32
C LYS B 487 1.36 22.65 -9.25
N ALA B 488 1.68 21.81 -10.24
CA ALA B 488 1.24 20.42 -10.23
C ALA B 488 1.88 19.67 -9.07
N VAL B 489 3.20 19.84 -8.89
CA VAL B 489 3.86 19.30 -7.69
C VAL B 489 3.19 19.85 -6.44
N GLN B 490 2.90 21.16 -6.42
CA GLN B 490 2.37 21.79 -5.22
C GLN B 490 1.00 21.24 -4.85
N ARG B 491 0.14 21.00 -5.85
CA ARG B 491 -1.21 20.52 -5.58
C ARG B 491 -1.22 19.06 -5.16
N GLN B 492 -0.13 18.34 -5.40
CA GLN B 492 0.00 16.99 -4.85
C GLN B 492 0.26 17.03 -3.35
N ASN B 493 1.04 18.01 -2.89
CA ASN B 493 1.33 18.12 -1.46
C ASN B 493 0.07 18.43 -0.67
N GLU B 494 -0.75 19.38 -1.14
CA GLU B 494 -1.98 19.71 -0.43
C GLU B 494 -2.76 18.45 -0.05
N VAL B 495 -2.61 17.38 -0.83
CA VAL B 495 -3.42 16.18 -0.67
C VAL B 495 -3.29 15.59 0.73
N CYS C 1 -19.12 -3.93 19.71
CA CYS C 1 -17.97 -4.84 19.44
C CYS C 1 -18.42 -6.30 19.43
N GLY C 2 -17.62 -7.14 18.80
CA GLY C 2 -17.89 -8.57 18.77
C GLY C 2 -16.61 -9.34 19.02
N ILE C 3 -16.76 -10.52 19.59
CA ILE C 3 -15.62 -11.32 20.00
C ILE C 3 -15.87 -12.78 19.62
N VAL C 4 -14.77 -13.49 19.37
CA VAL C 4 -14.80 -14.90 19.05
C VAL C 4 -13.55 -15.52 19.64
N GLY C 5 -13.69 -16.75 20.09
CA GLY C 5 -12.56 -17.56 20.46
C GLY C 5 -12.79 -18.97 19.97
N ILE C 6 -11.76 -19.62 19.45
CA ILE C 6 -11.85 -20.99 18.97
C ILE C 6 -10.71 -21.80 19.56
N ALA C 7 -11.05 -22.84 20.31
CA ALA C 7 -10.10 -23.82 20.80
C ALA C 7 -10.26 -25.05 19.92
N GLY C 8 -9.35 -25.23 18.97
CA GLY C 8 -9.51 -26.24 17.94
C GLY C 8 -8.39 -27.26 17.96
N VAL C 9 -8.52 -28.23 17.04
CA VAL C 9 -7.47 -29.22 16.82
C VAL C 9 -6.80 -29.04 15.49
N MET C 10 -7.13 -27.98 14.75
CA MET C 10 -6.61 -27.71 13.42
C MET C 10 -6.58 -26.19 13.25
N PRO C 11 -5.85 -25.69 12.26
CA PRO C 11 -5.66 -24.23 12.16
C PRO C 11 -6.95 -23.44 12.24
N VAL C 12 -6.88 -22.32 12.96
CA VAL C 12 -8.05 -21.53 13.30
C VAL C 12 -8.10 -20.19 12.59
N ASN C 13 -7.03 -19.78 11.90
CA ASN C 13 -6.98 -18.40 11.40
C ASN C 13 -8.15 -18.12 10.45
N GLN C 14 -8.36 -18.97 9.45
CA GLN C 14 -9.46 -18.74 8.51
C GLN C 14 -10.81 -18.75 9.21
N SER C 15 -11.01 -19.71 10.13
CA SER C 15 -12.29 -19.81 10.83
C SER C 15 -12.60 -18.55 11.64
N ILE C 16 -11.60 -18.01 12.35
CA ILE C 16 -11.82 -16.78 13.11
C ILE C 16 -12.14 -15.64 12.16
N TYR C 17 -11.35 -15.50 11.10
CA TYR C 17 -11.66 -14.51 10.07
C TYR C 17 -13.11 -14.62 9.62
N ASP C 18 -13.59 -15.83 9.34
CA ASP C 18 -14.95 -15.96 8.84
C ASP C 18 -15.98 -15.65 9.93
N ALA C 19 -15.68 -16.01 11.18
CA ALA C 19 -16.58 -15.65 12.27
C ALA C 19 -16.65 -14.13 12.43
N LEU C 20 -15.50 -13.45 12.37
CA LEU C 20 -15.53 -12.01 12.46
C LEU C 20 -16.33 -11.39 11.32
N THR C 21 -16.29 -11.99 10.12
CA THR C 21 -17.02 -11.38 9.03
C THR C 21 -18.53 -11.42 9.28
N VAL C 22 -19.03 -12.50 9.89
CA VAL C 22 -20.47 -12.52 10.16
C VAL C 22 -20.83 -11.78 11.44
N LEU C 23 -19.84 -11.43 12.27
CA LEU C 23 -20.06 -10.51 13.37
C LEU C 23 -19.71 -9.07 12.99
N GLN C 24 -19.43 -8.81 11.72
CA GLN C 24 -18.89 -7.51 11.30
C GLN C 24 -19.84 -6.36 11.59
N HIS C 25 -21.14 -6.62 11.67
CA HIS C 25 -22.12 -5.57 11.98
C HIS C 25 -21.99 -5.04 13.40
N ARG C 26 -21.24 -5.74 14.27
CA ARG C 26 -21.05 -5.31 15.65
C ARG C 26 -19.93 -4.28 15.80
N GLY C 27 -19.21 -3.96 14.72
CA GLY C 27 -18.18 -2.96 14.76
C GLY C 27 -17.30 -3.00 13.53
N GLN C 28 -17.25 -1.90 12.77
CA GLN C 28 -16.55 -1.86 11.50
C GLN C 28 -15.27 -1.04 11.55
N ASP C 29 -14.85 -0.61 12.72
CA ASP C 29 -13.77 0.37 12.79
C ASP C 29 -12.39 -0.26 12.83
N ALA C 30 -12.24 -1.38 13.52
CA ALA C 30 -10.98 -2.08 13.64
C ALA C 30 -11.30 -3.55 13.81
N ALA C 31 -10.28 -4.38 13.64
CA ALA C 31 -10.39 -5.82 13.87
C ALA C 31 -9.03 -6.36 14.26
N GLY C 32 -9.02 -7.45 15.02
CA GLY C 32 -7.78 -8.12 15.36
C GLY C 32 -7.97 -9.59 15.59
N ILE C 33 -6.93 -10.37 15.30
CA ILE C 33 -6.88 -11.80 15.58
C ILE C 33 -5.54 -12.11 16.21
N ILE C 34 -5.54 -12.92 17.25
CA ILE C 34 -4.30 -13.39 17.87
C ILE C 34 -4.42 -14.89 18.11
N THR C 35 -3.41 -15.63 17.68
CA THR C 35 -3.33 -17.06 17.87
C THR C 35 -2.10 -17.42 18.70
N ILE C 36 -2.12 -18.64 19.24
CA ILE C 36 -0.96 -19.26 19.86
C ILE C 36 -0.41 -20.28 18.88
N ASP C 37 0.83 -20.09 18.43
CA ASP C 37 1.40 -21.01 17.45
C ASP C 37 2.03 -22.21 18.14
N ALA C 38 2.63 -23.09 17.33
CA ALA C 38 3.22 -24.33 17.81
C ALA C 38 4.46 -24.11 18.67
N ASN C 39 5.05 -22.92 18.68
CA ASN C 39 6.14 -22.61 19.60
C ASN C 39 5.66 -21.97 20.88
N ASN C 40 4.34 -21.96 21.13
CA ASN C 40 3.75 -21.29 22.27
C ASN C 40 4.14 -19.81 22.33
N CYS C 41 3.91 -19.12 21.21
CA CYS C 41 4.03 -17.67 21.14
C CYS C 41 2.78 -17.08 20.52
N PHE C 42 2.44 -15.85 20.93
CA PHE C 42 1.33 -15.13 20.31
C PHE C 42 1.72 -14.65 18.92
N ARG C 43 0.79 -14.78 17.97
CA ARG C 43 0.89 -14.16 16.65
C ARG C 43 -0.33 -13.28 16.48
N LEU C 44 -0.09 -12.00 16.17
CA LEU C 44 -1.13 -10.98 16.20
C LEU C 44 -1.18 -10.19 14.89
N ARG C 45 -2.40 -9.85 14.48
CA ARG C 45 -2.66 -8.85 13.44
C ARG C 45 -3.89 -8.07 13.84
N LYS C 46 -3.75 -6.77 14.05
CA LYS C 46 -4.86 -5.87 14.28
C LYS C 46 -4.54 -4.56 13.57
N ALA C 47 -5.59 -3.82 13.22
CA ALA C 47 -5.49 -2.58 12.46
C ALA C 47 -6.89 -2.03 12.24
N ASN C 48 -6.94 -0.74 11.89
CA ASN C 48 -8.20 -0.07 11.58
C ASN C 48 -8.83 -0.63 10.31
N GLY C 49 -10.15 -0.58 10.26
CA GLY C 49 -10.89 -0.92 9.07
C GLY C 49 -11.72 -2.19 9.24
N LEU C 50 -12.29 -2.60 8.11
CA LEU C 50 -13.07 -3.82 8.03
C LEU C 50 -12.17 -5.04 8.04
N VAL C 51 -12.75 -6.17 8.47
CA VAL C 51 -12.05 -7.45 8.47
C VAL C 51 -11.45 -7.75 7.09
N SER C 52 -12.19 -7.45 6.02
CA SER C 52 -11.72 -7.85 4.70
C SER C 52 -10.50 -7.04 4.25
N ASP C 53 -10.33 -5.84 4.79
CA ASP C 53 -9.16 -5.02 4.53
C ASP C 53 -8.05 -5.20 5.55
N VAL C 54 -8.39 -5.52 6.81
CA VAL C 54 -7.39 -5.64 7.86
C VAL C 54 -6.45 -6.82 7.59
N PHE C 55 -7.01 -7.96 7.19
CA PHE C 55 -6.27 -9.21 7.12
C PHE C 55 -5.96 -9.55 5.66
N GLU C 56 -4.69 -9.38 5.28
CA GLU C 56 -4.21 -9.81 3.98
C GLU C 56 -3.56 -11.18 4.10
N ALA C 57 -3.09 -11.71 2.97
CA ALA C 57 -2.53 -13.06 2.97
C ALA C 57 -1.23 -13.13 3.78
N ARG C 58 -0.46 -12.03 3.83
CA ARG C 58 0.78 -12.04 4.60
C ARG C 58 0.49 -12.08 6.10
N HIS C 59 -0.55 -11.39 6.55
CA HIS C 59 -0.92 -11.46 7.95
C HIS C 59 -1.44 -12.83 8.32
N MET C 60 -2.14 -13.48 7.40
CA MET C 60 -2.78 -14.74 7.71
C MET C 60 -1.80 -15.90 7.79
N GLN C 61 -0.71 -15.85 7.01
CA GLN C 61 0.31 -16.88 7.11
C GLN C 61 0.98 -16.84 8.46
N ARG C 62 1.09 -15.65 9.03
CA ARG C 62 1.69 -15.46 10.35
C ARG C 62 0.82 -16.06 11.45
N LEU C 63 -0.51 -16.02 11.28
CA LEU C 63 -1.43 -16.40 12.37
C LEU C 63 -1.59 -17.91 12.46
N GLN C 64 -0.48 -18.57 12.77
CA GLN C 64 -0.49 -20.02 12.86
C GLN C 64 -1.01 -20.45 14.22
N GLY C 65 -1.43 -21.72 14.29
CA GLY C 65 -1.86 -22.30 15.54
C GLY C 65 -3.30 -22.79 15.54
N ASN C 66 -3.65 -23.63 16.53
CA ASN C 66 -4.96 -24.24 16.62
C ASN C 66 -5.86 -23.59 17.67
N MET C 67 -5.51 -22.40 18.15
CA MET C 67 -6.29 -21.67 19.15
C MET C 67 -6.03 -20.19 18.97
N GLY C 68 -7.08 -19.38 19.04
CA GLY C 68 -6.95 -17.95 18.82
C GLY C 68 -8.24 -17.24 19.16
N ILE C 69 -8.15 -15.92 19.23
CA ILE C 69 -9.33 -15.10 19.47
C ILE C 69 -9.34 -13.93 18.49
N GLY C 70 -10.51 -13.30 18.39
CA GLY C 70 -10.73 -12.26 17.42
C GLY C 70 -11.67 -11.22 17.98
N HIS C 71 -11.55 -10.01 17.46
CA HIS C 71 -12.33 -8.87 17.93
C HIS C 71 -12.62 -7.97 16.73
N VAL C 72 -13.83 -7.40 16.71
CA VAL C 72 -14.17 -6.29 15.83
C VAL C 72 -14.66 -5.14 16.69
N ARG C 73 -14.21 -3.93 16.40
CA ARG C 73 -14.44 -2.79 17.27
C ARG C 73 -15.47 -1.85 16.68
N TYR C 74 -16.42 -1.48 17.47
CA TYR C 74 -17.29 -0.34 17.27
C TYR C 74 -16.67 0.87 17.97
N PRO C 75 -16.59 2.04 17.34
CA PRO C 75 -15.77 3.12 17.91
C PRO C 75 -16.47 3.82 19.07
N THR C 76 -15.76 3.97 20.18
CA THR C 76 -16.30 4.63 21.36
C THR C 76 -15.29 5.65 21.88
N ALA C 77 -15.49 6.09 23.13
CA ALA C 77 -14.53 6.94 23.83
C ALA C 77 -13.53 6.08 24.59
N GLY C 78 -12.25 6.44 24.52
CA GLY C 78 -11.18 5.62 25.03
C GLY C 78 -10.76 4.51 24.09
N SER C 79 -11.55 4.24 23.05
CA SER C 79 -11.23 3.25 22.02
C SER C 79 -11.63 3.85 20.66
N SER C 80 -10.99 4.97 20.31
CA SER C 80 -11.34 5.69 19.09
C SER C 80 -10.74 5.00 17.87
N SER C 81 -11.20 5.46 16.70
CA SER C 81 -10.71 4.90 15.44
C SER C 81 -9.21 5.09 15.30
N ALA C 82 -8.71 6.23 15.77
CA ALA C 82 -7.29 6.54 15.69
C ALA C 82 -6.49 5.89 16.79
N SER C 83 -7.11 5.12 17.67
CA SER C 83 -6.36 4.50 18.75
C SER C 83 -6.01 3.03 18.42
N GLU C 84 -5.28 2.43 19.36
CA GLU C 84 -4.88 1.03 19.26
C GLU C 84 -6.10 0.13 19.47
N ALA C 85 -6.20 -0.92 18.66
CA ALA C 85 -7.35 -1.79 18.66
C ALA C 85 -7.11 -3.01 19.56
N GLN C 86 -8.12 -3.85 19.65
CA GLN C 86 -8.04 -5.12 20.35
C GLN C 86 -7.68 -6.24 19.38
N PRO C 87 -7.15 -7.37 19.88
CA PRO C 87 -6.90 -7.63 21.31
C PRO C 87 -5.61 -7.03 21.84
N PHE C 88 -5.49 -6.94 23.16
CA PHE C 88 -4.25 -6.58 23.83
C PHE C 88 -3.62 -7.82 24.45
N TYR C 89 -2.31 -7.74 24.73
CA TYR C 89 -1.66 -8.82 25.45
C TYR C 89 -0.53 -8.32 26.32
N VAL C 90 -0.19 -9.16 27.32
CA VAL C 90 0.91 -8.93 28.24
C VAL C 90 1.72 -10.21 28.31
N ASN C 91 3.03 -10.06 28.48
CA ASN C 91 3.93 -11.20 28.51
C ASN C 91 4.21 -11.68 29.94
N SER C 92 3.54 -11.13 30.94
CA SER C 92 3.70 -11.57 32.32
C SER C 92 2.39 -11.37 33.07
N PRO C 93 1.98 -12.35 33.89
CA PRO C 93 2.60 -13.66 34.04
C PRO C 93 2.19 -14.63 32.92
N TYR C 94 3.10 -15.50 32.49
CA TYR C 94 2.80 -16.62 31.59
C TYR C 94 2.61 -16.17 30.15
N GLY C 95 1.93 -15.05 29.94
CA GLY C 95 1.56 -14.64 28.60
C GLY C 95 0.06 -14.72 28.43
N ILE C 96 -0.60 -13.56 28.47
CA ILE C 96 -2.05 -13.47 28.47
C ILE C 96 -2.50 -12.49 27.40
N THR C 97 -3.53 -12.88 26.65
CA THR C 97 -4.21 -11.97 25.76
C THR C 97 -5.72 -12.05 25.99
N LEU C 98 -6.40 -10.95 25.71
CA LEU C 98 -7.81 -10.80 26.03
C LEU C 98 -8.52 -9.91 25.01
N ALA C 99 -9.80 -10.22 24.76
CA ALA C 99 -10.68 -9.44 23.91
C ALA C 99 -12.03 -9.31 24.60
N HIS C 100 -12.59 -8.12 24.61
CA HIS C 100 -13.75 -7.85 25.44
C HIS C 100 -14.74 -6.98 24.67
N ASN C 101 -16.02 -7.32 24.82
CA ASN C 101 -17.14 -6.49 24.40
C ASN C 101 -17.80 -5.97 25.67
N GLY C 102 -17.91 -4.65 25.80
CA GLY C 102 -18.43 -4.06 27.03
C GLY C 102 -17.76 -2.77 27.47
N ASN C 103 -17.81 -2.47 28.78
CA ASN C 103 -17.29 -1.21 29.33
C ASN C 103 -17.24 -1.28 30.86
N LEU C 104 -16.08 -0.94 31.43
CA LEU C 104 -15.93 -0.87 32.87
C LEU C 104 -16.29 0.54 33.34
N THR C 105 -17.05 0.61 34.43
CA THR C 105 -17.50 1.89 34.97
C THR C 105 -16.59 2.42 36.07
N ASN C 106 -15.71 1.58 36.63
CA ASN C 106 -14.71 2.01 37.58
C ASN C 106 -13.32 2.00 36.94
N ALA C 107 -13.27 2.35 35.64
CA ALA C 107 -12.00 2.26 34.91
C ALA C 107 -10.94 3.16 35.53
N HIS C 108 -11.31 4.41 35.82
CA HIS C 108 -10.40 5.33 36.48
C HIS C 108 -9.85 4.76 37.78
N GLU C 109 -10.73 4.28 38.67
CA GLU C 109 -10.25 3.73 39.93
C GLU C 109 -9.27 2.59 39.67
N LEU C 110 -9.57 1.73 38.69
CA LEU C 110 -8.77 0.54 38.45
C LEU C 110 -7.39 0.89 37.90
N ARG C 111 -7.30 1.95 37.07
CA ARG C 111 -6.00 2.37 36.56
C ARG C 111 -5.12 2.86 37.70
N LYS C 112 -5.66 3.74 38.55
CA LYS C 112 -4.92 4.21 39.71
C LYS C 112 -4.39 3.05 40.53
N LYS C 113 -5.24 2.06 40.80
CA LYS C 113 -4.83 0.93 41.65
C LYS C 113 -3.72 0.12 40.98
N LEU C 114 -3.88 -0.20 39.71
CA LEU C 114 -2.85 -0.94 38.99
C LEU C 114 -1.52 -0.21 39.08
N PHE C 115 -1.53 1.12 38.98
CA PHE C 115 -0.27 1.85 39.03
C PHE C 115 0.34 1.76 40.44
N GLU C 116 -0.48 1.96 41.47
CA GLU C 116 0.05 2.12 42.83
C GLU C 116 0.48 0.80 43.44
N GLU C 117 -0.31 -0.26 43.24
CA GLU C 117 -0.05 -1.53 43.92
C GLU C 117 0.77 -2.50 43.10
N LYS C 118 0.70 -2.44 41.78
CA LYS C 118 1.42 -3.38 40.93
C LYS C 118 2.35 -2.68 39.94
N ARG C 119 2.41 -1.35 39.93
CA ARG C 119 3.33 -0.64 39.05
C ARG C 119 3.10 -1.10 37.61
N ARG C 120 1.82 -1.28 37.26
CA ARG C 120 1.40 -1.77 35.95
C ARG C 120 0.89 -0.58 35.15
N HIS C 121 1.62 -0.26 34.08
CA HIS C 121 1.30 0.90 33.27
C HIS C 121 0.24 0.56 32.22
N ILE C 122 -0.68 1.48 32.00
CA ILE C 122 -1.73 1.33 31.01
C ILE C 122 -1.44 2.33 29.90
N ASN C 123 -1.12 1.83 28.71
CA ASN C 123 -0.63 2.70 27.64
C ASN C 123 -1.72 3.36 26.83
N THR C 124 -2.96 2.88 26.95
CA THR C 124 -4.06 3.34 26.14
C THR C 124 -5.19 3.80 27.03
N THR C 125 -6.24 4.34 26.41
CA THR C 125 -7.48 4.67 27.10
C THR C 125 -8.52 3.57 26.93
N SER C 126 -8.11 2.37 26.48
CA SER C 126 -9.03 1.26 26.31
C SER C 126 -9.26 0.55 27.65
N ASP C 127 -10.51 0.48 28.08
CA ASP C 127 -10.83 -0.27 29.28
C ASP C 127 -10.51 -1.77 29.15
N SER C 128 -10.45 -2.32 27.93
CA SER C 128 -10.08 -3.71 27.81
C SER C 128 -8.64 -3.95 28.20
N GLU C 129 -7.75 -2.97 27.99
CA GLU C 129 -6.38 -3.12 28.47
C GLU C 129 -6.33 -3.13 29.99
N ILE C 130 -7.17 -2.30 30.63
CA ILE C 130 -7.28 -2.32 32.08
C ILE C 130 -7.81 -3.68 32.56
N LEU C 131 -8.90 -4.15 31.96
CA LEU C 131 -9.42 -5.46 32.33
C LEU C 131 -8.35 -6.52 32.22
N LEU C 132 -7.59 -6.51 31.12
CA LEU C 132 -6.53 -7.50 30.95
C LEU C 132 -5.51 -7.42 32.08
N ASN C 133 -5.19 -6.23 32.57
CA ASN C 133 -4.13 -6.14 33.56
C ASN C 133 -4.60 -6.56 34.95
N ILE C 134 -5.88 -6.36 35.26
CA ILE C 134 -6.42 -6.92 36.51
C ILE C 134 -6.25 -8.43 36.51
N PHE C 135 -6.79 -9.08 35.47
CA PHE C 135 -6.65 -10.52 35.32
C PHE C 135 -5.20 -10.96 35.38
N ALA C 136 -4.30 -10.23 34.72
CA ALA C 136 -2.89 -10.59 34.80
C ALA C 136 -2.39 -10.56 36.24
N SER C 137 -2.74 -9.50 36.98
CA SER C 137 -2.21 -9.36 38.34
C SER C 137 -2.78 -10.44 39.27
N GLU C 138 -4.02 -10.88 39.05
CA GLU C 138 -4.55 -11.99 39.84
C GLU C 138 -3.84 -13.29 39.53
N LEU C 139 -3.51 -13.55 38.25
CA LEU C 139 -2.76 -14.76 37.93
C LEU C 139 -1.33 -14.73 38.45
N ASP C 140 -0.81 -13.53 38.76
CA ASP C 140 0.57 -13.37 39.21
C ASP C 140 0.78 -13.80 40.66
N ASN C 141 -0.29 -14.14 41.39
CA ASN C 141 -0.17 -14.49 42.80
C ASN C 141 0.20 -15.95 43.04
N PHE C 142 0.22 -16.79 42.00
CA PHE C 142 0.48 -18.21 42.16
C PHE C 142 1.92 -18.53 41.80
N ARG C 143 2.57 -19.32 42.64
CA ARG C 143 3.97 -19.67 42.39
C ARG C 143 4.08 -20.92 41.53
N HIS C 144 3.48 -22.02 42.00
CA HIS C 144 3.60 -23.30 41.32
C HIS C 144 3.25 -23.21 39.84
N TYR C 145 3.87 -24.08 39.06
CA TYR C 145 3.62 -24.23 37.63
C TYR C 145 3.54 -25.71 37.28
N PRO C 146 2.59 -26.12 36.41
CA PRO C 146 1.59 -25.26 35.74
C PRO C 146 0.48 -24.79 36.66
N LEU C 147 -0.22 -23.73 36.26
CA LEU C 147 -1.46 -23.40 36.94
C LEU C 147 -2.42 -24.58 36.82
N GLU C 148 -3.23 -24.76 37.85
CA GLU C 148 -4.38 -25.66 37.79
C GLU C 148 -5.60 -24.86 37.39
N ALA C 149 -6.63 -25.57 36.90
CA ALA C 149 -7.88 -24.89 36.61
C ALA C 149 -8.38 -24.10 37.81
N ASP C 150 -8.09 -24.59 39.01
CA ASP C 150 -8.57 -23.93 40.22
C ASP C 150 -7.98 -22.53 40.32
N ASN C 151 -6.65 -22.43 40.24
CA ASN C 151 -5.98 -21.14 40.13
C ASN C 151 -6.66 -20.21 39.13
N ILE C 152 -6.78 -20.65 37.87
CA ILE C 152 -7.34 -19.80 36.83
C ILE C 152 -8.73 -19.31 37.20
N PHE C 153 -9.58 -20.21 37.72
CA PHE C 153 -10.91 -19.81 38.13
C PHE C 153 -10.86 -18.83 39.30
N ALA C 154 -9.94 -19.07 40.25
CA ALA C 154 -9.78 -18.13 41.35
C ALA C 154 -9.49 -16.73 40.83
N ALA C 155 -8.48 -16.62 39.96
CA ALA C 155 -8.12 -15.33 39.39
C ALA C 155 -9.31 -14.63 38.73
N ILE C 156 -10.17 -15.40 38.06
CA ILE C 156 -11.32 -14.78 37.41
C ILE C 156 -12.31 -14.27 38.46
N ALA C 157 -12.57 -15.07 39.50
CA ALA C 157 -13.43 -14.61 40.58
C ALA C 157 -12.87 -13.34 41.22
N ALA C 158 -11.57 -13.35 41.55
CA ALA C 158 -10.97 -12.13 42.13
C ALA C 158 -11.12 -10.94 41.19
N THR C 159 -11.09 -11.16 39.87
CA THR C 159 -11.27 -10.07 38.93
C THR C 159 -12.69 -9.53 38.98
N ASN C 160 -13.68 -10.43 39.03
CA ASN C 160 -15.08 -10.02 39.05
C ASN C 160 -15.39 -9.10 40.23
N ARG C 161 -14.83 -9.39 41.40
CA ARG C 161 -14.99 -8.48 42.53
C ARG C 161 -14.45 -7.10 42.19
N LEU C 162 -13.21 -7.03 41.70
CA LEU C 162 -12.54 -5.74 41.52
C LEU C 162 -13.25 -4.84 40.52
N ILE C 163 -13.70 -5.37 39.39
CA ILE C 163 -14.18 -4.54 38.29
C ILE C 163 -15.70 -4.43 38.35
N ARG C 164 -16.22 -3.37 37.71
CA ARG C 164 -17.65 -3.13 37.65
C ARG C 164 -18.02 -2.65 36.25
N GLY C 165 -19.12 -3.15 35.75
CA GLY C 165 -19.64 -2.75 34.47
C GLY C 165 -20.28 -3.94 33.77
N ALA C 166 -20.11 -3.98 32.45
CA ALA C 166 -20.68 -5.02 31.61
C ALA C 166 -19.56 -5.59 30.76
N TYR C 167 -19.45 -6.91 30.69
CA TYR C 167 -18.37 -7.48 29.90
C TYR C 167 -18.67 -8.91 29.46
N ALA C 168 -18.34 -9.17 28.20
CA ALA C 168 -18.10 -10.52 27.68
C ALA C 168 -16.67 -10.56 27.17
N CYS C 169 -15.95 -11.60 27.55
CA CYS C 169 -14.51 -11.64 27.40
C CYS C 169 -14.08 -13.02 26.97
N VAL C 170 -13.03 -13.06 26.16
CA VAL C 170 -12.33 -14.29 25.83
C VAL C 170 -10.85 -13.98 25.90
N ALA C 171 -10.09 -14.94 26.42
CA ALA C 171 -8.68 -14.73 26.71
C ALA C 171 -7.95 -16.04 26.51
N MET C 172 -6.65 -15.95 26.35
CA MET C 172 -5.81 -17.13 26.27
C MET C 172 -4.61 -16.95 27.18
N ILE C 173 -4.19 -18.06 27.78
CA ILE C 173 -3.05 -18.12 28.67
C ILE C 173 -2.08 -19.13 28.10
N ILE C 174 -0.89 -18.68 27.73
CA ILE C 174 0.08 -19.57 27.11
C ILE C 174 0.41 -20.74 28.04
N GLY C 175 0.42 -21.95 27.46
CA GLY C 175 0.69 -23.16 28.20
C GLY C 175 -0.51 -23.75 28.91
N HIS C 176 -1.63 -23.03 28.94
CA HIS C 176 -2.81 -23.44 29.68
C HIS C 176 -4.00 -23.58 28.75
N GLY C 177 -4.51 -22.48 28.22
CA GLY C 177 -5.57 -22.65 27.25
C GLY C 177 -6.39 -21.39 27.12
N MET C 178 -7.65 -21.59 26.78
CA MET C 178 -8.58 -20.53 26.46
C MET C 178 -9.56 -20.37 27.60
N VAL C 179 -9.86 -19.12 27.95
CA VAL C 179 -10.94 -18.86 28.90
C VAL C 179 -11.89 -17.87 28.28
N ALA C 180 -13.11 -17.87 28.82
CA ALA C 180 -14.12 -16.89 28.48
C ALA C 180 -14.96 -16.72 29.72
N PHE C 181 -15.53 -15.54 29.88
CA PHE C 181 -16.35 -15.30 31.05
C PHE C 181 -17.23 -14.09 30.78
N ARG C 182 -18.29 -13.99 31.57
CA ARG C 182 -19.34 -13.02 31.40
C ARG C 182 -19.49 -12.27 32.71
N ASP C 183 -19.91 -11.02 32.63
CA ASP C 183 -20.13 -10.21 33.80
C ASP C 183 -21.27 -10.81 34.62
N PRO C 184 -21.34 -10.48 35.91
CA PRO C 184 -22.31 -11.15 36.80
C PRO C 184 -23.77 -10.73 36.57
N ASN C 185 -24.05 -9.75 35.72
CA ASN C 185 -25.42 -9.41 35.36
C ASN C 185 -25.76 -9.78 33.92
N GLY C 186 -24.97 -10.65 33.30
CA GLY C 186 -25.24 -11.11 31.96
C GLY C 186 -25.77 -10.05 31.02
N ILE C 187 -25.10 -8.90 30.96
CA ILE C 187 -25.57 -7.81 30.10
C ILE C 187 -25.11 -8.03 28.66
N ARG C 188 -23.84 -8.39 28.48
CA ARG C 188 -23.30 -8.50 27.13
C ARG C 188 -23.36 -9.94 26.65
N PRO C 189 -23.73 -10.17 25.40
CA PRO C 189 -24.01 -11.55 24.96
C PRO C 189 -22.75 -12.39 24.74
N LEU C 190 -22.91 -13.70 24.92
CA LEU C 190 -21.81 -14.63 24.84
C LEU C 190 -22.32 -16.08 24.83
N VAL C 191 -21.99 -16.84 23.78
CA VAL C 191 -22.49 -18.20 23.62
C VAL C 191 -21.34 -19.17 23.40
N LEU C 192 -21.61 -20.43 23.72
CA LEU C 192 -20.64 -21.52 23.63
C LEU C 192 -21.14 -22.56 22.63
N GLY C 193 -20.19 -23.20 21.96
CA GLY C 193 -20.50 -24.16 20.93
C GLY C 193 -19.37 -25.15 20.80
N LYS C 194 -19.66 -26.27 20.12
CA LYS C 194 -18.72 -27.36 19.98
C LYS C 194 -18.79 -27.92 18.57
N ARG C 195 -17.79 -28.71 18.20
CA ARG C 195 -17.72 -29.29 16.87
C ARG C 195 -16.92 -30.57 17.00
N ASP C 196 -17.58 -31.70 16.80
CA ASP C 196 -16.95 -32.99 16.99
C ASP C 196 -16.17 -33.35 15.73
N ILE C 197 -14.88 -33.65 15.91
CA ILE C 197 -14.02 -34.03 14.80
C ILE C 197 -13.94 -35.56 14.77
N ASP C 198 -14.01 -36.19 15.94
CA ASP C 198 -13.99 -37.64 16.06
C ASP C 198 -14.27 -37.99 17.52
N GLU C 199 -14.16 -39.29 17.85
CA GLU C 199 -14.53 -39.75 19.19
C GLU C 199 -13.67 -39.13 20.28
N ASN C 200 -12.42 -38.78 19.94
CA ASN C 200 -11.44 -38.32 20.93
C ASN C 200 -11.24 -36.82 20.94
N ARG C 201 -11.58 -36.11 19.86
CA ARG C 201 -11.22 -34.70 19.73
C ARG C 201 -12.45 -33.85 19.42
N THR C 202 -12.65 -32.82 20.23
CA THR C 202 -13.76 -31.89 20.10
C THR C 202 -13.23 -30.46 20.16
N GLU C 203 -13.68 -29.63 19.23
CA GLU C 203 -13.35 -28.21 19.24
C GLU C 203 -14.46 -27.43 19.92
N TYR C 204 -14.07 -26.30 20.52
CA TYR C 204 -15.01 -25.42 21.21
C TYR C 204 -14.79 -24.01 20.70
N MET C 205 -15.87 -23.24 20.65
CA MET C 205 -15.77 -21.83 20.36
C MET C 205 -16.79 -21.06 21.17
N VAL C 206 -16.45 -19.82 21.45
CA VAL C 206 -17.35 -18.83 22.03
C VAL C 206 -17.41 -17.67 21.06
N ALA C 207 -18.54 -16.97 21.06
CA ALA C 207 -18.75 -15.84 20.18
C ALA C 207 -19.75 -14.91 20.84
N SER C 208 -19.72 -13.65 20.41
CA SER C 208 -20.74 -12.70 20.83
C SER C 208 -22.14 -13.16 20.44
N GLU C 209 -22.28 -13.76 19.27
CA GLU C 209 -23.59 -14.17 18.77
C GLU C 209 -23.52 -15.56 18.15
N SER C 210 -24.68 -16.21 18.07
CA SER C 210 -24.76 -17.60 17.62
C SER C 210 -24.55 -17.74 16.12
N VAL C 211 -24.81 -16.69 15.33
CA VAL C 211 -24.57 -16.79 13.90
C VAL C 211 -23.12 -17.12 13.60
N ALA C 212 -22.20 -16.76 14.50
CA ALA C 212 -20.80 -17.12 14.28
C ALA C 212 -20.59 -18.62 14.48
N LEU C 213 -21.28 -19.22 15.45
CA LEU C 213 -21.28 -20.68 15.58
C LEU C 213 -21.82 -21.31 14.30
N ASP C 214 -23.02 -20.88 13.89
CA ASP C 214 -23.68 -21.38 12.70
C ASP C 214 -22.75 -21.37 11.50
N THR C 215 -22.22 -20.19 11.16
CA THR C 215 -21.48 -20.06 9.91
C THR C 215 -20.29 -21.02 9.87
N LEU C 216 -19.76 -21.41 11.02
CA LEU C 216 -18.64 -22.34 11.05
C LEU C 216 -19.06 -23.78 11.28
N GLY C 217 -20.37 -24.04 11.34
CA GLY C 217 -20.83 -25.40 11.60
C GLY C 217 -20.51 -25.90 12.99
N PHE C 218 -20.50 -25.01 13.99
CA PHE C 218 -20.40 -25.40 15.38
C PHE C 218 -21.81 -25.62 15.92
N ASP C 219 -22.00 -26.71 16.67
CA ASP C 219 -23.27 -26.90 17.35
C ASP C 219 -23.35 -25.98 18.56
N PHE C 220 -24.52 -25.35 18.71
CA PHE C 220 -24.82 -24.50 19.86
C PHE C 220 -24.92 -25.35 21.13
N LEU C 221 -24.24 -24.95 22.20
CA LEU C 221 -24.40 -25.60 23.49
C LEU C 221 -25.30 -24.78 24.42
N ARG C 222 -24.93 -23.52 24.68
CA ARG C 222 -25.72 -22.66 25.57
C ARG C 222 -25.08 -21.29 25.60
N ASP C 223 -25.87 -20.30 26.03
CA ASP C 223 -25.27 -19.03 26.46
C ASP C 223 -24.36 -19.31 27.63
N VAL C 224 -23.26 -18.57 27.72
CA VAL C 224 -22.45 -18.63 28.93
C VAL C 224 -23.26 -18.01 30.06
N ALA C 225 -23.19 -18.59 31.21
CA ALA C 225 -24.04 -18.08 32.27
C ALA C 225 -23.44 -16.81 32.88
N PRO C 226 -24.29 -15.82 33.20
CA PRO C 226 -23.82 -14.69 34.03
C PRO C 226 -22.85 -15.13 35.10
N GLY C 227 -21.69 -14.47 35.18
CA GLY C 227 -20.67 -14.84 36.12
C GLY C 227 -19.98 -16.15 35.83
N GLU C 228 -20.40 -16.89 34.83
CA GLU C 228 -19.73 -18.15 34.55
C GLU C 228 -18.42 -17.91 33.81
N ALA C 229 -17.49 -18.85 34.01
CA ALA C 229 -16.22 -18.86 33.31
C ALA C 229 -16.04 -20.22 32.65
N ILE C 230 -15.60 -20.20 31.38
CA ILE C 230 -15.24 -21.39 30.63
C ILE C 230 -13.72 -21.47 30.57
N TYR C 231 -13.18 -22.67 30.68
CA TYR C 231 -11.74 -22.89 30.53
C TYR C 231 -11.54 -24.13 29.69
N ILE C 232 -10.97 -23.95 28.48
CA ILE C 232 -10.67 -25.04 27.58
C ILE C 232 -9.16 -25.19 27.52
N THR C 233 -8.68 -26.35 27.95
CA THR C 233 -7.25 -26.63 27.97
C THR C 233 -6.74 -26.87 26.55
N GLU C 234 -5.42 -26.72 26.40
CA GLU C 234 -4.79 -27.02 25.12
C GLU C 234 -5.02 -28.46 24.68
N GLU C 235 -5.36 -29.34 25.60
CA GLU C 235 -5.64 -30.74 25.28
C GLU C 235 -7.12 -30.99 25.05
N GLY C 236 -7.93 -29.93 25.00
CA GLY C 236 -9.28 -30.05 24.51
C GLY C 236 -10.31 -30.46 25.54
N GLN C 237 -10.04 -30.23 26.82
CA GLN C 237 -11.00 -30.49 27.87
C GLN C 237 -11.73 -29.21 28.25
N LEU C 238 -13.03 -29.32 28.44
CA LEU C 238 -13.86 -28.19 28.81
C LEU C 238 -14.15 -28.21 30.31
N PHE C 239 -13.73 -27.17 31.01
CA PHE C 239 -14.08 -26.95 32.40
C PHE C 239 -14.93 -25.70 32.53
N THR C 240 -15.74 -25.68 33.57
CA THR C 240 -16.61 -24.55 33.85
C THR C 240 -16.70 -24.34 35.35
N ARG C 241 -17.13 -23.15 35.73
CA ARG C 241 -17.34 -22.83 37.14
C ARG C 241 -17.96 -21.45 37.31
N GLN C 242 -18.90 -21.34 38.25
CA GLN C 242 -19.43 -20.03 38.64
C GLN C 242 -18.33 -19.23 39.33
N CYS C 243 -18.06 -18.04 38.80
CA CYS C 243 -16.97 -17.20 39.28
C CYS C 243 -17.46 -15.84 39.78
N ALA C 244 -18.77 -15.64 39.84
CA ALA C 244 -19.36 -14.45 40.45
C ALA C 244 -20.17 -14.84 41.68
N ASP C 245 -20.15 -13.96 42.67
CA ASP C 245 -21.15 -13.94 43.72
C ASP C 245 -22.32 -13.10 43.23
N ASN C 246 -23.54 -13.61 43.45
CA ASN C 246 -24.80 -12.96 43.07
C ASN C 246 -24.99 -12.83 41.56
N PRO C 247 -24.69 -13.87 40.78
CA PRO C 247 -24.99 -13.80 39.34
C PRO C 247 -26.49 -13.75 39.09
N VAL C 248 -26.90 -12.76 38.28
CA VAL C 248 -28.27 -12.61 37.80
C VAL C 248 -28.21 -12.35 36.29
N SER C 249 -29.30 -12.65 35.60
CA SER C 249 -29.38 -12.46 34.16
C SER C 249 -30.15 -11.20 33.82
N ASN C 250 -29.43 -10.19 33.32
CA ASN C 250 -30.03 -8.93 32.83
C ASN C 250 -29.54 -8.63 31.42
N PRO C 251 -29.85 -9.48 30.43
CA PRO C 251 -29.34 -9.24 29.08
C PRO C 251 -29.72 -7.85 28.58
N CYS C 252 -28.80 -7.24 27.80
CA CYS C 252 -29.05 -5.94 27.20
C CYS C 252 -30.20 -6.02 26.21
N LEU C 253 -31.03 -4.98 26.22
CA LEU C 253 -32.23 -4.89 25.41
C LEU C 253 -31.96 -4.28 24.05
N PHE C 254 -30.89 -3.50 23.91
CA PHE C 254 -30.60 -2.90 22.62
C PHE C 254 -30.06 -3.93 21.64
N GLU C 255 -29.44 -5.01 22.14
CA GLU C 255 -29.12 -6.13 21.28
C GLU C 255 -30.34 -6.59 20.50
N TYR C 256 -31.48 -6.75 21.17
CA TYR C 256 -32.67 -7.22 20.49
C TYR C 256 -33.24 -6.17 19.55
N VAL C 257 -33.13 -4.90 19.90
CA VAL C 257 -33.86 -3.88 19.17
C VAL C 257 -33.21 -3.61 17.81
N TYR C 258 -31.88 -3.55 17.74
CA TYR C 258 -31.30 -3.32 16.43
C TYR C 258 -29.85 -3.73 16.31
N PHE C 259 -29.16 -4.02 17.41
CA PHE C 259 -27.72 -4.21 17.30
C PHE C 259 -27.34 -5.59 16.80
N ALA C 260 -28.04 -6.62 17.25
CA ALA C 260 -27.67 -7.99 16.88
C ALA C 260 -28.28 -8.33 15.52
N ARG C 261 -27.78 -9.41 14.94
CA ARG C 261 -28.39 -9.88 13.71
C ARG C 261 -29.67 -10.65 14.03
N PRO C 262 -30.67 -10.58 13.15
CA PRO C 262 -31.97 -11.18 13.48
C PRO C 262 -31.91 -12.70 13.63
N ASP C 263 -30.95 -13.37 12.98
CA ASP C 263 -30.86 -14.82 13.04
C ASP C 263 -30.10 -15.33 14.25
N SER C 264 -29.72 -14.44 15.17
CA SER C 264 -29.09 -14.87 16.43
C SER C 264 -30.13 -15.17 17.49
N PHE C 265 -29.77 -16.09 18.40
CA PHE C 265 -30.52 -16.38 19.60
C PHE C 265 -29.70 -15.96 20.82
N ILE C 266 -30.16 -14.95 21.53
CA ILE C 266 -29.45 -14.37 22.68
C ILE C 266 -30.23 -14.72 23.95
N ASP C 267 -29.59 -15.46 24.84
CA ASP C 267 -30.27 -16.04 26.01
C ASP C 267 -31.63 -16.62 25.62
N LYS C 268 -31.58 -17.55 24.68
CA LYS C 268 -32.74 -18.35 24.26
C LYS C 268 -33.83 -17.51 23.59
N ILE C 269 -33.51 -16.29 23.15
CA ILE C 269 -34.51 -15.42 22.52
C ILE C 269 -34.11 -15.16 21.06
N SER C 270 -35.03 -15.43 20.13
CA SER C 270 -34.78 -15.16 18.71
C SER C 270 -34.90 -13.66 18.43
N VAL C 271 -33.82 -13.05 17.96
CA VAL C 271 -33.83 -11.62 17.67
C VAL C 271 -34.89 -11.29 16.64
N TYR C 272 -34.98 -12.10 15.58
CA TYR C 272 -36.01 -11.90 14.56
C TYR C 272 -37.40 -11.92 15.19
N SER C 273 -37.70 -12.93 15.99
CA SER C 273 -39.05 -13.03 16.56
C SER C 273 -39.29 -11.89 17.53
N ALA C 274 -38.32 -11.60 18.40
CA ALA C 274 -38.40 -10.41 19.24
C ALA C 274 -38.84 -9.21 18.42
N ARG C 275 -38.22 -9.01 17.24
CA ARG C 275 -38.52 -7.80 16.47
C ARG C 275 -39.90 -7.84 15.83
N VAL C 276 -40.38 -9.02 15.42
CA VAL C 276 -41.75 -9.10 14.89
C VAL C 276 -42.73 -8.73 15.98
N ASN C 277 -42.55 -9.29 17.18
CA ASN C 277 -43.39 -8.91 18.31
C ASN C 277 -43.36 -7.40 18.52
N MET C 278 -42.19 -6.77 18.44
CA MET C 278 -42.14 -5.31 18.63
C MET C 278 -43.03 -4.60 17.63
N GLY C 279 -43.06 -5.11 16.39
CA GLY C 279 -44.01 -4.59 15.41
C GLY C 279 -45.45 -4.82 15.83
N THR C 280 -45.73 -5.99 16.42
CA THR C 280 -47.09 -6.26 16.88
C THR C 280 -47.49 -5.27 17.96
N LYS C 281 -46.69 -5.19 19.04
CA LYS C 281 -46.98 -4.25 20.12
C LYS C 281 -47.17 -2.84 19.58
N LEU C 282 -46.29 -2.40 18.69
CA LEU C 282 -46.37 -1.02 18.24
C LEU C 282 -47.52 -0.80 17.27
N GLY C 283 -47.86 -1.79 16.45
CA GLY C 283 -48.98 -1.61 15.54
C GLY C 283 -50.32 -1.57 16.26
N GLU C 284 -50.46 -2.38 17.31
CA GLU C 284 -51.62 -2.28 18.17
C GLU C 284 -51.72 -0.88 18.77
N LYS C 285 -50.64 -0.42 19.42
CA LYS C 285 -50.64 0.92 20.01
C LYS C 285 -51.02 1.96 18.98
N ILE C 286 -50.59 1.78 17.73
CA ILE C 286 -50.85 2.79 16.70
C ILE C 286 -52.34 2.82 16.37
N ALA C 287 -52.95 1.65 16.21
CA ALA C 287 -54.36 1.59 15.82
C ALA C 287 -55.24 2.21 16.89
N ARG C 288 -54.89 1.99 18.16
CA ARG C 288 -55.66 2.53 19.27
C ARG C 288 -55.47 4.04 19.40
N GLU C 289 -54.23 4.52 19.44
CA GLU C 289 -53.99 5.94 19.69
C GLU C 289 -54.30 6.77 18.44
N TRP C 290 -53.96 6.26 17.27
CA TRP C 290 -54.15 6.97 16.00
C TRP C 290 -55.32 6.39 15.22
N GLU C 291 -56.42 6.11 15.93
CA GLU C 291 -57.63 5.60 15.30
C GLU C 291 -58.12 6.53 14.20
N ASP C 292 -57.99 7.84 14.39
CA ASP C 292 -58.64 8.82 13.52
C ASP C 292 -57.77 9.25 12.35
N LEU C 293 -56.52 8.81 12.27
CA LEU C 293 -55.59 9.30 11.26
C LEU C 293 -55.67 8.46 9.98
N ASP C 294 -55.52 9.13 8.84
CA ASP C 294 -55.64 8.49 7.53
C ASP C 294 -54.25 8.08 7.04
N ILE C 295 -53.89 6.82 7.26
CA ILE C 295 -52.62 6.28 6.84
C ILE C 295 -52.81 5.54 5.51
N ASP C 296 -52.06 5.96 4.48
CA ASP C 296 -52.11 5.26 3.21
C ASP C 296 -51.19 4.05 3.19
N VAL C 297 -49.97 4.18 3.69
CA VAL C 297 -48.99 3.11 3.53
C VAL C 297 -47.99 3.13 4.67
N VAL C 298 -47.43 1.95 4.95
CA VAL C 298 -46.35 1.81 5.92
C VAL C 298 -45.06 1.58 5.15
N ILE C 299 -44.07 2.44 5.40
CA ILE C 299 -42.80 2.44 4.71
C ILE C 299 -41.69 2.29 5.74
N PRO C 300 -40.89 1.24 5.70
CA PRO C 300 -39.79 1.12 6.66
C PRO C 300 -38.60 2.00 6.27
N ILE C 301 -37.83 2.35 7.30
CA ILE C 301 -36.49 2.91 7.15
C ILE C 301 -35.56 1.72 7.21
N PRO C 302 -35.10 1.19 6.07
CA PRO C 302 -34.35 -0.07 6.09
C PRO C 302 -32.99 0.12 6.76
N GLU C 303 -32.39 -1.01 7.22
CA GLU C 303 -32.91 -2.35 6.96
C GLU C 303 -33.45 -3.07 8.20
N THR C 304 -33.10 -2.58 9.39
CA THR C 304 -33.52 -3.27 10.61
C THR C 304 -35.03 -3.30 10.77
N SER C 305 -35.73 -2.29 10.27
CA SER C 305 -37.16 -2.11 10.57
C SER C 305 -38.09 -2.69 9.50
N CYS C 306 -37.58 -3.38 8.49
CA CYS C 306 -38.48 -3.86 7.44
C CYS C 306 -39.49 -4.85 8.00
N ASP C 307 -39.02 -5.82 8.80
CA ASP C 307 -39.92 -6.80 9.40
C ASP C 307 -40.80 -6.18 10.48
N ILE C 308 -40.35 -5.10 11.11
CA ILE C 308 -41.17 -4.42 12.11
C ILE C 308 -42.32 -3.70 11.43
N ALA C 309 -42.03 -2.96 10.37
CA ALA C 309 -43.06 -2.26 9.62
C ALA C 309 -44.00 -3.22 8.91
N LEU C 310 -43.52 -4.41 8.54
CA LEU C 310 -44.42 -5.38 7.90
C LEU C 310 -45.53 -5.77 8.86
N GLU C 311 -45.16 -6.10 10.09
CA GLU C 311 -46.11 -6.49 11.11
C GLU C 311 -47.04 -5.32 11.47
N ILE C 312 -46.50 -4.11 11.56
CA ILE C 312 -47.35 -2.95 11.82
C ILE C 312 -48.39 -2.78 10.71
N ALA C 313 -47.95 -2.91 9.45
CA ALA C 313 -48.88 -2.77 8.35
C ALA C 313 -49.93 -3.88 8.40
N ARG C 314 -49.59 -5.04 8.95
CA ARG C 314 -50.57 -6.10 9.10
C ARG C 314 -51.62 -5.73 10.14
N ILE C 315 -51.16 -5.41 11.36
CA ILE C 315 -52.08 -4.95 12.41
C ILE C 315 -53.00 -3.87 11.88
N LEU C 316 -52.44 -2.87 11.24
CA LEU C 316 -53.22 -1.76 10.71
C LEU C 316 -53.97 -2.12 9.44
N GLY C 317 -53.82 -3.34 8.94
CA GLY C 317 -54.45 -3.73 7.68
C GLY C 317 -54.19 -2.71 6.59
N LYS C 318 -52.93 -2.29 6.47
CA LYS C 318 -52.54 -1.31 5.47
C LYS C 318 -51.46 -1.87 4.57
N PRO C 319 -51.33 -1.35 3.35
CA PRO C 319 -50.25 -1.81 2.47
C PRO C 319 -48.87 -1.48 3.04
N TYR C 320 -47.93 -2.37 2.77
CA TYR C 320 -46.51 -2.21 3.07
C TYR C 320 -45.79 -1.99 1.75
N ARG C 321 -44.87 -1.02 1.71
CA ARG C 321 -44.12 -0.76 0.50
C ARG C 321 -42.71 -0.30 0.82
N GLN C 322 -41.76 -0.76 -0.01
CA GLN C 322 -40.36 -0.36 0.03
C GLN C 322 -40.23 1.02 -0.60
N GLY C 323 -40.49 2.04 0.22
CA GLY C 323 -40.40 3.40 -0.28
C GLY C 323 -39.00 3.97 -0.15
N PHE C 324 -38.23 3.46 0.80
CA PHE C 324 -36.83 3.81 0.96
C PHE C 324 -35.97 2.62 0.63
N VAL C 325 -34.83 2.88 -0.01
CA VAL C 325 -33.80 1.88 -0.27
C VAL C 325 -32.52 2.39 0.38
N LYS C 326 -31.94 1.59 1.27
CA LYS C 326 -30.65 1.92 1.85
C LYS C 326 -29.56 1.67 0.82
N ASN C 327 -28.69 2.66 0.63
CA ASN C 327 -27.56 2.50 -0.27
C ASN C 327 -26.57 1.50 0.34
N ARG C 328 -26.46 0.33 -0.28
CA ARG C 328 -25.53 -0.70 0.18
C ARG C 328 -24.11 -0.17 0.29
N TYR C 329 -23.72 0.73 -0.61
CA TYR C 329 -22.35 1.19 -0.70
C TYR C 329 -22.36 2.69 -0.43
N VAL C 330 -21.65 3.10 0.60
CA VAL C 330 -21.43 4.51 0.91
C VAL C 330 -19.94 4.74 0.81
N GLY C 331 -19.54 5.77 0.07
CA GLY C 331 -18.14 6.10 -0.11
C GLY C 331 -17.70 7.13 0.89
N ARG C 332 -16.41 7.46 0.84
CA ARG C 332 -15.92 8.55 1.67
C ARG C 332 -16.20 9.87 0.96
N THR C 333 -16.44 10.90 1.77
CA THR C 333 -16.40 12.25 1.24
C THR C 333 -14.97 12.75 1.37
N PHE C 334 -14.50 13.44 0.35
CA PHE C 334 -13.14 13.97 0.32
C PHE C 334 -13.19 15.43 0.68
N ILE C 335 -12.31 15.83 1.60
CA ILE C 335 -12.11 17.21 1.99
C ILE C 335 -11.42 17.89 0.82
N MET C 336 -12.18 18.54 -0.05
CA MET C 336 -11.62 18.95 -1.33
C MET C 336 -11.39 20.44 -1.36
N PRO C 337 -10.16 20.89 -1.70
CA PRO C 337 -9.89 22.32 -1.75
C PRO C 337 -10.91 23.11 -2.56
N GLY C 338 -11.71 23.92 -1.86
CA GLY C 338 -12.60 24.86 -2.49
C GLY C 338 -13.59 24.21 -3.42
N GLN C 339 -14.30 23.20 -2.92
CA GLN C 339 -15.33 22.51 -3.68
C GLN C 339 -16.60 22.43 -2.86
N GLN C 340 -17.71 22.14 -3.54
CA GLN C 340 -19.01 22.07 -2.90
C GLN C 340 -19.66 20.72 -3.19
N LEU C 341 -20.37 20.21 -2.20
CA LEU C 341 -21.05 18.92 -2.31
C LEU C 341 -22.42 19.11 -2.92
N ARG C 342 -22.70 18.35 -3.98
CA ARG C 342 -24.04 18.26 -4.53
C ARG C 342 -24.93 17.36 -3.69
N ARG C 343 -24.33 16.53 -2.84
CA ARG C 343 -25.02 15.38 -2.27
C ARG C 343 -25.33 15.61 -0.80
N LYS C 344 -26.62 15.78 -0.51
CA LYS C 344 -27.09 15.80 0.86
C LYS C 344 -26.66 14.54 1.59
N SER C 345 -26.25 14.70 2.85
CA SER C 345 -25.76 13.55 3.58
C SER C 345 -26.84 12.49 3.78
N VAL C 346 -28.12 12.88 3.81
CA VAL C 346 -29.15 11.87 3.99
C VAL C 346 -29.22 10.97 2.75
N ARG C 347 -28.83 11.46 1.58
CA ARG C 347 -28.83 10.66 0.37
C ARG C 347 -27.63 9.73 0.29
N ARG C 348 -26.52 10.05 0.95
CA ARG C 348 -25.46 9.04 1.13
C ARG C 348 -26.04 7.71 1.61
N LYS C 349 -26.96 7.78 2.60
CA LYS C 349 -27.48 6.58 3.25
C LYS C 349 -28.68 6.02 2.51
N LEU C 350 -29.59 6.89 2.07
CA LEU C 350 -30.89 6.43 1.61
C LEU C 350 -31.26 7.01 0.26
N ASN C 351 -32.13 6.31 -0.45
CA ASN C 351 -32.76 6.84 -1.65
C ASN C 351 -34.26 6.59 -1.55
N ALA C 352 -35.04 7.55 -2.04
CA ALA C 352 -36.50 7.47 -1.99
C ALA C 352 -37.02 7.02 -3.34
N ASN C 353 -37.90 6.02 -3.34
CA ASN C 353 -38.64 5.64 -4.55
C ASN C 353 -39.79 6.65 -4.71
N ARG C 354 -39.66 7.53 -5.71
CA ARG C 354 -40.59 8.65 -5.82
C ARG C 354 -42.03 8.19 -5.91
N ALA C 355 -42.31 7.14 -6.68
CA ALA C 355 -43.70 6.74 -6.91
C ALA C 355 -44.40 6.25 -5.66
N GLU C 356 -43.65 5.84 -4.62
CA GLU C 356 -44.27 5.24 -3.45
C GLU C 356 -44.71 6.27 -2.41
N PHE C 357 -44.26 7.53 -2.55
CA PHE C 357 -44.62 8.60 -1.63
C PHE C 357 -45.65 9.57 -2.18
N ARG C 358 -45.80 9.63 -3.49
CA ARG C 358 -46.42 10.76 -4.15
C ARG C 358 -47.89 10.83 -3.80
N ASP C 359 -48.25 11.85 -3.02
CA ASP C 359 -49.63 12.18 -2.69
C ASP C 359 -50.24 11.19 -1.72
N LYS C 360 -49.42 10.71 -0.79
CA LYS C 360 -49.89 9.78 0.22
C LYS C 360 -49.61 10.33 1.62
N ASN C 361 -50.49 10.00 2.56
CA ASN C 361 -50.11 10.03 3.95
C ASN C 361 -49.30 8.78 4.23
N VAL C 362 -48.05 8.95 4.66
CA VAL C 362 -47.18 7.80 4.89
C VAL C 362 -46.85 7.70 6.36
N LEU C 363 -46.76 6.47 6.85
CA LEU C 363 -46.22 6.16 8.16
C LEU C 363 -44.83 5.57 7.93
N LEU C 364 -43.80 6.34 8.24
CA LEU C 364 -42.46 5.81 8.28
C LEU C 364 -42.23 5.07 9.58
N VAL C 365 -41.44 4.02 9.52
CA VAL C 365 -41.07 3.23 10.69
C VAL C 365 -39.55 3.22 10.77
N ASP C 366 -39.01 3.66 11.90
CA ASP C 366 -37.58 3.54 12.12
C ASP C 366 -37.36 2.71 13.37
N ASP C 367 -36.12 2.30 13.56
CA ASP C 367 -35.82 1.45 14.71
C ASP C 367 -35.61 2.27 15.97
N SER C 368 -35.27 3.55 15.84
CA SER C 368 -34.99 4.38 17.01
C SER C 368 -34.75 5.83 16.63
N ILE C 369 -34.55 6.66 17.64
CA ILE C 369 -34.36 8.11 17.49
C ILE C 369 -33.30 8.48 18.50
N VAL C 370 -32.15 8.96 18.03
CA VAL C 370 -31.08 9.33 18.95
C VAL C 370 -30.96 10.85 18.89
N ARG C 371 -30.33 11.37 17.83
CA ARG C 371 -30.12 12.80 17.73
C ARG C 371 -31.30 13.54 17.11
N GLY C 372 -32.07 12.90 16.24
CA GLY C 372 -33.21 13.51 15.62
C GLY C 372 -32.89 14.29 14.37
N THR C 373 -31.65 14.74 14.22
CA THR C 373 -31.20 15.30 12.95
C THR C 373 -31.48 14.33 11.81
N THR C 374 -31.02 13.09 11.98
CA THR C 374 -31.26 12.05 10.97
C THR C 374 -32.75 11.88 10.71
N SER C 375 -33.53 11.68 11.76
CA SER C 375 -34.98 11.54 11.61
C SER C 375 -35.57 12.74 10.89
N GLU C 376 -35.17 13.96 11.28
CA GLU C 376 -35.70 15.14 10.61
C GLU C 376 -35.46 15.09 9.12
N GLN C 377 -34.27 14.64 8.71
CA GLN C 377 -33.92 14.68 7.29
C GLN C 377 -34.63 13.59 6.50
N ILE C 378 -34.86 12.43 7.11
CA ILE C 378 -35.63 11.38 6.43
C ILE C 378 -37.05 11.85 6.16
N ILE C 379 -37.68 12.49 7.15
CA ILE C 379 -39.02 13.06 6.94
C ILE C 379 -39.00 14.06 5.79
N GLU C 380 -38.01 14.96 5.78
CA GLU C 380 -37.88 15.92 4.69
C GLU C 380 -37.77 15.21 3.34
N MET C 381 -37.04 14.10 3.28
CA MET C 381 -36.94 13.36 2.03
C MET C 381 -38.32 12.93 1.55
N ALA C 382 -39.14 12.41 2.46
CA ALA C 382 -40.47 11.95 2.09
C ALA C 382 -41.28 13.07 1.47
N ARG C 383 -41.22 14.28 2.06
CA ARG C 383 -42.02 15.38 1.54
C ARG C 383 -41.61 15.74 0.13
N GLU C 384 -40.30 15.92 -0.12
CA GLU C 384 -39.88 16.27 -1.47
C GLU C 384 -40.12 15.12 -2.44
N ALA C 385 -40.34 13.90 -1.93
CA ALA C 385 -40.73 12.78 -2.78
C ALA C 385 -42.19 12.86 -3.19
N GLY C 386 -43.00 13.66 -2.51
CA GLY C 386 -44.40 13.81 -2.82
C GLY C 386 -45.35 13.53 -1.67
N ALA C 387 -44.87 13.03 -0.54
CA ALA C 387 -45.78 12.67 0.56
C ALA C 387 -46.49 13.92 1.06
N LYS C 388 -47.77 13.76 1.40
CA LYS C 388 -48.55 14.86 1.97
C LYS C 388 -48.33 14.89 3.49
N LYS C 389 -48.85 13.88 4.19
CA LYS C 389 -48.64 13.76 5.63
C LYS C 389 -47.56 12.71 5.89
N VAL C 390 -46.70 12.99 6.85
CA VAL C 390 -45.58 12.12 7.17
C VAL C 390 -45.59 11.84 8.67
N TYR C 391 -45.88 10.60 9.03
CA TYR C 391 -45.88 10.14 10.40
C TYR C 391 -44.64 9.28 10.62
N LEU C 392 -44.13 9.28 11.84
CA LEU C 392 -42.94 8.51 12.18
C LEU C 392 -43.21 7.68 13.41
N ALA C 393 -42.89 6.39 13.35
CA ALA C 393 -43.01 5.51 14.49
C ALA C 393 -41.66 4.89 14.78
N SER C 394 -41.35 4.75 16.08
CA SER C 394 -40.07 4.28 16.54
C SER C 394 -40.25 2.98 17.31
N ALA C 395 -39.59 1.92 16.84
CA ALA C 395 -39.69 0.62 17.48
C ALA C 395 -39.12 0.62 18.89
N ALA C 396 -38.27 1.57 19.24
CA ALA C 396 -37.78 1.64 20.60
C ALA C 396 -38.42 2.79 21.38
N PRO C 397 -38.50 2.66 22.71
CA PRO C 397 -38.88 3.82 23.53
C PRO C 397 -37.96 5.02 23.33
N GLU C 398 -38.41 6.20 23.76
CA GLU C 398 -37.56 7.38 23.83
C GLU C 398 -36.20 7.00 24.41
N ILE C 399 -35.14 7.50 23.79
CA ILE C 399 -33.77 7.28 24.24
C ILE C 399 -33.32 8.52 25.01
N ARG C 400 -33.08 8.38 26.32
CA ARG C 400 -32.87 9.54 27.18
C ARG C 400 -31.57 9.51 27.97
N PHE C 401 -30.91 8.38 28.09
CA PHE C 401 -29.70 8.26 28.88
C PHE C 401 -28.67 7.47 28.08
N PRO C 402 -27.39 7.69 28.34
CA PRO C 402 -26.36 6.99 27.55
C PRO C 402 -26.09 5.60 28.07
N ASN C 403 -25.68 4.73 27.16
CA ASN C 403 -25.24 3.41 27.56
C ASN C 403 -23.80 3.49 28.02
N VAL C 404 -23.51 2.89 29.18
CA VAL C 404 -22.13 2.79 29.64
C VAL C 404 -21.79 1.32 29.82
N TYR C 405 -22.41 0.46 29.00
CA TYR C 405 -22.21 -0.98 29.09
C TYR C 405 -21.64 -1.56 27.81
N GLY C 406 -21.25 -0.72 26.85
CA GLY C 406 -20.64 -1.21 25.62
C GLY C 406 -21.32 -0.81 24.33
N ILE C 407 -22.37 0.01 24.41
CA ILE C 407 -23.09 0.50 23.23
C ILE C 407 -22.79 1.98 23.07
N ASP C 408 -22.02 2.34 22.02
CA ASP C 408 -21.63 3.74 21.83
C ASP C 408 -22.82 4.68 21.68
N MET C 409 -23.06 5.52 22.69
CA MET C 409 -24.18 6.44 22.69
C MET C 409 -23.71 7.88 22.87
N PRO C 410 -24.37 8.84 22.23
CA PRO C 410 -24.10 10.25 22.56
C PRO C 410 -24.50 10.58 23.98
N SER C 411 -23.96 11.69 24.47
CA SER C 411 -24.27 12.19 25.81
C SER C 411 -25.72 12.66 25.89
N ALA C 412 -26.25 12.66 27.12
CA ALA C 412 -27.66 12.98 27.32
C ALA C 412 -28.03 14.30 26.65
N THR C 413 -27.14 15.29 26.72
CA THR C 413 -27.41 16.60 26.14
C THR C 413 -27.71 16.53 24.66
N GLU C 414 -27.18 15.52 23.98
CA GLU C 414 -27.33 15.38 22.55
C GLU C 414 -28.56 14.58 22.17
N LEU C 415 -29.02 13.72 23.08
CA LEU C 415 -30.25 12.94 22.86
C LEU C 415 -31.43 13.90 22.78
N ILE C 416 -32.14 13.89 21.66
CA ILE C 416 -33.25 14.81 21.49
C ILE C 416 -34.37 14.52 22.48
N ALA C 417 -34.43 13.31 23.04
CA ALA C 417 -35.48 12.96 23.99
C ALA C 417 -35.16 13.38 25.42
N HIS C 418 -33.93 13.78 25.71
CA HIS C 418 -33.59 14.23 27.05
C HIS C 418 -34.36 15.50 27.36
N GLY C 419 -35.07 15.49 28.50
CA GLY C 419 -35.84 16.62 28.94
C GLY C 419 -36.96 17.08 28.03
N ARG C 420 -37.25 16.36 26.95
CA ARG C 420 -38.31 16.78 26.05
C ARG C 420 -39.47 15.78 26.09
N GLU C 421 -40.66 16.29 25.80
CA GLU C 421 -41.86 15.47 25.71
C GLU C 421 -42.11 15.11 24.25
N VAL C 422 -43.04 14.17 24.05
CA VAL C 422 -43.14 13.49 22.76
C VAL C 422 -43.64 14.43 21.67
N ASP C 423 -44.61 15.30 21.98
CA ASP C 423 -45.07 16.28 21.00
C ASP C 423 -44.05 17.40 20.80
N GLU C 424 -43.13 17.57 21.74
CA GLU C 424 -42.01 18.48 21.56
C GLU C 424 -41.04 17.94 20.52
N ILE C 425 -40.48 16.76 20.80
CA ILE C 425 -39.66 16.00 19.85
C ILE C 425 -40.26 16.08 18.46
N ARG C 426 -41.59 15.96 18.36
CA ARG C 426 -42.23 15.95 17.06
C ARG C 426 -42.06 17.28 16.33
N GLN C 427 -42.23 18.40 17.05
CA GLN C 427 -42.18 19.70 16.38
C GLN C 427 -40.80 19.96 15.78
N ILE C 428 -39.75 19.65 16.53
CA ILE C 428 -38.38 19.81 16.02
C ILE C 428 -38.22 19.07 14.70
N ILE C 429 -38.44 17.75 14.72
CA ILE C 429 -38.07 16.93 13.58
C ILE C 429 -38.98 17.19 12.38
N GLY C 430 -40.16 17.75 12.58
CA GLY C 430 -41.04 18.09 11.49
C GLY C 430 -42.08 17.06 11.13
N ALA C 431 -42.32 16.07 12.00
CA ALA C 431 -43.32 15.06 11.73
C ALA C 431 -44.72 15.61 11.95
N ASP C 432 -45.62 15.28 11.02
CA ASP C 432 -47.04 15.50 11.26
C ASP C 432 -47.59 14.60 12.36
N GLY C 433 -46.81 13.61 12.79
CA GLY C 433 -47.14 12.75 13.90
C GLY C 433 -45.94 11.93 14.32
N LEU C 434 -45.85 11.59 15.59
CA LEU C 434 -44.71 10.85 16.12
C LEU C 434 -45.20 9.97 17.25
N ILE C 435 -44.77 8.71 17.27
CA ILE C 435 -45.12 7.81 18.36
C ILE C 435 -43.98 6.88 18.65
N PHE C 436 -43.88 6.49 19.92
CA PHE C 436 -42.84 5.60 20.40
C PHE C 436 -43.45 4.31 20.94
N GLN C 437 -42.60 3.29 20.99
CA GLN C 437 -42.89 2.06 21.71
C GLN C 437 -42.77 2.29 23.21
N ASP C 438 -43.64 1.64 23.98
CA ASP C 438 -43.59 1.72 25.44
C ASP C 438 -42.61 0.69 25.98
N LEU C 439 -41.78 1.13 26.94
CA LEU C 439 -40.77 0.23 27.49
C LEU C 439 -41.39 -1.09 27.93
N ASN C 440 -42.59 -1.06 28.51
CA ASN C 440 -43.20 -2.29 28.99
C ASN C 440 -43.63 -3.19 27.83
N ASP C 441 -44.14 -2.58 26.75
CA ASP C 441 -44.44 -3.33 25.54
C ASP C 441 -43.17 -3.93 24.94
N LEU C 442 -42.12 -3.11 24.79
CA LEU C 442 -40.84 -3.65 24.31
C LEU C 442 -40.42 -4.84 25.15
N ILE C 443 -40.50 -4.71 26.48
CA ILE C 443 -40.07 -5.79 27.36
C ILE C 443 -40.96 -7.03 27.16
N ASP C 444 -42.26 -6.82 26.99
CA ASP C 444 -43.18 -7.95 26.78
C ASP C 444 -42.80 -8.70 25.51
N ALA C 445 -42.61 -7.96 24.41
CA ALA C 445 -42.20 -8.55 23.14
C ALA C 445 -41.02 -9.49 23.30
N VAL C 446 -40.05 -9.11 24.12
CA VAL C 446 -38.82 -9.87 24.23
C VAL C 446 -38.96 -11.00 25.24
N ARG C 447 -39.57 -10.75 26.40
CA ARG C 447 -39.78 -11.83 27.37
C ARG C 447 -40.69 -12.92 26.81
N ALA C 448 -41.58 -12.58 25.88
CA ALA C 448 -42.47 -13.57 25.29
C ALA C 448 -41.68 -14.73 24.68
N GLU C 449 -40.47 -14.49 24.20
CA GLU C 449 -39.64 -15.56 23.67
C GLU C 449 -38.90 -16.31 24.75
N ASN C 450 -38.87 -15.80 25.98
CA ASN C 450 -38.26 -16.50 27.10
C ASN C 450 -38.71 -15.88 28.41
N PRO C 451 -39.87 -16.29 28.95
CA PRO C 451 -40.36 -15.67 30.20
C PRO C 451 -39.45 -15.92 31.40
N ASP C 452 -38.40 -16.75 31.25
CA ASP C 452 -37.44 -16.94 32.32
C ASP C 452 -36.58 -15.72 32.59
N ILE C 453 -36.50 -14.78 31.64
CA ILE C 453 -35.78 -13.52 31.86
C ILE C 453 -36.76 -12.53 32.50
N GLN C 454 -36.48 -12.12 33.73
CA GLN C 454 -37.37 -11.23 34.47
C GLN C 454 -37.09 -9.76 34.20
N GLN C 455 -35.82 -9.37 34.18
CA GLN C 455 -35.43 -7.97 33.99
C GLN C 455 -34.38 -7.86 32.90
N PHE C 456 -34.47 -6.80 32.11
CA PHE C 456 -33.47 -6.46 31.11
C PHE C 456 -32.71 -5.19 31.50
N GLU C 457 -31.46 -5.09 31.04
CA GLU C 457 -30.72 -3.83 31.05
C GLU C 457 -31.47 -2.82 30.18
N CYS C 458 -32.05 -1.79 30.80
CA CYS C 458 -32.83 -0.78 30.08
C CYS C 458 -32.32 0.64 30.29
N SER C 459 -31.11 0.81 30.83
CA SER C 459 -30.66 2.14 31.28
C SER C 459 -30.91 3.23 30.24
N VAL C 460 -30.60 2.96 28.98
CA VAL C 460 -30.74 3.99 27.95
C VAL C 460 -32.16 4.55 27.93
N PHE C 461 -33.14 3.77 28.39
CA PHE C 461 -34.54 4.17 28.33
C PHE C 461 -35.02 4.80 29.63
N ASN C 462 -34.58 4.27 30.79
CA ASN C 462 -35.17 4.61 32.08
C ASN C 462 -34.16 5.05 33.15
N GLY C 463 -32.87 5.03 32.85
CA GLY C 463 -31.88 5.59 33.76
C GLY C 463 -31.40 4.70 34.88
N VAL C 464 -31.84 3.45 34.95
CA VAL C 464 -31.53 2.58 36.09
C VAL C 464 -30.36 1.68 35.71
N TYR C 465 -29.22 1.92 36.34
CA TYR C 465 -27.98 1.22 36.01
C TYR C 465 -27.72 0.11 37.03
N VAL C 466 -27.86 -1.12 36.57
CA VAL C 466 -27.67 -2.34 37.37
C VAL C 466 -26.36 -2.34 38.15
N THR C 467 -25.39 -1.53 37.73
CA THR C 467 -24.12 -1.46 38.48
C THR C 467 -24.12 -0.33 39.52
N LYS C 468 -25.01 0.65 39.39
CA LYS C 468 -25.20 1.70 40.40
C LYS C 468 -23.96 2.60 40.55
N ASP C 469 -23.04 2.56 39.58
CA ASP C 469 -21.81 3.35 39.65
C ASP C 469 -21.82 4.55 38.71
N VAL C 470 -22.97 4.90 38.13
CA VAL C 470 -23.03 5.90 37.07
C VAL C 470 -23.49 7.22 37.66
N ASP C 471 -22.59 8.20 37.64
CA ASP C 471 -22.86 9.52 38.21
C ASP C 471 -22.25 10.58 37.31
N GLN C 472 -22.56 11.85 37.62
CA GLN C 472 -22.11 12.94 36.77
C GLN C 472 -20.60 13.06 36.71
N GLY C 473 -19.88 12.50 37.70
CA GLY C 473 -18.42 12.53 37.63
C GLY C 473 -17.88 11.56 36.60
N TYR C 474 -18.43 10.35 36.56
CA TYR C 474 -17.98 9.35 35.60
C TYR C 474 -18.38 9.74 34.17
N LEU C 475 -19.49 10.48 34.02
CA LEU C 475 -19.87 10.95 32.70
C LEU C 475 -18.93 12.04 32.20
N ASP C 476 -18.42 12.88 33.10
CA ASP C 476 -17.41 13.86 32.69
C ASP C 476 -16.09 13.19 32.34
N PHE C 477 -15.74 12.10 33.03
CA PHE C 477 -14.54 11.34 32.66
C PHE C 477 -14.65 10.79 31.25
N LEU C 478 -15.82 10.24 30.90
CA LEU C 478 -16.02 9.71 29.56
C LEU C 478 -16.03 10.81 28.51
N ASP C 479 -16.28 12.07 28.89
CA ASP C 479 -16.25 13.16 27.91
C ASP C 479 -14.86 13.77 27.75
N THR C 480 -13.97 13.68 28.74
CA THR C 480 -12.58 14.02 28.47
C THR C 480 -11.92 12.95 27.61
N LEU C 481 -12.41 11.70 27.67
CA LEU C 481 -11.94 10.67 26.75
C LEU C 481 -12.39 10.98 25.32
N ARG C 482 -13.60 11.50 25.15
CA ARG C 482 -14.09 11.82 23.81
C ARG C 482 -13.26 12.93 23.16
N ASN C 483 -12.97 13.99 23.92
CA ASN C 483 -12.21 15.12 23.38
C ASN C 483 -10.85 14.67 22.87
N ASP C 484 -10.11 13.94 23.70
CA ASP C 484 -8.78 13.48 23.31
C ASP C 484 -8.86 12.50 22.13
N ASP C 485 -9.85 11.60 22.16
CA ASP C 485 -10.07 10.70 21.02
C ASP C 485 -10.34 11.49 19.74
N ALA C 486 -11.07 12.61 19.85
CA ALA C 486 -11.37 13.46 18.70
C ALA C 486 -10.19 14.35 18.34
N LYS C 487 -9.32 14.67 19.30
CA LYS C 487 -8.10 15.40 18.98
C LYS C 487 -7.07 14.50 18.29
N ALA C 488 -7.04 13.21 18.64
CA ALA C 488 -6.13 12.28 17.98
C ALA C 488 -6.62 11.93 16.58
N VAL C 489 -7.94 11.82 16.40
CA VAL C 489 -8.49 11.59 15.07
C VAL C 489 -8.21 12.79 14.17
N GLN C 490 -8.36 14.01 14.71
CA GLN C 490 -8.09 15.21 13.93
C GLN C 490 -6.63 15.29 13.50
N ARG C 491 -5.70 14.83 14.36
CA ARG C 491 -4.29 14.90 14.02
C ARG C 491 -3.92 13.92 12.91
N GLN C 492 -4.59 12.76 12.85
CA GLN C 492 -4.35 11.81 11.77
C GLN C 492 -4.75 12.41 10.42
N ASN C 493 -5.80 13.22 10.40
CA ASN C 493 -6.29 13.79 9.14
C ASN C 493 -5.54 15.06 8.75
N GLU C 494 -5.01 15.83 9.71
CA GLU C 494 -4.16 16.96 9.35
C GLU C 494 -2.93 16.48 8.60
N VAL C 495 -2.29 15.42 9.09
CA VAL C 495 -1.04 14.94 8.53
C VAL C 495 -1.29 13.99 7.35
N GLU C 496 -2.46 13.35 7.30
CA GLU C 496 -2.85 12.57 6.13
C GLU C 496 -3.42 13.44 5.01
N ASN C 497 -3.22 14.76 5.09
CA ASN C 497 -3.38 15.67 3.97
C ASN C 497 -2.03 16.23 3.58
N LEU C 498 -1.02 15.35 3.52
CA LEU C 498 0.37 15.74 3.33
C LEU C 498 0.59 17.21 3.67
N CYS D 1 -22.45 -4.00 -15.97
CA CYS D 1 -21.64 -2.76 -15.84
C CYS D 1 -22.53 -1.53 -15.66
N GLY D 2 -21.97 -0.47 -15.11
CA GLY D 2 -22.68 0.78 -14.98
C GLY D 2 -21.85 1.95 -15.49
N ILE D 3 -22.54 2.93 -16.08
CA ILE D 3 -21.89 4.11 -16.59
C ILE D 3 -22.58 5.36 -16.09
N VAL D 4 -21.82 6.45 -16.05
CA VAL D 4 -22.35 7.76 -15.71
C VAL D 4 -21.51 8.81 -16.42
N GLY D 5 -22.17 9.87 -16.83
CA GLY D 5 -21.49 11.02 -17.38
C GLY D 5 -22.13 12.28 -16.82
N ILE D 6 -21.31 13.25 -16.43
CA ILE D 6 -21.82 14.52 -15.90
C ILE D 6 -21.17 15.65 -16.65
N ALA D 7 -21.97 16.48 -17.31
CA ALA D 7 -21.52 17.72 -17.93
C ALA D 7 -21.95 18.85 -16.99
N GLY D 8 -21.02 19.31 -16.15
CA GLY D 8 -21.33 20.22 -15.08
C GLY D 8 -20.84 21.64 -15.34
N VAL D 9 -21.18 22.51 -14.39
CA VAL D 9 -20.64 23.86 -14.35
C VAL D 9 -19.63 24.07 -13.24
N MET D 10 -19.40 23.04 -12.44
CA MET D 10 -18.43 23.07 -11.34
C MET D 10 -17.86 21.66 -11.21
N PRO D 11 -16.89 21.45 -10.33
CA PRO D 11 -16.18 20.16 -10.33
C PRO D 11 -17.11 18.97 -10.16
N VAL D 12 -16.82 17.92 -10.93
CA VAL D 12 -17.66 16.73 -10.98
C VAL D 12 -17.02 15.51 -10.33
N ASN D 13 -15.77 15.59 -9.87
CA ASN D 13 -15.10 14.38 -9.45
C ASN D 13 -15.89 13.69 -8.34
N GLN D 14 -16.24 14.41 -7.29
CA GLN D 14 -16.95 13.79 -6.17
C GLN D 14 -18.33 13.29 -6.59
N SER D 15 -19.00 14.02 -7.47
CA SER D 15 -20.34 13.64 -7.87
C SER D 15 -20.31 12.34 -8.69
N ILE D 16 -19.31 12.20 -9.55
CA ILE D 16 -19.20 10.97 -10.33
C ILE D 16 -18.95 9.80 -9.40
N TYR D 17 -17.98 9.96 -8.50
CA TYR D 17 -17.72 9.00 -7.44
C TYR D 17 -19.00 8.61 -6.72
N ASP D 18 -19.79 9.60 -6.31
CA ASP D 18 -21.03 9.32 -5.58
C ASP D 18 -22.02 8.57 -6.45
N ALA D 19 -22.13 8.97 -7.72
CA ALA D 19 -23.01 8.28 -8.66
C ALA D 19 -22.58 6.83 -8.84
N LEU D 20 -21.27 6.60 -8.98
CA LEU D 20 -20.80 5.22 -9.12
C LEU D 20 -21.08 4.42 -7.85
N THR D 21 -21.00 5.04 -6.67
CA THR D 21 -21.27 4.26 -5.46
C THR D 21 -22.71 3.76 -5.44
N VAL D 22 -23.65 4.50 -6.04
CA VAL D 22 -25.03 3.98 -6.05
C VAL D 22 -25.31 3.11 -7.28
N LEU D 23 -24.40 3.05 -8.25
CA LEU D 23 -24.49 2.05 -9.32
C LEU D 23 -23.58 0.85 -9.05
N GLN D 24 -22.99 0.77 -7.85
CA GLN D 24 -21.93 -0.20 -7.57
C GLN D 24 -22.42 -1.63 -7.70
N HIS D 25 -23.72 -1.87 -7.50
CA HIS D 25 -24.28 -3.20 -7.72
C HIS D 25 -24.21 -3.65 -9.17
N ARG D 26 -23.97 -2.75 -10.12
CA ARG D 26 -23.87 -3.13 -11.52
C ARG D 26 -22.47 -3.64 -11.88
N GLY D 27 -21.52 -3.58 -10.96
CA GLY D 27 -20.21 -4.14 -11.20
C GLY D 27 -19.24 -3.81 -10.11
N GLN D 28 -18.70 -4.83 -9.44
CA GLN D 28 -17.77 -4.61 -8.34
C GLN D 28 -16.32 -4.89 -8.68
N ASP D 29 -16.04 -5.35 -9.90
CA ASP D 29 -14.69 -5.82 -10.23
C ASP D 29 -13.71 -4.67 -10.40
N ALA D 30 -14.17 -3.58 -11.01
CA ALA D 30 -13.27 -2.45 -11.26
C ALA D 30 -14.10 -1.19 -11.38
N ALA D 31 -13.41 -0.06 -11.32
CA ALA D 31 -14.03 1.24 -11.42
C ALA D 31 -13.06 2.18 -12.11
N GLY D 32 -13.61 3.13 -12.85
CA GLY D 32 -12.79 4.15 -13.49
C GLY D 32 -13.51 5.48 -13.62
N ILE D 33 -12.77 6.58 -13.46
CA ILE D 33 -13.31 7.92 -13.67
C ILE D 33 -12.32 8.70 -14.53
N ILE D 34 -12.84 9.46 -15.48
CA ILE D 34 -11.99 10.32 -16.30
C ILE D 34 -12.69 11.67 -16.46
N THR D 35 -11.95 12.73 -16.27
CA THR D 35 -12.45 14.08 -16.44
C THR D 35 -11.64 14.81 -17.49
N ILE D 36 -12.16 15.95 -17.93
CA ILE D 36 -11.43 16.90 -18.74
C ILE D 36 -11.16 18.11 -17.87
N ASP D 37 -9.89 18.46 -17.73
CA ASP D 37 -9.50 19.55 -16.85
C ASP D 37 -9.48 20.86 -17.61
N ALA D 38 -9.14 21.93 -16.90
CA ALA D 38 -9.10 23.28 -17.45
C ALA D 38 -8.08 23.42 -18.58
N ASN D 39 -7.09 22.54 -18.66
CA ASN D 39 -6.13 22.59 -19.75
C ASN D 39 -6.56 21.74 -20.94
N ASN D 40 -7.80 21.28 -20.95
CA ASN D 40 -8.32 20.41 -21.99
C ASN D 40 -7.50 19.13 -22.13
N CYS D 41 -7.13 18.57 -20.98
CA CYS D 41 -6.50 17.27 -20.93
C CYS D 41 -7.31 16.31 -20.09
N PHE D 42 -7.24 15.05 -20.48
CA PHE D 42 -7.89 13.97 -19.75
C PHE D 42 -7.14 13.69 -18.46
N ARG D 43 -7.88 13.50 -17.37
CA ARG D 43 -7.35 13.04 -16.09
C ARG D 43 -8.07 11.74 -15.76
N LEU D 44 -7.32 10.69 -15.48
CA LEU D 44 -7.89 9.34 -15.33
C LEU D 44 -7.42 8.69 -14.05
N ARG D 45 -8.36 7.98 -13.40
CA ARG D 45 -8.03 6.97 -12.40
C ARG D 45 -8.94 5.78 -12.65
N LYS D 46 -8.35 4.60 -12.81
CA LYS D 46 -9.11 3.35 -12.90
C LYS D 46 -8.21 2.26 -12.32
N ALA D 47 -8.84 1.23 -11.77
CA ALA D 47 -8.13 0.14 -11.12
C ALA D 47 -9.16 -0.91 -10.72
N ASN D 48 -8.68 -2.09 -10.35
CA ASN D 48 -9.56 -3.12 -9.84
C ASN D 48 -10.03 -2.78 -8.43
N GLY D 49 -11.22 -3.26 -8.09
CA GLY D 49 -11.78 -3.08 -6.76
C GLY D 49 -13.09 -2.32 -6.81
N LEU D 50 -13.67 -2.15 -5.61
CA LEU D 50 -14.83 -1.31 -5.41
C LEU D 50 -14.46 0.16 -5.57
N VAL D 51 -15.48 0.98 -5.86
CA VAL D 51 -15.29 2.42 -6.01
C VAL D 51 -14.60 2.99 -4.76
N SER D 52 -15.04 2.57 -3.57
CA SER D 52 -14.50 3.11 -2.34
C SER D 52 -13.04 2.74 -2.12
N ASP D 53 -12.54 1.69 -2.77
CA ASP D 53 -11.14 1.31 -2.68
C ASP D 53 -10.30 1.84 -3.84
N VAL D 54 -10.92 2.14 -4.98
CA VAL D 54 -10.15 2.54 -6.16
C VAL D 54 -9.68 3.98 -6.05
N PHE D 55 -10.52 4.87 -5.54
CA PHE D 55 -10.28 6.31 -5.57
C PHE D 55 -9.91 6.79 -4.17
N GLU D 56 -8.66 7.22 -4.02
CA GLU D 56 -8.19 7.82 -2.78
C GLU D 56 -8.01 9.31 -3.00
N ALA D 57 -7.62 10.02 -1.94
CA ALA D 57 -7.57 11.47 -1.99
C ALA D 57 -6.64 11.95 -3.10
N ARG D 58 -5.48 11.32 -3.26
CA ARG D 58 -4.54 11.74 -4.29
C ARG D 58 -5.13 11.60 -5.68
N HIS D 59 -6.02 10.62 -5.89
CA HIS D 59 -6.61 10.46 -7.21
C HIS D 59 -7.69 11.50 -7.48
N MET D 60 -8.49 11.82 -6.46
CA MET D 60 -9.52 12.83 -6.64
C MET D 60 -8.92 14.21 -6.88
N GLN D 61 -7.79 14.51 -6.24
CA GLN D 61 -7.08 15.75 -6.52
C GLN D 61 -6.66 15.82 -7.98
N ARG D 62 -6.29 14.67 -8.55
CA ARG D 62 -5.92 14.59 -9.95
C ARG D 62 -7.12 14.84 -10.87
N LEU D 63 -8.32 14.43 -10.47
CA LEU D 63 -9.45 14.39 -11.39
C LEU D 63 -10.15 15.75 -11.46
N GLN D 64 -9.46 16.72 -12.06
CA GLN D 64 -9.95 18.09 -12.11
C GLN D 64 -10.86 18.32 -13.32
N GLY D 65 -11.77 19.26 -13.18
CA GLY D 65 -12.60 19.68 -14.29
C GLY D 65 -14.09 19.54 -13.99
N ASN D 66 -14.88 20.06 -14.92
CA ASN D 66 -16.32 20.19 -14.77
C ASN D 66 -17.10 19.24 -15.68
N MET D 67 -16.43 18.26 -16.29
CA MET D 67 -17.06 17.29 -17.16
C MET D 67 -16.33 15.96 -16.98
N GLY D 68 -17.07 14.88 -16.91
CA GLY D 68 -16.41 13.60 -16.64
C GLY D 68 -17.33 12.42 -16.83
N ILE D 69 -16.71 11.25 -16.99
CA ILE D 69 -17.46 10.01 -17.05
C ILE D 69 -16.88 8.99 -16.06
N GLY D 70 -17.72 8.02 -15.74
CA GLY D 70 -17.34 6.95 -14.84
C GLY D 70 -17.92 5.62 -15.29
N HIS D 71 -17.30 4.56 -14.80
CA HIS D 71 -17.66 3.20 -15.16
C HIS D 71 -17.42 2.32 -13.95
N VAL D 72 -18.32 1.38 -13.70
CA VAL D 72 -18.04 0.24 -12.83
C VAL D 72 -18.19 -1.03 -13.66
N ARG D 73 -17.28 -1.97 -13.44
CA ARG D 73 -17.18 -3.15 -14.30
C ARG D 73 -17.67 -4.40 -13.60
N TYR D 74 -18.56 -5.11 -14.27
CA TYR D 74 -18.85 -6.50 -13.97
C TYR D 74 -17.94 -7.36 -14.85
N PRO D 75 -17.18 -8.29 -14.29
CA PRO D 75 -16.35 -9.15 -15.14
C PRO D 75 -17.19 -9.80 -16.24
N THR D 76 -16.70 -9.75 -17.47
CA THR D 76 -17.38 -10.33 -18.63
C THR D 76 -16.35 -10.90 -19.58
N ALA D 77 -16.78 -11.84 -20.42
CA ALA D 77 -15.87 -12.46 -21.39
C ALA D 77 -15.25 -11.40 -22.28
N GLY D 78 -13.93 -11.31 -22.26
CA GLY D 78 -13.22 -10.27 -22.98
C GLY D 78 -12.64 -9.24 -22.04
N SER D 79 -13.38 -8.93 -20.98
CA SER D 79 -12.95 -7.97 -19.95
C SER D 79 -12.92 -8.69 -18.61
N SER D 80 -11.91 -9.53 -18.42
CA SER D 80 -11.76 -10.30 -17.19
C SER D 80 -11.32 -9.41 -16.04
N SER D 81 -11.40 -9.95 -14.82
CA SER D 81 -10.84 -9.26 -13.67
C SER D 81 -9.39 -8.87 -13.91
N ALA D 82 -8.60 -9.76 -14.51
CA ALA D 82 -7.19 -9.49 -14.67
C ALA D 82 -6.89 -8.45 -15.73
N SER D 83 -7.89 -7.94 -16.44
CA SER D 83 -7.63 -7.08 -17.58
C SER D 83 -7.82 -5.60 -17.25
N GLU D 84 -7.47 -4.78 -18.24
CA GLU D 84 -7.60 -3.34 -18.13
C GLU D 84 -9.07 -2.94 -17.99
N ALA D 85 -9.32 -2.02 -17.06
CA ALA D 85 -10.65 -1.51 -16.80
C ALA D 85 -10.98 -0.38 -17.79
N GLN D 86 -12.23 0.07 -17.70
CA GLN D 86 -12.73 1.25 -18.38
C GLN D 86 -12.70 2.46 -17.45
N PRO D 87 -12.73 3.68 -18.00
CA PRO D 87 -12.83 3.92 -19.45
C PRO D 87 -11.50 3.86 -20.20
N PHE D 88 -11.59 3.66 -21.51
CA PHE D 88 -10.44 3.77 -22.40
C PHE D 88 -10.45 5.14 -23.07
N TYR D 89 -9.28 5.58 -23.52
CA TYR D 89 -9.26 6.77 -24.36
C TYR D 89 -8.23 6.62 -25.48
N VAL D 90 -8.40 7.46 -26.51
CA VAL D 90 -7.45 7.56 -27.59
C VAL D 90 -7.15 9.04 -27.79
N ASN D 91 -5.92 9.33 -28.24
CA ASN D 91 -5.46 10.70 -28.42
C ASN D 91 -5.79 11.25 -29.81
N SER D 92 -6.41 10.47 -30.68
CA SER D 92 -6.67 10.99 -32.01
C SER D 92 -7.84 10.29 -32.67
N PRO D 93 -8.70 11.03 -33.39
CA PRO D 93 -8.68 12.49 -33.57
C PRO D 93 -9.15 13.20 -32.30
N TYR D 94 -8.55 14.35 -31.98
CA TYR D 94 -9.08 15.29 -31.00
C TYR D 94 -8.88 14.85 -29.54
N GLY D 95 -9.01 13.55 -29.26
CA GLY D 95 -8.98 13.10 -27.89
C GLY D 95 -10.38 12.67 -27.48
N ILE D 96 -10.58 11.36 -27.36
CA ILE D 96 -11.89 10.75 -27.17
C ILE D 96 -11.77 9.72 -26.06
N THR D 97 -12.78 9.64 -25.20
CA THR D 97 -12.88 8.59 -24.20
C THR D 97 -14.31 8.12 -24.13
N LEU D 98 -14.49 6.85 -23.74
CA LEU D 98 -15.80 6.20 -23.79
C LEU D 98 -15.89 5.17 -22.69
N ALA D 99 -17.09 5.01 -22.14
CA ALA D 99 -17.42 3.93 -21.23
C ALA D 99 -18.72 3.29 -21.72
N HIS D 100 -18.90 1.99 -21.45
CA HIS D 100 -20.00 1.27 -22.07
C HIS D 100 -20.42 0.07 -21.24
N ASN D 101 -21.73 -0.15 -21.28
CA ASN D 101 -22.42 -1.29 -20.69
C ASN D 101 -23.09 -2.00 -21.85
N GLY D 102 -22.66 -3.21 -22.14
CA GLY D 102 -23.17 -3.97 -23.25
C GLY D 102 -22.13 -4.95 -23.76
N ASN D 103 -22.28 -5.31 -25.04
CA ASN D 103 -21.38 -6.26 -25.68
C ASN D 103 -21.62 -6.20 -27.18
N LEU D 104 -20.55 -6.29 -27.95
CA LEU D 104 -20.64 -6.29 -29.41
C LEU D 104 -20.50 -7.70 -29.93
N THR D 105 -21.50 -8.13 -30.68
CA THR D 105 -21.54 -9.48 -31.22
C THR D 105 -20.63 -9.67 -32.44
N ASN D 106 -20.15 -8.58 -33.04
CA ASN D 106 -19.21 -8.67 -34.15
C ASN D 106 -17.87 -8.03 -33.79
N ALA D 107 -17.51 -8.07 -32.50
CA ALA D 107 -16.19 -7.60 -32.07
C ALA D 107 -15.09 -8.16 -32.97
N HIS D 108 -15.13 -9.46 -33.25
CA HIS D 108 -14.03 -10.07 -33.98
C HIS D 108 -13.85 -9.43 -35.35
N GLU D 109 -14.93 -9.31 -36.12
CA GLU D 109 -14.88 -8.67 -37.43
C GLU D 109 -14.45 -7.22 -37.32
N LEU D 110 -14.89 -6.51 -36.28
CA LEU D 110 -14.56 -5.10 -36.19
C LEU D 110 -13.06 -4.89 -35.97
N ARG D 111 -12.46 -5.74 -35.14
CA ARG D 111 -11.03 -5.64 -34.85
C ARG D 111 -10.21 -5.79 -36.12
N LYS D 112 -10.53 -6.80 -36.93
CA LYS D 112 -9.88 -7.02 -38.21
C LYS D 112 -10.02 -5.80 -39.13
N LYS D 113 -11.23 -5.25 -39.24
CA LYS D 113 -11.42 -4.11 -40.13
C LYS D 113 -10.66 -2.89 -39.62
N LEU D 114 -10.68 -2.67 -38.30
CA LEU D 114 -9.89 -1.58 -37.73
C LEU D 114 -8.42 -1.73 -38.09
N PHE D 115 -7.89 -2.94 -38.00
CA PHE D 115 -6.49 -3.14 -38.32
C PHE D 115 -6.24 -2.98 -39.82
N GLU D 116 -7.02 -3.67 -40.65
CA GLU D 116 -6.71 -3.70 -42.09
C GLU D 116 -6.97 -2.35 -42.74
N GLU D 117 -8.00 -1.62 -42.33
CA GLU D 117 -8.34 -0.39 -43.04
C GLU D 117 -7.81 0.87 -42.37
N LYS D 118 -7.63 0.87 -41.06
CA LYS D 118 -7.25 2.06 -40.34
C LYS D 118 -5.89 1.91 -39.66
N ARG D 119 -5.34 0.71 -39.63
CA ARG D 119 -4.10 0.45 -38.92
C ARG D 119 -4.26 0.84 -37.45
N ARG D 120 -5.47 0.66 -36.93
CA ARG D 120 -5.79 0.97 -35.54
C ARG D 120 -5.67 -0.31 -34.72
N HIS D 121 -4.67 -0.32 -33.85
CA HIS D 121 -4.39 -1.46 -32.98
C HIS D 121 -5.27 -1.41 -31.74
N ILE D 122 -5.77 -2.57 -31.35
CA ILE D 122 -6.58 -2.77 -30.16
C ILE D 122 -5.72 -3.57 -29.18
N ASN D 123 -5.45 -3.00 -28.00
CA ASN D 123 -4.45 -3.59 -27.13
C ASN D 123 -4.99 -4.56 -26.11
N THR D 124 -6.31 -4.57 -25.88
CA THR D 124 -6.96 -5.45 -24.93
C THR D 124 -8.03 -6.24 -25.68
N THR D 125 -8.69 -7.16 -24.99
CA THR D 125 -9.80 -7.88 -25.59
C THR D 125 -11.15 -7.28 -25.21
N SER D 126 -11.17 -6.03 -24.73
CA SER D 126 -12.40 -5.37 -24.35
C SER D 126 -13.11 -4.82 -25.58
N ASP D 127 -14.37 -5.21 -25.76
CA ASP D 127 -15.13 -4.66 -26.88
C ASP D 127 -15.37 -3.16 -26.73
N SER D 128 -15.24 -2.60 -25.52
CA SER D 128 -15.39 -1.15 -25.38
C SER D 128 -14.24 -0.41 -26.05
N GLU D 129 -13.02 -0.96 -25.99
CA GLU D 129 -11.91 -0.39 -26.75
C GLU D 129 -12.20 -0.42 -28.24
N ILE D 130 -12.75 -1.52 -28.73
CA ILE D 130 -13.15 -1.59 -30.14
C ILE D 130 -14.19 -0.51 -30.47
N LEU D 131 -15.24 -0.44 -29.64
CA LEU D 131 -16.30 0.53 -29.89
C LEU D 131 -15.74 1.94 -29.96
N LEU D 132 -14.90 2.30 -28.99
CA LEU D 132 -14.21 3.60 -29.00
C LEU D 132 -13.44 3.84 -30.31
N ASN D 133 -12.73 2.83 -30.81
CA ASN D 133 -11.94 3.01 -32.01
C ASN D 133 -12.81 3.11 -33.26
N ILE D 134 -13.95 2.39 -33.31
CA ILE D 134 -14.87 2.58 -34.43
C ILE D 134 -15.35 4.03 -34.45
N PHE D 135 -15.82 4.53 -33.29
CA PHE D 135 -16.28 5.91 -33.15
C PHE D 135 -15.20 6.91 -33.53
N ALA D 136 -13.98 6.71 -33.00
CA ALA D 136 -12.87 7.60 -33.35
C ALA D 136 -12.59 7.59 -34.85
N SER D 137 -12.67 6.41 -35.46
CA SER D 137 -12.42 6.28 -36.89
C SER D 137 -13.41 7.10 -37.70
N GLU D 138 -14.68 7.05 -37.32
CA GLU D 138 -15.70 7.84 -38.01
C GLU D 138 -15.55 9.32 -37.72
N LEU D 139 -15.14 9.69 -36.50
CA LEU D 139 -14.86 11.09 -36.22
C LEU D 139 -13.64 11.58 -36.98
N ASP D 140 -12.73 10.69 -37.36
CA ASP D 140 -11.49 11.11 -38.02
C ASP D 140 -11.73 11.59 -39.45
N ASN D 141 -12.92 11.36 -40.00
CA ASN D 141 -13.19 11.70 -41.39
C ASN D 141 -13.37 13.20 -41.61
N PHE D 142 -13.53 13.99 -40.56
CA PHE D 142 -13.77 15.42 -40.73
C PHE D 142 -12.48 16.22 -40.66
N ARG D 143 -12.40 17.23 -41.51
CA ARG D 143 -11.22 18.08 -41.60
C ARG D 143 -11.39 19.42 -40.89
N HIS D 144 -12.53 20.07 -41.08
CA HIS D 144 -12.78 21.37 -40.47
C HIS D 144 -12.79 21.26 -38.95
N TYR D 145 -12.41 22.36 -38.29
CA TYR D 145 -12.40 22.40 -36.85
C TYR D 145 -13.10 23.66 -36.33
N PRO D 146 -13.98 23.55 -35.33
CA PRO D 146 -14.36 22.33 -34.60
C PRO D 146 -15.34 21.47 -35.37
N LEU D 147 -15.66 20.33 -34.77
CA LEU D 147 -16.79 19.56 -35.25
C LEU D 147 -18.08 20.24 -34.84
N GLU D 148 -19.10 20.06 -35.67
CA GLU D 148 -20.45 20.52 -35.34
C GLU D 148 -21.25 19.33 -34.82
N ALA D 149 -22.27 19.64 -34.02
CA ALA D 149 -23.19 18.61 -33.53
C ALA D 149 -23.52 17.64 -34.67
N ASP D 150 -23.73 18.15 -35.89
CA ASP D 150 -24.15 17.30 -37.00
C ASP D 150 -23.07 16.28 -37.38
N ASN D 151 -21.80 16.69 -37.32
CA ASN D 151 -20.70 15.76 -37.61
C ASN D 151 -20.67 14.64 -36.58
N ILE D 152 -20.83 14.98 -35.30
CA ILE D 152 -20.76 13.98 -34.24
C ILE D 152 -21.89 12.97 -34.39
N PHE D 153 -23.13 13.45 -34.52
CA PHE D 153 -24.24 12.53 -34.72
C PHE D 153 -24.04 11.68 -35.97
N ALA D 154 -23.42 12.25 -37.02
CA ALA D 154 -23.17 11.47 -38.23
C ALA D 154 -22.18 10.35 -37.98
N ALA D 155 -21.17 10.59 -37.13
CA ALA D 155 -20.20 9.55 -36.84
C ALA D 155 -20.81 8.47 -35.95
N ILE D 156 -21.73 8.87 -35.06
CA ILE D 156 -22.48 7.90 -34.28
C ILE D 156 -23.39 7.06 -35.19
N ALA D 157 -24.13 7.73 -36.07
CA ALA D 157 -24.94 6.99 -37.03
C ALA D 157 -24.08 5.98 -37.79
N ALA D 158 -22.87 6.39 -38.21
CA ALA D 158 -22.00 5.49 -38.94
C ALA D 158 -21.55 4.32 -38.05
N THR D 159 -21.21 4.63 -36.80
CA THR D 159 -20.87 3.58 -35.83
C THR D 159 -22.01 2.57 -35.67
N ASN D 160 -23.23 3.06 -35.47
CA ASN D 160 -24.36 2.15 -35.32
C ASN D 160 -24.52 1.22 -36.51
N ARG D 161 -24.20 1.69 -37.72
CA ARG D 161 -24.31 0.82 -38.88
C ARG D 161 -23.20 -0.23 -38.92
N LEU D 162 -22.04 0.07 -38.34
CA LEU D 162 -20.94 -0.89 -38.39
C LEU D 162 -21.01 -1.92 -37.26
N ILE D 163 -21.39 -1.50 -36.05
CA ILE D 163 -21.34 -2.40 -34.89
C ILE D 163 -22.70 -3.02 -34.66
N ARG D 164 -22.70 -4.21 -34.05
CA ARG D 164 -23.93 -4.88 -33.66
C ARG D 164 -23.78 -5.41 -32.24
N GLY D 165 -24.91 -5.50 -31.55
CA GLY D 165 -24.91 -6.02 -30.20
C GLY D 165 -25.80 -5.19 -29.32
N ALA D 166 -25.38 -4.94 -28.09
CA ALA D 166 -26.14 -4.12 -27.16
C ALA D 166 -25.21 -3.13 -26.51
N TYR D 167 -25.71 -1.92 -26.28
CA TYR D 167 -24.85 -0.90 -25.68
C TYR D 167 -25.53 0.38 -25.25
N ALA D 168 -25.22 0.79 -24.02
CA ALA D 168 -25.39 2.15 -23.53
C ALA D 168 -23.99 2.73 -23.39
N CYS D 169 -23.75 3.87 -24.02
CA CYS D 169 -22.43 4.48 -24.05
C CYS D 169 -22.50 5.93 -23.63
N VAL D 170 -21.45 6.36 -22.93
CA VAL D 170 -21.20 7.76 -22.66
C VAL D 170 -19.75 8.02 -23.06
N ALA D 171 -19.49 9.20 -23.60
CA ALA D 171 -18.18 9.52 -24.15
C ALA D 171 -17.94 11.02 -24.03
N MET D 172 -16.67 11.41 -24.13
CA MET D 172 -16.30 12.81 -24.21
C MET D 172 -15.30 13.03 -25.34
N ILE D 173 -15.42 14.17 -26.00
CA ILE D 173 -14.50 14.60 -27.04
C ILE D 173 -13.90 15.93 -26.60
N ILE D 174 -12.58 15.96 -26.42
CA ILE D 174 -11.92 17.19 -26.00
C ILE D 174 -12.27 18.31 -26.97
N GLY D 175 -12.46 19.50 -26.42
CA GLY D 175 -12.81 20.66 -27.19
C GLY D 175 -14.25 20.69 -27.66
N HIS D 176 -15.07 19.72 -27.25
CA HIS D 176 -16.43 19.64 -27.78
C HIS D 176 -17.45 19.37 -26.68
N GLY D 177 -17.39 18.21 -26.06
CA GLY D 177 -18.29 17.90 -24.98
C GLY D 177 -18.57 16.41 -24.87
N MET D 178 -19.71 16.12 -24.29
CA MET D 178 -20.09 14.79 -23.86
C MET D 178 -21.16 14.27 -24.82
N VAL D 179 -21.02 13.01 -25.22
CA VAL D 179 -22.05 12.34 -25.98
C VAL D 179 -22.49 11.10 -25.21
N ALA D 180 -23.72 10.69 -25.43
CA ALA D 180 -24.27 9.46 -24.91
C ALA D 180 -25.17 8.90 -26.00
N PHE D 181 -25.28 7.57 -26.07
CA PHE D 181 -26.11 6.96 -27.10
C PHE D 181 -26.37 5.51 -26.71
N ARG D 182 -27.48 4.98 -27.23
CA ARG D 182 -28.03 3.69 -26.85
C ARG D 182 -28.27 2.88 -28.13
N ASP D 183 -28.17 1.55 -28.01
CA ASP D 183 -28.27 0.69 -29.17
C ASP D 183 -29.68 0.74 -29.78
N PRO D 184 -29.81 0.39 -31.06
CA PRO D 184 -31.09 0.57 -31.76
C PRO D 184 -32.19 -0.37 -31.31
N ASN D 185 -31.90 -1.36 -30.49
CA ASN D 185 -32.94 -2.18 -29.89
C ASN D 185 -33.21 -1.80 -28.43
N GLY D 186 -32.62 -0.71 -27.96
CA GLY D 186 -32.86 -0.26 -26.59
C GLY D 186 -32.67 -1.33 -25.55
N ILE D 187 -31.62 -2.14 -25.68
CA ILE D 187 -31.45 -3.29 -24.80
C ILE D 187 -30.86 -2.88 -23.45
N ARG D 188 -29.77 -2.11 -23.46
CA ARG D 188 -29.09 -1.72 -22.22
C ARG D 188 -29.62 -0.37 -21.74
N PRO D 189 -29.74 -0.17 -20.43
CA PRO D 189 -30.46 1.02 -19.94
C PRO D 189 -29.62 2.28 -19.91
N LEU D 190 -30.30 3.42 -20.10
CA LEU D 190 -29.65 4.72 -20.11
C LEU D 190 -30.69 5.81 -19.91
N VAL D 191 -30.45 6.70 -18.95
CA VAL D 191 -31.36 7.80 -18.65
C VAL D 191 -30.60 9.12 -18.63
N LEU D 192 -31.35 10.20 -18.86
CA LEU D 192 -30.87 11.56 -18.96
C LEU D 192 -31.58 12.41 -17.91
N GLY D 193 -30.81 13.26 -17.23
CA GLY D 193 -31.35 14.16 -16.22
C GLY D 193 -30.64 15.50 -16.27
N LYS D 194 -31.14 16.44 -15.47
CA LYS D 194 -30.63 17.80 -15.49
C LYS D 194 -30.72 18.42 -14.11
N ARG D 195 -29.89 19.44 -13.90
CA ARG D 195 -29.86 20.15 -12.62
C ARG D 195 -29.66 21.62 -12.92
N ASP D 196 -30.67 22.43 -12.63
CA ASP D 196 -30.60 23.85 -12.95
C ASP D 196 -29.81 24.58 -11.88
N ILE D 197 -28.82 25.36 -12.32
CA ILE D 197 -27.95 26.08 -11.42
C ILE D 197 -28.40 27.53 -11.31
N ASP D 198 -28.93 28.07 -12.40
CA ASP D 198 -29.43 29.45 -12.46
C ASP D 198 -30.12 29.64 -13.81
N GLU D 199 -30.41 30.90 -14.17
CA GLU D 199 -31.21 31.16 -15.36
C GLU D 199 -30.47 30.80 -16.65
N ASN D 200 -29.15 30.90 -16.65
CA ASN D 200 -28.38 30.62 -17.84
C ASN D 200 -27.56 29.34 -17.75
N ARG D 201 -27.51 28.68 -16.60
CA ARG D 201 -26.63 27.54 -16.39
C ARG D 201 -27.41 26.30 -15.97
N THR D 202 -27.34 25.25 -16.78
CA THR D 202 -27.92 23.96 -16.44
C THR D 202 -26.85 22.88 -16.62
N GLU D 203 -26.79 21.97 -15.67
CA GLU D 203 -25.96 20.78 -15.77
C GLU D 203 -26.79 19.61 -16.27
N TYR D 204 -26.13 18.69 -16.96
CA TYR D 204 -26.77 17.47 -17.44
C TYR D 204 -25.99 16.25 -17.01
N MET D 205 -26.68 15.13 -16.90
CA MET D 205 -26.01 13.87 -16.63
C MET D 205 -26.78 12.73 -17.27
N VAL D 206 -26.04 11.67 -17.56
CA VAL D 206 -26.59 10.40 -18.00
C VAL D 206 -26.09 9.32 -17.08
N ALA D 207 -26.89 8.25 -16.94
CA ALA D 207 -26.53 7.14 -16.08
C ALA D 207 -27.29 5.90 -16.50
N SER D 208 -26.70 4.74 -16.20
CA SER D 208 -27.36 3.47 -16.43
C SER D 208 -28.72 3.41 -15.75
N GLU D 209 -28.85 4.00 -14.56
CA GLU D 209 -30.08 3.87 -13.77
C GLU D 209 -30.43 5.20 -13.11
N SER D 210 -31.74 5.43 -12.96
CA SER D 210 -32.24 6.72 -12.47
C SER D 210 -31.80 7.03 -11.04
N VAL D 211 -31.46 6.02 -10.24
CA VAL D 211 -31.04 6.29 -8.87
C VAL D 211 -29.76 7.12 -8.83
N ALA D 212 -28.95 7.07 -9.88
CA ALA D 212 -27.75 7.91 -9.92
C ALA D 212 -28.14 9.38 -10.02
N LEU D 213 -29.20 9.69 -10.76
CA LEU D 213 -29.69 11.06 -10.81
C LEU D 213 -30.30 11.47 -9.47
N ASP D 214 -31.12 10.58 -8.90
CA ASP D 214 -31.72 10.87 -7.61
C ASP D 214 -30.69 11.24 -6.56
N THR D 215 -29.64 10.43 -6.41
CA THR D 215 -28.72 10.63 -5.30
C THR D 215 -27.96 11.95 -5.42
N LEU D 216 -27.88 12.53 -6.62
CA LEU D 216 -27.23 13.81 -6.86
C LEU D 216 -28.22 14.96 -7.03
N GLY D 217 -29.50 14.72 -6.81
CA GLY D 217 -30.47 15.79 -6.95
C GLY D 217 -30.63 16.31 -8.35
N PHE D 218 -30.48 15.45 -9.35
CA PHE D 218 -30.77 15.80 -10.74
C PHE D 218 -32.24 15.46 -11.03
N ASP D 219 -32.91 16.36 -11.74
CA ASP D 219 -34.27 16.07 -12.19
C ASP D 219 -34.24 15.03 -13.31
N PHE D 220 -35.05 13.99 -13.19
CA PHE D 220 -35.21 13.01 -14.26
C PHE D 220 -35.81 13.67 -15.48
N LEU D 221 -35.18 13.54 -16.64
CA LEU D 221 -35.80 14.02 -17.87
C LEU D 221 -36.52 12.90 -18.61
N ARG D 222 -35.78 11.88 -19.04
CA ARG D 222 -36.35 10.75 -19.78
C ARG D 222 -35.29 9.69 -20.00
N ASP D 223 -35.75 8.49 -20.36
CA ASP D 223 -34.85 7.51 -20.93
C ASP D 223 -34.28 8.04 -22.23
N VAL D 224 -33.01 7.72 -22.49
CA VAL D 224 -32.47 7.88 -23.84
C VAL D 224 -33.17 6.86 -24.73
N ALA D 225 -33.66 7.31 -25.88
CA ALA D 225 -34.48 6.43 -26.71
C ALA D 225 -33.60 5.41 -27.43
N PRO D 226 -34.18 4.28 -27.83
CA PRO D 226 -33.44 3.34 -28.68
C PRO D 226 -32.84 4.07 -29.87
N GLY D 227 -31.53 3.91 -30.06
CA GLY D 227 -30.85 4.51 -31.18
C GLY D 227 -30.56 6.00 -31.06
N GLU D 228 -31.03 6.64 -30.00
CA GLU D 228 -30.83 8.08 -29.86
C GLU D 228 -29.41 8.41 -29.37
N ALA D 229 -28.92 9.57 -29.79
CA ALA D 229 -27.70 10.15 -29.23
C ALA D 229 -27.99 11.51 -28.61
N ILE D 230 -27.27 11.78 -27.53
CA ILE D 230 -27.29 13.06 -26.82
C ILE D 230 -25.91 13.67 -26.93
N TYR D 231 -25.85 14.99 -27.14
CA TYR D 231 -24.57 15.70 -27.17
C TYR D 231 -24.72 16.96 -26.34
N ILE D 232 -23.91 17.10 -25.29
CA ILE D 232 -23.90 18.29 -24.46
C ILE D 232 -22.56 18.98 -24.66
N THR D 233 -22.61 20.20 -25.18
CA THR D 233 -21.39 20.97 -25.43
C THR D 233 -20.74 21.38 -24.12
N GLU D 234 -19.48 21.83 -24.23
CA GLU D 234 -18.79 22.33 -23.05
C GLU D 234 -19.44 23.58 -22.48
N GLU D 235 -20.15 24.33 -23.32
CA GLU D 235 -20.85 25.53 -22.90
C GLU D 235 -22.26 25.26 -22.42
N GLY D 236 -22.68 23.99 -22.32
CA GLY D 236 -23.93 23.64 -21.68
C GLY D 236 -25.14 23.49 -22.58
N GLN D 237 -24.98 23.50 -23.90
CA GLN D 237 -26.11 23.29 -24.79
C GLN D 237 -26.35 21.80 -25.04
N LEU D 238 -27.62 21.41 -25.00
CA LEU D 238 -28.02 20.02 -25.25
C LEU D 238 -28.56 19.90 -26.66
N PHE D 239 -28.04 18.93 -27.42
CA PHE D 239 -28.63 18.49 -28.68
C PHE D 239 -29.03 17.02 -28.54
N THR D 240 -30.02 16.60 -29.32
CA THR D 240 -30.40 15.20 -29.41
C THR D 240 -30.59 14.82 -30.87
N ARG D 241 -30.52 13.52 -31.16
CA ARG D 241 -30.65 13.08 -32.55
C ARG D 241 -30.84 11.58 -32.60
N GLN D 242 -31.77 11.14 -33.46
CA GLN D 242 -31.95 9.73 -33.78
C GLN D 242 -30.82 9.31 -34.71
N CYS D 243 -30.07 8.28 -34.32
CA CYS D 243 -28.89 7.90 -35.09
C CYS D 243 -28.91 6.44 -35.51
N ALA D 244 -30.07 5.79 -35.48
CA ALA D 244 -30.19 4.43 -35.99
C ALA D 244 -31.38 4.34 -36.93
N ASP D 245 -31.29 3.38 -37.85
CA ASP D 245 -32.41 3.01 -38.71
C ASP D 245 -33.34 2.06 -37.95
N ASN D 246 -34.64 2.20 -38.23
CA ASN D 246 -35.69 1.35 -37.64
C ASN D 246 -35.44 1.12 -36.13
N PRO D 247 -35.37 2.18 -35.33
CA PRO D 247 -35.23 1.97 -33.88
C PRO D 247 -36.45 1.29 -33.28
N VAL D 248 -36.21 0.52 -32.22
CA VAL D 248 -37.28 -0.15 -31.49
C VAL D 248 -36.80 -0.39 -30.07
N SER D 249 -37.75 -0.46 -29.14
CA SER D 249 -37.45 -0.64 -27.72
C SER D 249 -37.65 -2.10 -27.34
N ASN D 250 -36.55 -2.82 -27.12
CA ASN D 250 -36.55 -4.18 -26.61
C ASN D 250 -35.73 -4.22 -25.32
N PRO D 251 -36.24 -3.66 -24.21
CA PRO D 251 -35.44 -3.64 -22.98
C PRO D 251 -35.10 -5.04 -22.48
N CYS D 252 -33.92 -5.14 -21.86
CA CYS D 252 -33.47 -6.38 -21.23
C CYS D 252 -34.38 -6.78 -20.06
N LEU D 253 -34.91 -8.00 -20.15
CA LEU D 253 -35.76 -8.50 -19.09
C LEU D 253 -34.99 -8.70 -17.80
N PHE D 254 -33.69 -9.01 -17.90
CA PHE D 254 -32.93 -9.41 -16.72
C PHE D 254 -32.75 -8.24 -15.76
N GLU D 255 -32.67 -7.02 -16.30
CA GLU D 255 -32.55 -5.84 -15.43
C GLU D 255 -33.69 -5.82 -14.42
N TYR D 256 -34.91 -6.09 -14.91
CA TYR D 256 -36.08 -6.08 -14.04
C TYR D 256 -36.06 -7.24 -13.07
N VAL D 257 -35.64 -8.42 -13.52
CA VAL D 257 -35.68 -9.59 -12.64
C VAL D 257 -34.72 -9.41 -11.46
N TYR D 258 -33.50 -8.93 -11.73
CA TYR D 258 -32.44 -9.07 -10.75
C TYR D 258 -31.38 -7.98 -10.82
N PHE D 259 -31.05 -7.49 -12.00
CA PHE D 259 -29.79 -6.78 -12.10
C PHE D 259 -29.89 -5.33 -11.62
N ALA D 260 -31.00 -4.65 -11.87
CA ALA D 260 -31.12 -3.24 -11.52
C ALA D 260 -31.61 -3.08 -10.08
N ARG D 261 -31.49 -1.84 -9.56
CA ARG D 261 -31.99 -1.57 -8.23
C ARG D 261 -33.51 -1.38 -8.26
N PRO D 262 -34.21 -1.79 -7.18
CA PRO D 262 -35.68 -1.66 -7.21
C PRO D 262 -36.15 -0.23 -7.30
N ASP D 263 -35.38 0.75 -6.79
CA ASP D 263 -35.85 2.13 -6.87
C ASP D 263 -35.61 2.79 -8.22
N SER D 264 -35.08 2.08 -9.20
CA SER D 264 -34.91 2.67 -10.53
C SER D 264 -36.17 2.52 -11.37
N PHE D 265 -36.32 3.43 -12.35
CA PHE D 265 -37.36 3.38 -13.38
C PHE D 265 -36.69 3.27 -14.74
N ILE D 266 -36.84 2.13 -15.40
CA ILE D 266 -36.19 1.87 -16.69
C ILE D 266 -37.28 1.78 -17.76
N ASP D 267 -37.20 2.66 -18.75
CA ASP D 267 -38.19 2.74 -19.82
C ASP D 267 -39.60 2.80 -19.24
N LYS D 268 -39.72 3.57 -18.16
CA LYS D 268 -40.97 4.01 -17.52
C LYS D 268 -41.53 2.93 -16.60
N ILE D 269 -40.76 1.88 -16.32
CA ILE D 269 -41.20 0.76 -15.49
C ILE D 269 -40.47 0.83 -14.17
N SER D 270 -41.21 0.95 -13.07
CA SER D 270 -40.63 0.82 -11.74
C SER D 270 -40.11 -0.60 -11.56
N VAL D 271 -38.83 -0.75 -11.24
CA VAL D 271 -38.29 -2.10 -11.08
C VAL D 271 -38.97 -2.79 -9.91
N TYR D 272 -39.13 -2.08 -8.79
CA TYR D 272 -39.82 -2.63 -7.62
C TYR D 272 -41.19 -3.18 -8.00
N SER D 273 -41.98 -2.41 -8.74
CA SER D 273 -43.35 -2.82 -9.02
C SER D 273 -43.39 -3.93 -10.05
N ALA D 274 -42.46 -3.97 -10.99
CA ALA D 274 -42.33 -5.14 -11.85
C ALA D 274 -42.07 -6.39 -11.02
N ARG D 275 -41.27 -6.26 -9.96
CA ARG D 275 -40.90 -7.43 -9.17
C ARG D 275 -42.05 -7.90 -8.29
N VAL D 276 -42.87 -6.98 -7.78
CA VAL D 276 -44.09 -7.37 -7.09
C VAL D 276 -45.01 -8.12 -8.05
N ASN D 277 -45.16 -7.60 -9.27
CA ASN D 277 -45.97 -8.27 -10.28
C ASN D 277 -45.49 -9.68 -10.53
N MET D 278 -44.17 -9.85 -10.69
CA MET D 278 -43.60 -11.19 -10.80
C MET D 278 -44.07 -12.06 -9.64
N GLY D 279 -44.12 -11.49 -8.44
CA GLY D 279 -44.62 -12.23 -7.29
C GLY D 279 -46.09 -12.59 -7.44
N THR D 280 -46.88 -11.68 -7.99
CA THR D 280 -48.30 -11.94 -8.21
C THR D 280 -48.48 -13.09 -9.19
N LYS D 281 -47.75 -13.05 -10.31
CA LYS D 281 -47.91 -14.08 -11.33
C LYS D 281 -47.45 -15.44 -10.82
N LEU D 282 -46.28 -15.50 -10.18
CA LEU D 282 -45.76 -16.78 -9.73
C LEU D 282 -46.61 -17.34 -8.59
N GLY D 283 -47.11 -16.49 -7.71
CA GLY D 283 -47.98 -16.98 -6.64
C GLY D 283 -49.25 -17.59 -7.19
N GLU D 284 -49.84 -16.97 -8.21
CA GLU D 284 -51.02 -17.50 -8.89
C GLU D 284 -50.74 -18.85 -9.53
N LYS D 285 -49.65 -18.93 -10.31
CA LYS D 285 -49.23 -20.19 -10.90
C LYS D 285 -49.04 -21.26 -9.83
N ILE D 286 -48.49 -20.90 -8.67
CA ILE D 286 -48.29 -21.89 -7.62
C ILE D 286 -49.64 -22.33 -7.05
N ALA D 287 -50.57 -21.39 -6.90
CA ALA D 287 -51.88 -21.71 -6.35
C ALA D 287 -52.63 -22.69 -7.26
N ARG D 288 -52.49 -22.51 -8.57
CA ARG D 288 -53.13 -23.37 -9.55
C ARG D 288 -52.47 -24.74 -9.62
N GLU D 289 -51.16 -24.79 -9.83
CA GLU D 289 -50.49 -26.04 -10.15
C GLU D 289 -50.11 -26.84 -8.92
N TRP D 290 -49.97 -26.19 -7.77
CA TRP D 290 -49.51 -26.82 -6.53
C TRP D 290 -50.62 -26.78 -5.48
N GLU D 291 -51.88 -26.73 -5.95
CA GLU D 291 -53.04 -26.72 -5.06
C GLU D 291 -52.96 -27.81 -4.01
N ASP D 292 -52.40 -28.96 -4.35
CA ASP D 292 -52.45 -30.14 -3.48
C ASP D 292 -51.27 -30.23 -2.53
N LEU D 293 -50.33 -29.29 -2.58
CA LEU D 293 -49.11 -29.38 -1.78
C LEU D 293 -49.33 -28.81 -0.39
N ASP D 294 -48.68 -29.42 0.60
CA ASP D 294 -48.70 -28.93 1.97
C ASP D 294 -47.52 -27.97 2.13
N ILE D 295 -47.81 -26.67 2.16
CA ILE D 295 -46.78 -25.63 2.31
C ILE D 295 -47.07 -24.87 3.60
N ASP D 296 -46.09 -24.87 4.51
CA ASP D 296 -46.25 -24.17 5.80
C ASP D 296 -45.73 -22.74 5.79
N VAL D 297 -44.65 -22.44 5.06
CA VAL D 297 -44.05 -21.11 5.12
C VAL D 297 -43.39 -20.79 3.79
N VAL D 298 -43.30 -19.49 3.50
CA VAL D 298 -42.70 -18.94 2.29
C VAL D 298 -41.46 -18.16 2.71
N ILE D 299 -40.28 -18.61 2.26
CA ILE D 299 -39.01 -18.06 2.70
C ILE D 299 -38.24 -17.56 1.47
N PRO D 300 -37.96 -16.27 1.35
CA PRO D 300 -37.14 -15.81 0.23
C PRO D 300 -35.65 -16.05 0.43
N ILE D 301 -34.96 -16.26 -0.69
CA ILE D 301 -33.50 -16.16 -0.75
C ILE D 301 -33.18 -14.67 -0.88
N PRO D 302 -32.68 -14.01 0.16
CA PRO D 302 -32.46 -12.56 0.06
C PRO D 302 -31.34 -12.26 -0.92
N GLU D 303 -31.32 -11.02 -1.45
CA GLU D 303 -32.22 -9.95 -1.09
C GLU D 303 -33.25 -9.67 -2.17
N THR D 304 -32.90 -9.99 -3.41
CA THR D 304 -33.75 -9.63 -4.54
C THR D 304 -35.17 -10.13 -4.34
N SER D 305 -35.31 -11.37 -3.87
CA SER D 305 -36.58 -12.06 -3.87
C SER D 305 -37.47 -11.71 -2.68
N CYS D 306 -36.98 -10.90 -1.74
CA CYS D 306 -37.76 -10.61 -0.54
C CYS D 306 -39.16 -10.07 -0.87
N ASP D 307 -39.25 -9.11 -1.78
CA ASP D 307 -40.56 -8.54 -2.09
C ASP D 307 -41.36 -9.47 -3.01
N ILE D 308 -40.68 -10.29 -3.79
CA ILE D 308 -41.37 -11.28 -4.62
C ILE D 308 -42.01 -12.35 -3.74
N ALA D 309 -41.22 -12.91 -2.82
CA ALA D 309 -41.75 -13.94 -1.93
C ALA D 309 -42.88 -13.39 -1.08
N LEU D 310 -42.84 -12.11 -0.74
CA LEU D 310 -43.90 -11.50 0.05
C LEU D 310 -45.23 -11.58 -0.70
N GLU D 311 -45.23 -11.14 -1.95
CA GLU D 311 -46.44 -11.19 -2.77
C GLU D 311 -46.90 -12.63 -2.98
N ILE D 312 -45.97 -13.57 -3.20
CA ILE D 312 -46.35 -14.98 -3.32
C ILE D 312 -47.08 -15.46 -2.07
N ALA D 313 -46.50 -15.19 -0.90
CA ALA D 313 -47.11 -15.65 0.35
C ALA D 313 -48.50 -15.05 0.53
N ARG D 314 -48.71 -13.83 0.06
CA ARG D 314 -50.00 -13.16 0.19
C ARG D 314 -51.05 -13.76 -0.74
N ILE D 315 -50.62 -14.18 -1.94
CA ILE D 315 -51.51 -14.94 -2.81
C ILE D 315 -51.83 -16.28 -2.20
N LEU D 316 -50.81 -16.98 -1.71
CA LEU D 316 -51.03 -18.32 -1.19
C LEU D 316 -51.75 -18.32 0.15
N GLY D 317 -51.92 -17.16 0.79
CA GLY D 317 -52.47 -17.13 2.13
C GLY D 317 -51.59 -17.85 3.12
N LYS D 318 -50.29 -17.69 3.00
CA LYS D 318 -49.32 -18.40 3.82
C LYS D 318 -48.38 -17.40 4.46
N PRO D 319 -47.77 -17.75 5.59
CA PRO D 319 -46.92 -16.80 6.29
C PRO D 319 -45.58 -16.59 5.58
N TYR D 320 -45.14 -15.34 5.58
CA TYR D 320 -43.81 -14.95 5.11
C TYR D 320 -42.88 -14.89 6.32
N ARG D 321 -41.73 -15.56 6.20
CA ARG D 321 -40.75 -15.56 7.28
C ARG D 321 -39.34 -15.48 6.70
N GLN D 322 -38.50 -14.67 7.35
CA GLN D 322 -37.09 -14.49 6.98
C GLN D 322 -36.30 -15.68 7.51
N GLY D 323 -36.35 -16.78 6.77
CA GLY D 323 -35.58 -17.96 7.14
C GLY D 323 -34.12 -17.87 6.80
N PHE D 324 -33.76 -17.09 5.80
CA PHE D 324 -32.38 -16.93 5.38
C PHE D 324 -31.97 -15.47 5.58
N VAL D 325 -30.75 -15.28 6.08
CA VAL D 325 -30.18 -13.96 6.28
C VAL D 325 -28.87 -13.88 5.49
N LYS D 326 -28.74 -12.84 4.67
CA LYS D 326 -27.59 -12.66 3.80
C LYS D 326 -26.51 -11.88 4.56
N ASN D 327 -25.35 -12.50 4.69
CA ASN D 327 -24.19 -11.83 5.27
C ASN D 327 -23.87 -10.59 4.46
N ARG D 328 -23.97 -9.42 5.09
CA ARG D 328 -23.71 -8.19 4.36
C ARG D 328 -22.27 -8.11 3.90
N TYR D 329 -21.37 -8.78 4.60
CA TYR D 329 -19.93 -8.69 4.38
C TYR D 329 -19.42 -10.10 4.09
N VAL D 330 -18.70 -10.26 2.99
CA VAL D 330 -18.09 -11.54 2.67
C VAL D 330 -16.59 -11.32 2.60
N GLY D 331 -15.84 -12.38 2.91
CA GLY D 331 -14.41 -12.29 2.98
C GLY D 331 -13.78 -13.35 2.07
N ARG D 332 -12.48 -13.22 1.90
CA ARG D 332 -11.78 -14.13 1.01
C ARG D 332 -11.51 -15.45 1.72
N THR D 333 -11.32 -16.48 0.90
CA THR D 333 -10.71 -17.73 1.35
C THR D 333 -9.23 -17.64 1.04
N PHE D 334 -8.40 -17.96 2.02
CA PHE D 334 -6.95 -17.82 1.87
C PHE D 334 -6.33 -19.16 1.52
N ILE D 335 -5.26 -19.10 0.73
CA ILE D 335 -4.48 -20.28 0.39
C ILE D 335 -3.25 -20.24 1.30
N MET D 336 -3.24 -21.10 2.30
CA MET D 336 -2.09 -21.27 3.19
C MET D 336 -1.39 -22.58 2.85
N PRO D 337 -0.06 -22.66 3.01
CA PRO D 337 0.66 -23.87 2.59
C PRO D 337 0.02 -25.19 3.03
N GLY D 338 -0.47 -25.28 4.27
CA GLY D 338 -1.19 -26.48 4.70
C GLY D 338 -2.69 -26.43 4.52
N GLN D 339 -3.16 -25.62 3.56
CA GLN D 339 -4.49 -25.04 3.64
C GLN D 339 -5.60 -26.05 3.42
N GLN D 340 -6.75 -25.75 4.04
CA GLN D 340 -7.99 -26.52 3.91
C GLN D 340 -8.64 -26.33 2.55
N LEU D 341 -9.44 -27.32 2.17
CA LEU D 341 -10.03 -27.33 0.85
C LEU D 341 -11.46 -26.79 0.81
N ARG D 342 -12.03 -26.31 1.92
CA ARG D 342 -13.47 -26.02 1.91
C ARG D 342 -13.72 -24.56 1.55
N ARG D 343 -13.76 -24.28 0.23
CA ARG D 343 -14.12 -22.97 -0.29
C ARG D 343 -15.56 -22.88 -0.76
N LYS D 344 -16.10 -23.96 -1.33
CA LYS D 344 -17.29 -23.89 -2.17
C LYS D 344 -18.56 -23.47 -1.43
N SER D 345 -18.55 -23.46 -0.10
CA SER D 345 -19.79 -23.33 0.66
C SER D 345 -20.54 -22.05 0.35
N VAL D 346 -21.87 -22.14 0.39
CA VAL D 346 -22.74 -20.97 0.34
C VAL D 346 -23.12 -20.48 1.73
N ARG D 347 -22.69 -21.18 2.78
CA ARG D 347 -22.79 -20.62 4.13
C ARG D 347 -21.97 -19.35 4.27
N ARG D 348 -20.99 -19.11 3.40
CA ARG D 348 -20.23 -17.87 3.47
C ARG D 348 -21.07 -16.68 3.02
N LYS D 349 -22.13 -16.91 2.24
CA LYS D 349 -23.04 -15.85 1.84
C LYS D 349 -24.35 -15.84 2.64
N LEU D 350 -24.76 -16.97 3.22
CA LEU D 350 -26.11 -17.08 3.76
C LEU D 350 -26.11 -17.84 5.09
N ASN D 351 -27.02 -17.43 5.98
CA ASN D 351 -27.25 -18.17 7.21
C ASN D 351 -28.73 -18.48 7.34
N ALA D 352 -29.02 -19.71 7.74
CA ALA D 352 -30.38 -20.13 7.99
C ALA D 352 -30.76 -19.79 9.42
N ASN D 353 -31.98 -19.30 9.60
CA ASN D 353 -32.57 -19.24 10.92
C ASN D 353 -33.19 -20.59 11.23
N ARG D 354 -32.57 -21.35 12.13
CA ARG D 354 -33.00 -22.73 12.36
C ARG D 354 -34.47 -22.80 12.75
N ALA D 355 -34.91 -21.93 13.66
CA ALA D 355 -36.28 -21.99 14.14
C ALA D 355 -37.29 -21.88 13.01
N GLU D 356 -36.93 -21.25 11.91
CA GLU D 356 -37.92 -20.98 10.88
C GLU D 356 -38.11 -22.15 9.91
N PHE D 357 -37.31 -23.22 10.05
CA PHE D 357 -37.44 -24.40 9.19
C PHE D 357 -37.86 -25.67 9.90
N ARG D 358 -37.70 -25.75 11.23
CA ARG D 358 -37.86 -27.01 11.94
C ARG D 358 -39.26 -27.57 11.70
N ASP D 359 -39.32 -28.81 11.21
CA ASP D 359 -40.57 -29.54 11.02
C ASP D 359 -41.54 -28.81 10.11
N LYS D 360 -41.05 -28.09 9.11
CA LYS D 360 -41.92 -27.35 8.22
C LYS D 360 -41.69 -27.76 6.77
N ASN D 361 -42.76 -27.71 5.99
CA ASN D 361 -42.69 -27.76 4.54
C ASN D 361 -42.48 -26.33 4.07
N VAL D 362 -41.29 -26.05 3.52
CA VAL D 362 -40.90 -24.68 3.22
C VAL D 362 -40.91 -24.48 1.72
N LEU D 363 -41.48 -23.36 1.28
CA LEU D 363 -41.39 -22.92 -0.11
C LEU D 363 -40.31 -21.84 -0.18
N LEU D 364 -39.19 -22.15 -0.80
CA LEU D 364 -38.15 -21.15 -1.01
C LEU D 364 -38.37 -20.42 -2.33
N VAL D 365 -38.01 -19.14 -2.35
CA VAL D 365 -38.17 -18.28 -3.53
C VAL D 365 -36.82 -17.66 -3.86
N ASP D 366 -36.35 -17.87 -5.09
CA ASP D 366 -35.12 -17.24 -5.57
C ASP D 366 -35.43 -16.49 -6.85
N ASP D 367 -34.52 -15.59 -7.24
CA ASP D 367 -34.81 -14.76 -8.41
C ASP D 367 -34.56 -15.49 -9.73
N SER D 368 -33.66 -16.47 -9.73
CA SER D 368 -33.26 -17.15 -10.95
C SER D 368 -32.51 -18.40 -10.55
N ILE D 369 -32.30 -19.27 -11.54
CA ILE D 369 -31.48 -20.46 -11.37
C ILE D 369 -30.57 -20.51 -12.59
N VAL D 370 -29.28 -20.57 -12.36
CA VAL D 370 -28.33 -20.45 -13.45
C VAL D 370 -27.56 -21.75 -13.54
N ARG D 371 -26.60 -21.96 -12.64
CA ARG D 371 -25.84 -23.20 -12.61
C ARG D 371 -26.53 -24.29 -11.79
N GLY D 372 -27.35 -23.91 -10.80
CA GLY D 372 -27.98 -24.88 -9.93
C GLY D 372 -27.13 -25.33 -8.76
N THR D 373 -25.80 -25.14 -8.85
CA THR D 373 -24.89 -25.29 -7.73
C THR D 373 -25.41 -24.65 -6.46
N THR D 374 -25.66 -23.34 -6.55
CA THR D 374 -26.11 -22.57 -5.40
C THR D 374 -27.46 -23.06 -4.89
N SER D 375 -28.38 -23.36 -5.81
CA SER D 375 -29.69 -23.88 -5.41
C SER D 375 -29.56 -25.15 -4.60
N GLU D 376 -28.85 -26.14 -5.16
CA GLU D 376 -28.62 -27.39 -4.45
C GLU D 376 -28.14 -27.11 -3.03
N GLN D 377 -27.15 -26.23 -2.89
CA GLN D 377 -26.59 -25.96 -1.57
C GLN D 377 -27.59 -25.24 -0.67
N ILE D 378 -28.47 -24.40 -1.24
CA ILE D 378 -29.44 -23.69 -0.43
C ILE D 378 -30.50 -24.65 0.10
N ILE D 379 -30.98 -25.56 -0.75
CA ILE D 379 -31.96 -26.57 -0.36
C ILE D 379 -31.42 -27.42 0.77
N GLU D 380 -30.16 -27.85 0.63
CA GLU D 380 -29.47 -28.63 1.66
C GLU D 380 -29.35 -27.85 2.96
N MET D 381 -29.14 -26.53 2.89
CA MET D 381 -29.11 -25.77 4.14
C MET D 381 -30.46 -25.82 4.84
N ALA D 382 -31.54 -25.78 4.07
CA ALA D 382 -32.88 -25.84 4.66
C ALA D 382 -33.13 -27.19 5.30
N ARG D 383 -32.71 -28.28 4.66
CA ARG D 383 -32.85 -29.60 5.26
C ARG D 383 -32.03 -29.72 6.53
N GLU D 384 -30.79 -29.20 6.52
CA GLU D 384 -29.97 -29.23 7.72
C GLU D 384 -30.58 -28.38 8.83
N ALA D 385 -31.32 -27.32 8.47
CA ALA D 385 -32.02 -26.53 9.48
C ALA D 385 -33.26 -27.22 10.03
N GLY D 386 -33.63 -28.37 9.48
CA GLY D 386 -34.77 -29.12 9.95
C GLY D 386 -35.95 -29.21 9.00
N ALA D 387 -35.90 -28.59 7.82
CA ALA D 387 -37.04 -28.60 6.92
C ALA D 387 -37.48 -30.03 6.60
N LYS D 388 -38.78 -30.21 6.43
CA LYS D 388 -39.30 -31.49 5.94
C LYS D 388 -39.31 -31.51 4.41
N LYS D 389 -40.34 -30.97 3.78
CA LYS D 389 -40.31 -30.78 2.34
C LYS D 389 -39.63 -29.44 2.02
N VAL D 390 -38.88 -29.40 0.93
CA VAL D 390 -38.33 -28.15 0.42
C VAL D 390 -38.76 -27.95 -1.03
N TYR D 391 -39.54 -26.90 -1.27
CA TYR D 391 -39.93 -26.47 -2.60
C TYR D 391 -39.20 -25.20 -3.00
N LEU D 392 -38.87 -25.11 -4.28
CA LEU D 392 -38.16 -23.97 -4.84
C LEU D 392 -38.94 -23.39 -6.01
N ALA D 393 -39.21 -22.10 -5.95
CA ALA D 393 -39.82 -21.34 -7.02
C ALA D 393 -38.84 -20.26 -7.52
N SER D 394 -38.78 -20.10 -8.84
CA SER D 394 -37.88 -19.15 -9.49
C SER D 394 -38.67 -18.04 -10.18
N ALA D 395 -38.35 -16.79 -9.83
CA ALA D 395 -39.05 -15.64 -10.40
C ALA D 395 -38.83 -15.53 -11.90
N ALA D 396 -37.72 -16.02 -12.38
CA ALA D 396 -37.37 -16.01 -13.78
C ALA D 396 -37.63 -17.36 -14.43
N PRO D 397 -37.96 -17.37 -15.72
CA PRO D 397 -38.05 -18.63 -16.45
C PRO D 397 -36.70 -19.36 -16.48
N GLU D 398 -36.77 -20.60 -16.93
CA GLU D 398 -35.57 -21.41 -17.16
C GLU D 398 -34.55 -20.64 -17.98
N ILE D 399 -33.30 -20.65 -17.51
CA ILE D 399 -32.20 -19.95 -18.16
C ILE D 399 -31.44 -20.99 -18.96
N ARG D 400 -31.66 -20.99 -20.26
CA ARG D 400 -31.18 -22.03 -21.15
C ARG D 400 -30.16 -21.55 -22.18
N PHE D 401 -29.97 -20.24 -22.35
CA PHE D 401 -29.08 -19.74 -23.39
C PHE D 401 -28.20 -18.62 -22.84
N PRO D 402 -26.97 -18.50 -23.35
CA PRO D 402 -26.08 -17.46 -22.84
C PRO D 402 -26.54 -16.06 -23.27
N ASN D 403 -26.24 -15.09 -22.42
CA ASN D 403 -26.50 -13.70 -22.73
C ASN D 403 -25.27 -13.12 -23.43
N VAL D 404 -25.48 -12.54 -24.59
CA VAL D 404 -24.39 -11.94 -25.34
C VAL D 404 -24.56 -10.43 -25.44
N TYR D 405 -25.36 -9.84 -24.55
CA TYR D 405 -25.66 -8.41 -24.64
C TYR D 405 -25.20 -7.63 -23.41
N GLY D 406 -24.25 -8.17 -22.66
CA GLY D 406 -23.64 -7.44 -21.55
C GLY D 406 -23.91 -8.01 -20.19
N ILE D 407 -24.78 -9.01 -20.06
CA ILE D 407 -25.01 -9.69 -18.80
C ILE D 407 -24.17 -10.96 -18.80
N ASP D 408 -23.25 -11.05 -17.85
CA ASP D 408 -22.30 -12.15 -17.81
C ASP D 408 -22.98 -13.44 -17.36
N MET D 409 -22.94 -14.45 -18.21
CA MET D 409 -23.50 -15.76 -17.98
C MET D 409 -22.46 -16.81 -18.31
N PRO D 410 -22.55 -18.00 -17.74
CA PRO D 410 -21.71 -19.11 -18.22
C PRO D 410 -22.18 -19.62 -19.57
N SER D 411 -21.37 -20.48 -20.17
CA SER D 411 -21.72 -21.08 -21.45
C SER D 411 -22.89 -22.03 -21.30
N ALA D 412 -23.55 -22.31 -22.42
CA ALA D 412 -24.80 -23.08 -22.39
C ALA D 412 -24.61 -24.43 -21.71
N THR D 413 -23.40 -24.99 -21.75
CA THR D 413 -23.19 -26.30 -21.14
C THR D 413 -23.09 -26.26 -19.62
N GLU D 414 -22.80 -25.09 -19.04
CA GLU D 414 -22.82 -24.94 -17.59
C GLU D 414 -24.17 -24.47 -17.08
N LEU D 415 -25.16 -24.30 -17.96
CA LEU D 415 -26.51 -23.93 -17.56
C LEU D 415 -27.28 -25.21 -17.28
N ILE D 416 -27.74 -25.37 -16.04
CA ILE D 416 -28.36 -26.63 -15.67
C ILE D 416 -29.65 -26.87 -16.46
N ALA D 417 -30.39 -25.81 -16.77
CA ALA D 417 -31.60 -25.98 -17.58
C ALA D 417 -31.29 -26.36 -19.02
N HIS D 418 -30.06 -26.17 -19.47
CA HIS D 418 -29.73 -26.51 -20.84
C HIS D 418 -29.89 -28.01 -21.06
N GLY D 419 -30.80 -28.38 -21.94
CA GLY D 419 -31.01 -29.78 -22.27
C GLY D 419 -31.77 -30.58 -21.24
N ARG D 420 -32.47 -29.92 -20.33
CA ARG D 420 -33.18 -30.63 -19.27
C ARG D 420 -34.56 -30.02 -19.06
N GLU D 421 -35.47 -30.86 -18.56
CA GLU D 421 -36.83 -30.52 -18.19
C GLU D 421 -36.91 -30.21 -16.70
N VAL D 422 -38.01 -29.57 -16.30
CA VAL D 422 -38.14 -29.13 -14.90
C VAL D 422 -37.87 -30.27 -13.94
N ASP D 423 -38.53 -31.42 -14.14
CA ASP D 423 -38.40 -32.47 -13.13
C ASP D 423 -36.96 -32.96 -13.03
N GLU D 424 -36.24 -32.97 -14.15
CA GLU D 424 -34.85 -33.40 -14.13
C GLU D 424 -33.97 -32.41 -13.37
N ILE D 425 -34.16 -31.11 -13.62
CA ILE D 425 -33.51 -30.10 -12.80
C ILE D 425 -33.85 -30.33 -11.33
N ARG D 426 -35.14 -30.52 -11.05
CA ARG D 426 -35.57 -30.73 -9.67
C ARG D 426 -34.74 -31.80 -8.98
N GLN D 427 -34.53 -32.94 -9.65
CA GLN D 427 -33.83 -34.04 -9.00
C GLN D 427 -32.34 -33.81 -8.91
N ILE D 428 -31.75 -33.01 -9.79
CA ILE D 428 -30.33 -32.70 -9.66
C ILE D 428 -30.11 -31.85 -8.41
N ILE D 429 -30.93 -30.81 -8.22
CA ILE D 429 -30.70 -29.88 -7.12
C ILE D 429 -31.24 -30.38 -5.79
N GLY D 430 -31.95 -31.50 -5.78
CA GLY D 430 -32.32 -32.16 -4.54
C GLY D 430 -33.60 -31.66 -3.91
N ALA D 431 -34.50 -31.08 -4.69
CA ALA D 431 -35.71 -30.45 -4.21
C ALA D 431 -36.91 -31.39 -4.34
N ASP D 432 -37.87 -31.22 -3.44
CA ASP D 432 -39.10 -32.00 -3.52
C ASP D 432 -40.08 -31.42 -4.53
N GLY D 433 -39.91 -30.16 -4.93
CA GLY D 433 -40.70 -29.58 -5.99
C GLY D 433 -40.01 -28.35 -6.54
N LEU D 434 -40.18 -28.13 -7.83
CA LEU D 434 -39.51 -27.03 -8.53
C LEU D 434 -40.46 -26.43 -9.53
N ILE D 435 -40.56 -25.10 -9.53
CA ILE D 435 -41.47 -24.41 -10.43
C ILE D 435 -40.82 -23.12 -10.91
N PHE D 436 -41.00 -22.83 -12.20
CA PHE D 436 -40.42 -21.67 -12.87
C PHE D 436 -41.51 -20.72 -13.31
N GLN D 437 -41.27 -19.42 -13.18
CA GLN D 437 -42.12 -18.44 -13.84
C GLN D 437 -42.25 -18.79 -15.32
N ASP D 438 -43.46 -18.61 -15.85
CA ASP D 438 -43.65 -18.71 -17.29
C ASP D 438 -43.18 -17.44 -17.96
N LEU D 439 -42.53 -17.57 -19.11
CA LEU D 439 -42.00 -16.39 -19.78
C LEU D 439 -43.11 -15.38 -20.06
N ASN D 440 -44.26 -15.84 -20.54
CA ASN D 440 -45.34 -14.92 -20.87
C ASN D 440 -45.86 -14.19 -19.64
N ASP D 441 -45.82 -14.82 -18.47
CA ASP D 441 -46.18 -14.14 -17.24
C ASP D 441 -45.13 -13.10 -16.87
N LEU D 442 -43.84 -13.47 -16.91
CA LEU D 442 -42.79 -12.48 -16.66
C LEU D 442 -42.99 -11.26 -17.56
N ILE D 443 -43.21 -11.50 -18.85
CA ILE D 443 -43.41 -10.39 -19.78
C ILE D 443 -44.59 -9.54 -19.35
N ASP D 444 -45.71 -10.19 -18.99
CA ASP D 444 -46.91 -9.44 -18.62
C ASP D 444 -46.67 -8.63 -17.34
N ALA D 445 -45.90 -9.18 -16.40
CA ALA D 445 -45.65 -8.49 -15.15
C ALA D 445 -44.90 -7.18 -15.38
N VAL D 446 -43.91 -7.19 -16.26
CA VAL D 446 -43.16 -5.97 -16.56
C VAL D 446 -43.97 -5.05 -17.46
N ARG D 447 -44.61 -5.62 -18.49
CA ARG D 447 -45.38 -4.83 -19.44
C ARG D 447 -46.57 -4.12 -18.78
N ALA D 448 -47.05 -4.63 -17.65
CA ALA D 448 -48.15 -3.95 -16.97
C ALA D 448 -47.80 -2.50 -16.68
N GLU D 449 -46.54 -2.24 -16.33
CA GLU D 449 -46.13 -0.91 -15.91
C GLU D 449 -45.81 0.01 -17.08
N ASN D 450 -45.64 -0.53 -18.27
CA ASN D 450 -45.54 0.27 -19.49
C ASN D 450 -46.03 -0.63 -20.61
N PRO D 451 -47.32 -0.54 -20.96
CA PRO D 451 -47.84 -1.35 -22.07
C PRO D 451 -47.29 -0.95 -23.43
N ASP D 452 -46.52 0.13 -23.53
CA ASP D 452 -45.96 0.54 -24.81
C ASP D 452 -44.86 -0.41 -25.29
N ILE D 453 -44.22 -1.15 -24.39
CA ILE D 453 -43.20 -2.11 -24.78
C ILE D 453 -43.89 -3.34 -25.37
N GLN D 454 -43.71 -3.56 -26.67
CA GLN D 454 -44.30 -4.72 -27.33
C GLN D 454 -43.45 -5.97 -27.09
N GLN D 455 -42.12 -5.86 -27.28
CA GLN D 455 -41.23 -7.00 -27.16
C GLN D 455 -40.02 -6.66 -26.28
N PHE D 456 -39.62 -7.63 -25.45
CA PHE D 456 -38.43 -7.49 -24.62
C PHE D 456 -37.28 -8.32 -25.18
N GLU D 457 -36.09 -8.08 -24.62
CA GLU D 457 -34.92 -8.92 -24.87
C GLU D 457 -35.02 -10.13 -23.95
N CYS D 458 -35.30 -11.30 -24.55
CA CYS D 458 -35.60 -12.51 -23.79
C CYS D 458 -34.65 -13.66 -24.09
N SER D 459 -33.49 -13.38 -24.69
CA SER D 459 -32.74 -14.45 -25.32
C SER D 459 -32.27 -15.49 -24.31
N VAL D 460 -31.94 -15.11 -23.07
CA VAL D 460 -31.48 -16.13 -22.13
C VAL D 460 -32.56 -17.18 -21.95
N PHE D 461 -33.83 -16.81 -22.13
CA PHE D 461 -34.96 -17.70 -21.90
C PHE D 461 -35.34 -18.50 -23.13
N ASN D 462 -35.48 -17.84 -24.27
CA ASN D 462 -36.03 -18.51 -25.46
C ASN D 462 -35.09 -18.60 -26.64
N GLY D 463 -33.85 -18.14 -26.52
CA GLY D 463 -32.88 -18.32 -27.59
C GLY D 463 -33.09 -17.44 -28.79
N VAL D 464 -34.00 -16.47 -28.72
CA VAL D 464 -34.28 -15.55 -29.81
C VAL D 464 -33.43 -14.31 -29.56
N TYR D 465 -32.41 -14.11 -30.39
CA TYR D 465 -31.49 -13.00 -30.25
C TYR D 465 -31.87 -11.92 -31.25
N VAL D 466 -32.35 -10.79 -30.75
CA VAL D 466 -32.92 -9.78 -31.62
C VAL D 466 -31.93 -9.22 -32.65
N THR D 467 -30.62 -9.36 -32.43
CA THR D 467 -29.69 -8.81 -33.42
C THR D 467 -29.37 -9.80 -34.55
N LYS D 468 -29.89 -11.02 -34.48
CA LYS D 468 -29.90 -11.93 -35.64
C LYS D 468 -28.50 -12.30 -36.13
N ASP D 469 -27.49 -12.30 -35.24
CA ASP D 469 -26.15 -12.62 -35.68
C ASP D 469 -25.43 -13.54 -34.71
N VAL D 470 -26.18 -14.26 -33.87
CA VAL D 470 -25.62 -15.18 -32.90
C VAL D 470 -25.81 -16.59 -33.44
N ASP D 471 -24.70 -17.25 -33.79
CA ASP D 471 -24.71 -18.65 -34.17
C ASP D 471 -23.65 -19.38 -33.36
N GLN D 472 -23.69 -20.72 -33.42
CA GLN D 472 -22.74 -21.51 -32.65
C GLN D 472 -21.31 -21.12 -32.95
N GLY D 473 -21.03 -20.69 -34.19
CA GLY D 473 -19.71 -20.20 -34.50
C GLY D 473 -19.29 -19.05 -33.60
N TYR D 474 -20.14 -18.04 -33.48
CA TYR D 474 -19.83 -16.91 -32.61
C TYR D 474 -19.76 -17.34 -31.15
N LEU D 475 -20.55 -18.34 -30.74
CA LEU D 475 -20.47 -18.85 -29.38
C LEU D 475 -19.11 -19.46 -29.08
N ASP D 476 -18.39 -19.93 -30.11
CA ASP D 476 -17.07 -20.49 -29.91
C ASP D 476 -16.02 -19.40 -29.74
N PHE D 477 -16.12 -18.31 -30.52
CA PHE D 477 -15.21 -17.19 -30.32
C PHE D 477 -15.31 -16.63 -28.91
N LEU D 478 -16.45 -16.80 -28.25
CA LEU D 478 -16.56 -16.36 -26.87
C LEU D 478 -15.86 -17.31 -25.90
N ASP D 479 -15.91 -18.62 -26.18
CA ASP D 479 -15.18 -19.56 -25.35
C ASP D 479 -13.67 -19.32 -25.44
N THR D 480 -13.18 -18.87 -26.60
CA THR D 480 -11.78 -18.51 -26.73
C THR D 480 -11.42 -17.30 -25.87
N LEU D 481 -12.35 -16.38 -25.64
CA LEU D 481 -12.11 -15.28 -24.73
C LEU D 481 -12.06 -15.77 -23.29
N ARG D 482 -13.08 -16.54 -22.86
CA ARG D 482 -13.09 -17.08 -21.51
C ARG D 482 -11.89 -17.99 -21.27
N ASN D 483 -11.43 -18.70 -22.29
CA ASN D 483 -10.20 -19.48 -22.16
C ASN D 483 -9.04 -18.57 -21.79
N ASP D 484 -8.86 -17.47 -22.53
CA ASP D 484 -7.78 -16.54 -22.24
C ASP D 484 -8.07 -15.68 -21.01
N ASP D 485 -9.34 -15.44 -20.66
CA ASP D 485 -9.65 -14.75 -19.41
C ASP D 485 -9.00 -15.48 -18.23
N ALA D 486 -9.19 -16.81 -18.18
CA ALA D 486 -8.73 -17.60 -17.04
C ALA D 486 -7.22 -17.74 -17.02
N LYS D 487 -6.57 -17.80 -18.18
CA LYS D 487 -5.11 -17.85 -18.22
C LYS D 487 -4.52 -16.59 -17.61
N ALA D 488 -5.17 -15.44 -17.80
CA ALA D 488 -4.71 -14.20 -17.18
C ALA D 488 -4.89 -14.23 -15.67
N VAL D 489 -5.97 -14.85 -15.19
CA VAL D 489 -6.22 -14.88 -13.75
C VAL D 489 -5.28 -15.89 -13.08
N GLN D 490 -5.07 -17.05 -13.70
CA GLN D 490 -4.13 -18.02 -13.14
C GLN D 490 -2.73 -17.43 -13.00
N ARG D 491 -2.34 -16.56 -13.93
CA ARG D 491 -1.03 -15.93 -13.88
C ARG D 491 -0.93 -14.91 -12.75
N GLN D 492 -2.06 -14.32 -12.33
CA GLN D 492 -2.03 -13.34 -11.26
C GLN D 492 -1.87 -14.02 -9.90
N ASN D 493 -2.79 -14.92 -9.56
CA ASN D 493 -2.70 -15.63 -8.28
C ASN D 493 -1.34 -16.32 -8.15
N GLU D 494 -0.87 -16.97 -9.20
CA GLU D 494 0.41 -17.68 -9.19
C GLU D 494 1.56 -16.69 -9.04
MG MG E . 0.49 -1.01 9.29
MG MG E . 2.36 -2.74 8.83
PB G4P F . 1.02 0.71 12.13
PB G4P F . 2.04 -5.58 10.62
O1B G4P F . 0.83 0.28 10.69
O1B G4P F . 1.95 -4.62 9.46
O2B G4P F . -0.14 1.54 12.64
O2B G4P F . 3.18 -6.57 10.48
O3B G4P F . 2.41 1.28 12.43
O3B G4P F . 0.68 -6.18 10.95
O3A G4P F . 0.96 -0.65 13.04
O3A G4P F . 2.43 -4.76 11.95
PA G4P F . 1.25 -2.14 12.51
PA G4P F . 2.12 -3.23 12.22
O1A G4P F . 0.55 -3.09 13.48
O1A G4P F . 2.95 -2.74 13.35
O2A G4P F . 0.84 -2.32 11.07
O2A G4P F . 2.20 -2.49 10.95
O5' G4P F . 2.82 -2.28 12.63
O5' G4P F . 0.60 -3.26 12.65
C5' G4P F . 3.39 -3.50 12.31
C5' G4P F . 0.01 -2.07 13.09
C4' G4P F . 4.13 -3.42 10.99
C4' G4P F . -1.03 -1.65 12.07
O4' G4P F . 5.20 -4.37 11.21
O4' G4P F . -1.96 -0.93 12.90
C3' G4P F . 3.39 -3.89 9.73
C3' G4P F . -0.59 -0.69 10.98
O3' G4P F . 4.02 -3.32 8.60
O3' G4P F . -1.51 -0.79 9.94
C2' G4P F . 3.53 -5.40 9.78
C2' G4P F . -0.65 0.66 11.66
O2' G4P F . 3.57 -5.95 8.47
O2' G4P F . -1.03 1.68 10.75
C1' G4P F . 4.84 -5.60 10.56
C1' G4P F . -1.68 0.46 12.76
N9 G4P F . 4.78 -6.80 11.47
N9 G4P F . -1.27 1.13 14.02
C8 G4P F . 3.86 -7.09 12.44
C8 G4P F . -0.11 1.03 14.71
N7 G4P F . 4.19 -8.27 13.00
N7 G4P F . -0.19 1.83 15.81
C5 G4P F . 5.29 -8.76 12.38
C5 G4P F . -1.40 2.45 15.81
C6 G4P F . 6.16 -9.96 12.48
C6 G4P F . -2.13 3.44 16.64
O6 G4P F . 5.90 -10.84 13.32
O6 G4P F . -1.63 3.91 17.68
N1 G4P F . 7.22 -10.06 11.67
N1 G4P F . -3.35 3.79 16.25
C2 G4P F . 7.49 -9.09 10.76
C2 G4P F . -3.93 3.30 15.14
N2 G4P F . 8.57 -9.25 9.96
N2 G4P F . -5.17 3.72 14.82
N3 G4P F . 6.74 -7.97 10.62
N3 G4P F . -3.33 2.41 14.32
C4 G4P F . 5.67 -7.77 11.37
C4 G4P F . -2.09 1.98 14.61
PC G4P F . 3.41 -2.07 7.79
PC G4P F . -1.14 -1.46 8.56
O1C G4P F . 4.54 -1.41 7.05
O1C G4P F . -2.45 -1.77 7.85
O2C G4P F . 2.57 -1.21 8.68
O2C G4P F . -0.16 -2.54 8.77
O3C G4P F . 2.46 -2.84 6.67
O3C G4P F . -0.49 -0.20 7.76
PD G4P F . 1.01 -3.50 6.96
PD G4P F . 0.98 0.38 7.89
O1D G4P F . 0.49 -2.93 8.22
O1D G4P F . 1.83 -0.66 8.50
O2D G4P F . 0.20 -3.11 5.77
O2D G4P F . 1.42 0.70 6.49
O3D G4P F . 1.33 -4.95 7.02
O3D G4P F . 0.79 1.59 8.77
H5' G4P F . 4.07 -3.80 13.10
H5' G4P F . -0.45 -2.23 14.07
H5'' G4P F . 2.60 -4.26 12.23
H5'' G4P F . 0.77 -1.30 13.20
H4' G4P F . 4.40 -2.38 10.77
H4' G4P F . -1.39 -2.54 11.53
H3' G4P F . 2.33 -3.59 9.68
H3' G4P F . 0.40 -0.88 10.55
H2' G4P F . 2.69 -5.92 10.26
H2' G4P F . 0.32 0.98 12.04
HO2' G4P F . 3.76 -6.89 8.53
HO2' G4P F . -1.11 2.51 11.23
H1' G4P F . 5.65 -5.86 9.84
H1' G4P F . -2.63 0.95 12.47
H8 G4P F . 3.01 -6.47 12.70
H8 G4P F . 0.74 0.43 14.43
HN1 G4P F . 7.84 -10.88 11.74
HN1 G4P F . -3.88 4.47 16.83
HN21 G4P F . 8.78 -8.56 9.25
HN21 G4P F . -5.61 3.39 13.97
HN22 G4P F . 9.16 -10.06 10.06
HN22 G4P F . -5.65 4.37 15.42
MG MG G . -1.73 1.25 -9.25
MG MG G . -0.51 3.04 -8.98
PB G4P H . -0.98 -0.45 -12.17
PB G4P H . -2.14 5.63 -10.68
O1B G4P H . -1.08 -0.08 -10.73
O1B G4P H . -1.70 4.70 -9.61
O2B G4P H . -1.82 -1.66 -12.53
O2B G4P H . -1.36 6.92 -10.72
O3B G4P H . 0.46 -0.51 -12.65
O3B G4P H . -3.64 5.76 -10.77
O3A G4P H . -1.67 0.73 -13.03
O3A G4P H . -1.74 4.97 -12.07
PA G4P H . -1.94 2.21 -12.46
PA G4P H . -1.46 3.41 -12.29
O1A G4P H . -3.05 2.87 -13.23
O1A G4P H . -0.61 3.26 -13.52
O2A G4P H . -2.03 2.26 -10.98
O2A G4P H . -1.01 2.71 -11.06
O5' G4P H . -0.53 2.85 -12.83
O5' G4P H . -2.96 2.92 -12.53
C5' G4P H . -0.40 4.22 -12.55
C5' G4P H . -3.13 1.55 -12.76
C4' G4P H . 0.55 4.46 -11.39
C4' G4P H . -3.81 0.84 -11.61
O4' G4P H . 1.09 5.71 -11.81
O4' G4P H . -4.49 -0.19 -12.31
C3' G4P H . -0.11 4.67 -10.05
C3' G4P H . -2.84 0.15 -10.67
O3' G4P H . 0.84 4.50 -9.00
O3' G4P H . -3.48 -0.18 -9.44
C2' G4P H . -0.56 6.12 -10.08
C2' G4P H . -2.48 -1.15 -11.33
O2' G4P H . -0.44 6.69 -8.78
O2' G4P H . -2.37 -2.18 -10.35
C1' G4P H . 0.42 6.76 -11.07
C1' G4P H . -3.70 -1.39 -12.23
N9 G4P H . -0.23 7.78 -11.93
N9 G4P H . -3.29 -1.90 -13.56
C8 G4P H . -1.32 7.70 -12.73
C8 G4P H . -2.39 -1.43 -14.44
N7 G4P H . -1.56 8.90 -13.33
N7 G4P H . -2.34 -2.25 -15.52
C5 G4P H . -0.62 9.78 -12.90
C5 G4P H . -3.22 -3.26 -15.33
C6 G4P H . -0.25 11.21 -13.11
C6 G4P H . -3.69 -4.47 -16.05
O6 G4P H . -0.89 11.97 -13.85
O6 G4P H . -3.26 -4.80 -17.18
N1 G4P H . 0.81 11.71 -12.46
N1 G4P H . -4.63 -5.24 -15.47
C2 G4P H . 1.55 10.95 -11.65
C2 G4P H . -5.14 -4.95 -14.26
N2 G4P H . 2.62 11.55 -11.04
N2 G4P H . -6.09 -5.79 -13.76
N3 G4P H . 1.29 9.65 -11.40
N3 G4P H . -4.77 -3.87 -13.56
C4 G4P H . 0.24 9.02 -11.99
C4 G4P H . -3.83 -3.02 -14.02
PC G4P H . 0.92 3.11 -8.19
PC G4P H . -3.19 0.71 -8.15
O1C G4P H . 2.33 2.95 -7.69
O1C G4P H . -4.39 0.56 -7.24
O2C G4P H . 0.37 2.04 -9.07
O2C G4P H . -2.79 2.08 -8.63
O3C G4P H . -0.01 3.43 -6.89
O3C G4P H . -2.00 -0.11 -7.44
PD G4P H . -1.60 3.59 -6.89
PD G4P H . -0.47 -0.20 -7.92
O1D G4P H . -2.09 2.86 -8.10
O1D G4P H . -0.14 1.04 -8.67
O2D G4P H . -2.02 2.99 -5.58
O2D G4P H . 0.29 -0.30 -6.62
O3D G4P H . -1.88 5.08 -7.02
O3D G4P H . -0.39 -1.45 -8.76
H5' G4P H . -0.04 4.74 -13.44
H5' G4P H . -3.73 1.40 -13.67
H5'' G4P H . -1.39 4.63 -12.30
H5'' G4P H . -2.16 1.09 -12.94
H4' G4P H . 1.23 3.61 -11.23
H4' G4P H . -4.39 1.54 -11.00
H3' G4P H . -0.93 3.96 -9.87
H3' G4P H . -1.99 0.81 -10.45
H2' G4P H . -1.61 6.25 -10.36
H2' G4P H . -1.52 -1.14 -11.86
HO2' G4P H . -0.50 7.66 -8.85
HO2' G4P H . -2.15 -3.01 -10.78
H1' G4P H . 1.18 7.32 -10.52
H1' G4P H . -4.31 -2.17 -11.77
H8 G4P H . -1.92 6.81 -12.87
H8 G4P H . -1.79 -0.54 -14.31
HN1 G4P H . 1.06 12.70 -12.60
HN1 G4P H . -4.96 -6.09 -15.97
HN21 G4P H . 3.20 11.02 -10.39
HN21 G4P H . -6.49 -5.61 -12.85
HN22 G4P H . 2.82 12.52 -11.22
HN22 G4P H . -6.39 -6.60 -14.29
#